data_5C2C
#
_entry.id   5C2C
#
_cell.length_a   132.220
_cell.length_b   169.310
_cell.length_c   76.690
_cell.angle_alpha   90.00
_cell.angle_beta   119.20
_cell.angle_gamma   90.00
#
_symmetry.space_group_name_H-M   'C 1 2 1'
#
loop_
_entity.id
_entity.type
_entity.pdbx_description
1 polymer 'Form II RubisCO'
2 non-polymer 'MAGNESIUM ION'
3 non-polymer 'CHLORIDE ION'
4 water water
#
_entity_poly.entity_id   1
_entity_poly.type   'polypeptide(L)'
_entity_poly.pdbx_seq_one_letter_code
;MGSSHHHHHHSSGLVPRGSHMDQSNRYADLSLKEEDLIKGGNHILVAYTMEPAAGVGYLEAAAHIAAESSTGTNVEVSTT
DEFTKGVDALVYFIDEAKGIMKVAYPNDLFDRNVTDGRVMIVSFLTLCIGNNQGMGDIANLQMQDFYVPPRMLQLFDGPA
KDISDLWRILGRPVKDGGYISGTIIKPKLGLRPEPFAKAAYQFWLGGDFI(KCX)NDEPQGNQVFCPIKKVLPLVYDSLK
RAQDETGQAKLFSMNITADDHYEMCARADFALETFGPDADKVAFLVDGFVGGPGMVTTARRQYPSQYLHYHRAGHGMVTS
PSSKRGYTAFVLAKMSRLQGASGIHVGTMGYGKMEGGKDDRIIAYMIERDSCTGPFYHQEWYGMKPTTPIISGGMNALRL
PGFFENLGHGNVINTAGGGSYGHIDSPAAGAVSLRQAYECWKAGADPIEWAKEHKEFARAFESFPKDADKLFPGWREKLG
VHK
;
_entity_poly.pdbx_strand_id   A,B,C
#
loop_
_chem_comp.id
_chem_comp.type
_chem_comp.name
_chem_comp.formula
CL non-polymer 'CHLORIDE ION' 'Cl -1'
MG non-polymer 'MAGNESIUM ION' 'Mg 2'
#
# COMPACT_ATOMS: atom_id res chain seq x y z
N GLN A 23 35.55 -14.26 40.77
CA GLN A 23 34.71 -13.85 39.65
C GLN A 23 35.50 -13.76 38.36
N SER A 24 36.78 -13.45 38.47
CA SER A 24 37.67 -13.35 37.32
C SER A 24 37.68 -14.67 36.56
N ASN A 25 37.74 -15.77 37.30
CA ASN A 25 37.82 -17.09 36.70
C ASN A 25 36.61 -17.42 35.83
N ARG A 26 35.44 -16.93 36.24
CA ARG A 26 34.20 -17.24 35.54
C ARG A 26 33.84 -16.18 34.49
N TYR A 27 34.01 -14.90 34.83
CA TYR A 27 33.51 -13.81 34.00
C TYR A 27 34.59 -13.10 33.20
N ALA A 28 35.76 -13.72 33.09
CA ALA A 28 36.82 -13.18 32.24
C ALA A 28 37.58 -14.30 31.53
N ASP A 29 37.85 -14.07 30.25
CA ASP A 29 38.72 -14.94 29.46
C ASP A 29 39.53 -14.06 28.53
N LEU A 30 40.66 -13.58 29.02
CA LEU A 30 41.48 -12.61 28.30
C LEU A 30 42.26 -13.24 27.15
N SER A 31 42.12 -14.56 26.99
CA SER A 31 42.78 -15.27 25.89
C SER A 31 41.88 -15.44 24.67
N LEU A 32 40.61 -15.03 24.78
CA LEU A 32 39.71 -15.06 23.64
C LEU A 32 40.19 -14.09 22.57
N LYS A 33 40.09 -14.52 21.31
CA LYS A 33 40.43 -13.66 20.19
C LYS A 33 39.21 -12.88 19.73
N GLU A 34 39.34 -11.56 19.66
CA GLU A 34 38.25 -10.71 19.24
C GLU A 34 37.79 -11.07 17.83
N GLU A 35 38.75 -11.44 16.98
CA GLU A 35 38.44 -11.83 15.61
C GLU A 35 37.45 -12.99 15.58
N ASP A 36 37.62 -13.94 16.48
CA ASP A 36 36.73 -15.09 16.57
C ASP A 36 35.36 -14.69 17.11
N LEU A 37 35.36 -13.83 18.14
CA LEU A 37 34.11 -13.35 18.72
C LEU A 37 33.26 -12.63 17.68
N ILE A 38 33.91 -11.87 16.81
CA ILE A 38 33.22 -11.16 15.74
C ILE A 38 32.74 -12.13 14.67
N LYS A 39 33.64 -13.01 14.22
CA LYS A 39 33.31 -13.98 13.18
C LYS A 39 32.19 -14.91 13.62
N GLY A 40 32.17 -15.24 14.91
CA GLY A 40 31.14 -16.10 15.46
C GLY A 40 29.74 -15.51 15.33
N GLY A 41 29.63 -14.21 15.55
CA GLY A 41 28.34 -13.53 15.41
C GLY A 41 27.36 -13.85 16.52
N ASN A 42 27.87 -14.38 17.64
CA ASN A 42 27.03 -14.79 18.76
C ASN A 42 27.10 -13.81 19.94
N HIS A 43 27.83 -12.72 19.78
CA HIS A 43 27.99 -11.75 20.86
C HIS A 43 27.86 -10.31 20.40
N ILE A 44 27.26 -9.49 21.23
CA ILE A 44 27.43 -8.06 21.14
C ILE A 44 28.66 -7.71 21.94
N LEU A 45 29.62 -7.04 21.31
CA LEU A 45 30.86 -6.64 21.97
C LEU A 45 30.78 -5.18 22.39
N VAL A 46 31.31 -4.87 23.56
CA VAL A 46 31.28 -3.51 24.08
C VAL A 46 32.63 -3.10 24.64
N ALA A 47 33.11 -1.94 24.22
CA ALA A 47 34.38 -1.40 24.71
C ALA A 47 34.14 -0.21 25.62
N TYR A 48 34.75 -0.25 26.81
CA TYR A 48 34.60 0.80 27.82
C TYR A 48 35.92 1.45 28.18
N THR A 49 35.85 2.69 28.65
CA THR A 49 36.88 3.23 29.53
C THR A 49 36.44 2.84 30.95
N MET A 50 37.40 2.45 31.79
CA MET A 50 37.07 2.07 33.16
C MET A 50 38.21 2.38 34.11
N GLU A 51 37.85 2.89 35.27
CA GLU A 51 38.79 3.13 36.37
C GLU A 51 38.19 2.50 37.63
N PRO A 52 38.92 1.57 38.26
CA PRO A 52 38.38 0.98 39.49
C PRO A 52 38.51 1.90 40.69
N ALA A 53 37.70 1.67 41.72
CA ALA A 53 37.81 2.43 42.96
C ALA A 53 39.14 2.15 43.63
N ALA A 54 39.50 2.98 44.61
CA ALA A 54 40.76 2.83 45.31
C ALA A 54 40.88 1.44 45.96
N GLY A 55 42.03 0.80 45.77
CA GLY A 55 42.30 -0.48 46.38
C GLY A 55 41.70 -1.67 45.63
N VAL A 56 41.02 -1.39 44.51
CA VAL A 56 40.40 -2.44 43.71
C VAL A 56 41.25 -2.77 42.48
N GLY A 57 41.53 -4.06 42.29
CA GLY A 57 42.30 -4.51 41.15
C GLY A 57 41.53 -4.29 39.85
N TYR A 58 42.25 -4.11 38.74
CA TYR A 58 41.59 -3.75 37.49
C TYR A 58 40.79 -4.93 36.94
N LEU A 59 41.37 -6.12 36.96
CA LEU A 59 40.68 -7.30 36.44
C LEU A 59 39.47 -7.67 37.29
N GLU A 60 39.61 -7.60 38.61
CA GLU A 60 38.50 -7.95 39.48
C GLU A 60 37.35 -6.95 39.31
N ALA A 61 37.69 -5.70 39.02
CA ALA A 61 36.68 -4.69 38.74
C ALA A 61 35.96 -5.01 37.43
N ALA A 62 36.74 -5.30 36.38
CA ALA A 62 36.19 -5.62 35.08
C ALA A 62 35.30 -6.85 35.15
N ALA A 63 35.78 -7.89 35.83
CA ALA A 63 35.03 -9.13 35.98
C ALA A 63 33.74 -8.90 36.76
N HIS A 64 33.80 -8.05 37.78
CA HIS A 64 32.63 -7.74 38.58
C HIS A 64 31.61 -7.00 37.73
N ILE A 65 32.07 -6.07 36.89
CA ILE A 65 31.19 -5.36 35.97
C ILE A 65 30.49 -6.34 35.03
N ALA A 66 31.25 -7.31 34.52
CA ALA A 66 30.70 -8.30 33.60
C ALA A 66 29.60 -9.12 34.28
N ALA A 67 29.84 -9.51 35.53
CA ALA A 67 28.87 -10.27 36.30
C ALA A 67 27.59 -9.46 36.56
N GLU A 68 27.75 -8.24 37.06
CA GLU A 68 26.62 -7.37 37.37
C GLU A 68 25.85 -6.97 36.11
N SER A 69 26.51 -7.11 34.96
CA SER A 69 25.92 -6.73 33.68
C SER A 69 25.33 -7.93 32.93
N SER A 70 25.28 -9.08 33.61
CA SER A 70 24.72 -10.28 33.00
C SER A 70 24.04 -11.20 34.02
N THR A 71 24.74 -12.24 34.46
CA THR A 71 24.11 -13.31 35.23
C THR A 71 24.29 -13.20 36.74
N GLY A 72 25.06 -12.22 37.21
CA GLY A 72 25.25 -12.01 38.63
C GLY A 72 25.90 -13.18 39.32
N GLU A 82 23.88 -25.07 35.59
CA GLU A 82 24.98 -25.15 34.63
C GLU A 82 24.68 -24.36 33.37
N PHE A 83 23.40 -24.15 33.09
CA PHE A 83 22.97 -23.42 31.90
C PHE A 83 23.37 -21.94 31.93
N THR A 84 23.35 -21.35 33.12
CA THR A 84 23.61 -19.93 33.31
C THR A 84 24.98 -19.52 32.76
N LYS A 85 25.93 -20.44 32.80
CA LYS A 85 27.29 -20.14 32.36
C LYS A 85 27.36 -19.81 30.87
N GLY A 86 26.41 -20.33 30.10
CA GLY A 86 26.39 -20.13 28.66
C GLY A 86 26.01 -18.73 28.23
N VAL A 87 25.42 -17.96 29.14
CA VAL A 87 24.99 -16.61 28.85
C VAL A 87 25.73 -15.57 29.70
N ASP A 88 26.78 -16.01 30.37
CA ASP A 88 27.64 -15.10 31.11
C ASP A 88 28.29 -14.08 30.17
N ALA A 89 28.29 -12.81 30.56
CA ALA A 89 29.10 -11.82 29.88
C ALA A 89 30.57 -12.06 30.24
N LEU A 90 31.47 -11.89 29.27
CA LEU A 90 32.89 -12.17 29.50
C LEU A 90 33.79 -10.99 29.14
N VAL A 91 34.64 -10.62 30.09
CA VAL A 91 35.73 -9.69 29.80
C VAL A 91 36.75 -10.46 28.98
N TYR A 92 37.00 -10.00 27.75
CA TYR A 92 37.95 -10.67 26.88
C TYR A 92 39.22 -9.84 26.66
N PHE A 93 39.21 -8.60 27.16
CA PHE A 93 40.38 -7.75 27.04
C PHE A 93 40.40 -6.63 28.07
N ILE A 94 41.57 -6.40 28.66
CA ILE A 94 41.79 -5.22 29.49
C ILE A 94 43.16 -4.62 29.21
N ASP A 95 43.24 -3.30 29.32
CA ASP A 95 44.50 -2.59 29.28
C ASP A 95 44.52 -1.64 30.46
N GLU A 96 45.12 -2.10 31.55
CA GLU A 96 45.12 -1.37 32.80
C GLU A 96 45.81 -0.01 32.66
N ALA A 97 46.85 0.03 31.83
CA ALA A 97 47.60 1.27 31.62
C ALA A 97 46.74 2.32 30.92
N LYS A 98 46.01 1.91 29.89
CA LYS A 98 45.16 2.84 29.14
C LYS A 98 43.74 2.94 29.72
N GLY A 99 43.42 2.08 30.67
CA GLY A 99 42.10 2.10 31.29
C GLY A 99 40.98 1.68 30.35
N ILE A 100 41.25 0.63 29.57
CA ILE A 100 40.27 0.09 28.63
C ILE A 100 39.87 -1.33 29.03
N MET A 101 38.59 -1.64 28.84
CA MET A 101 38.10 -3.01 29.00
C MET A 101 37.05 -3.32 27.93
N LYS A 102 37.05 -4.55 27.45
CA LYS A 102 36.10 -4.98 26.43
C LYS A 102 35.36 -6.24 26.89
N VAL A 103 34.05 -6.24 26.69
CA VAL A 103 33.19 -7.31 27.18
C VAL A 103 32.36 -7.93 26.06
N ALA A 104 32.24 -9.25 26.08
CA ALA A 104 31.42 -9.98 25.13
C ALA A 104 30.09 -10.39 25.78
N TYR A 105 28.99 -9.90 25.21
CA TYR A 105 27.65 -10.21 25.72
C TYR A 105 26.95 -11.21 24.80
N PRO A 106 26.71 -12.44 25.28
CA PRO A 106 25.98 -13.39 24.44
C PRO A 106 24.63 -12.83 24.00
N ASN A 107 24.29 -13.04 22.72
CA ASN A 107 23.08 -12.47 22.15
C ASN A 107 21.82 -12.81 22.93
N ASP A 108 21.79 -14.01 23.50
CA ASP A 108 20.59 -14.50 24.19
C ASP A 108 20.26 -13.74 25.48
N LEU A 109 21.20 -12.94 25.96
CA LEU A 109 20.96 -12.12 27.15
C LEU A 109 19.88 -11.07 26.93
N PHE A 110 19.78 -10.58 25.69
CA PHE A 110 18.99 -9.40 25.41
C PHE A 110 17.50 -9.69 25.20
N ASP A 111 16.67 -8.82 25.76
CA ASP A 111 15.23 -9.01 25.77
C ASP A 111 14.63 -8.98 24.36
N ARG A 112 13.55 -9.72 24.18
CA ARG A 112 12.88 -9.84 22.89
C ARG A 112 11.39 -9.55 23.03
N ASN A 113 10.80 -8.85 22.07
CA ASN A 113 9.36 -8.62 22.09
C ASN A 113 8.59 -9.92 21.98
N VAL A 114 7.57 -10.10 22.82
CA VAL A 114 6.66 -11.22 22.66
C VAL A 114 5.80 -11.01 21.41
N THR A 115 5.60 -9.76 21.03
CA THR A 115 4.72 -9.44 19.91
C THR A 115 5.35 -9.80 18.55
N ASP A 116 6.64 -9.50 18.37
CA ASP A 116 7.26 -9.68 17.06
C ASP A 116 8.74 -10.12 17.10
N GLY A 117 9.22 -10.49 18.27
CA GLY A 117 10.55 -11.07 18.39
C GLY A 117 11.74 -10.13 18.21
N ARG A 118 11.47 -8.85 17.93
CA ARG A 118 12.56 -7.91 17.71
C ARG A 118 13.27 -7.60 19.03
N VAL A 119 14.55 -7.25 18.95
CA VAL A 119 15.29 -6.83 20.13
C VAL A 119 14.95 -5.38 20.46
N MET A 120 15.36 -4.93 21.65
CA MET A 120 15.03 -3.59 22.12
C MET A 120 16.26 -2.91 22.70
N ILE A 121 16.42 -1.63 22.37
CA ILE A 121 17.61 -0.88 22.76
C ILE A 121 17.64 -0.70 24.28
N VAL A 122 16.47 -0.68 24.91
CA VAL A 122 16.40 -0.47 26.35
C VAL A 122 17.04 -1.64 27.09
N SER A 123 16.98 -2.82 26.47
CA SER A 123 17.63 -4.01 27.03
C SER A 123 19.14 -3.88 26.94
N PHE A 124 19.61 -3.37 25.80
CA PHE A 124 21.02 -3.10 25.60
C PHE A 124 21.53 -2.11 26.64
N LEU A 125 20.74 -1.09 26.92
CA LEU A 125 21.12 -0.08 27.91
C LEU A 125 21.12 -0.66 29.32
N THR A 126 20.07 -1.40 29.65
CA THR A 126 19.90 -1.99 30.97
C THR A 126 21.08 -2.88 31.34
N LEU A 127 21.46 -3.76 30.42
CA LEU A 127 22.52 -4.71 30.69
C LEU A 127 23.90 -4.06 30.62
N CYS A 128 24.17 -3.36 29.53
CA CYS A 128 25.52 -2.91 29.21
C CYS A 128 25.92 -1.60 29.87
N ILE A 129 24.95 -0.82 30.34
CA ILE A 129 25.26 0.47 30.96
C ILE A 129 24.22 0.84 32.04
N GLY A 130 23.67 -0.19 32.69
CA GLY A 130 22.69 0.02 33.74
C GLY A 130 23.30 0.05 35.13
N ASN A 131 23.10 -1.02 35.87
CA ASN A 131 23.59 -1.12 37.25
C ASN A 131 25.09 -0.91 37.40
N ASN A 132 25.85 -1.15 36.33
CA ASN A 132 27.31 -1.02 36.44
C ASN A 132 27.75 0.44 36.57
N GLN A 133 26.80 1.36 36.46
CA GLN A 133 27.09 2.79 36.62
C GLN A 133 27.02 3.24 38.08
N GLY A 134 26.59 2.35 38.97
CA GLY A 134 26.41 2.68 40.38
C GLY A 134 27.18 1.76 41.31
N MET A 135 28.16 1.05 40.79
CA MET A 135 28.94 0.10 41.58
C MET A 135 29.96 0.82 42.44
N GLY A 136 30.05 0.42 43.71
CA GLY A 136 30.91 1.08 44.66
C GLY A 136 32.39 0.85 44.43
N ASP A 137 32.73 -0.27 43.78
CA ASP A 137 34.13 -0.62 43.55
C ASP A 137 34.61 -0.11 42.19
N ILE A 138 33.76 0.66 41.51
CA ILE A 138 34.10 1.25 40.22
C ILE A 138 34.10 2.77 40.32
N ALA A 139 35.23 3.39 39.99
CA ALA A 139 35.33 4.84 40.04
C ALA A 139 34.52 5.46 38.89
N ASN A 140 34.71 4.94 37.69
CA ASN A 140 33.94 5.37 36.53
C ASN A 140 33.95 4.33 35.40
N LEU A 141 32.94 4.40 34.55
CA LEU A 141 32.76 3.45 33.47
C LEU A 141 31.93 4.08 32.36
N GLN A 142 32.52 4.20 31.17
CA GLN A 142 31.82 4.80 30.03
C GLN A 142 32.00 3.98 28.75
N MET A 143 30.90 3.74 28.05
CA MET A 143 30.92 3.02 26.78
C MET A 143 31.46 3.92 25.67
N GLN A 144 32.41 3.38 24.91
CA GLN A 144 33.07 4.11 23.83
C GLN A 144 32.63 3.61 22.45
N ASP A 145 32.23 2.35 22.39
CA ASP A 145 31.91 1.71 21.12
C ASP A 145 31.26 0.36 21.40
N PHE A 146 30.53 -0.17 20.42
CA PHE A 146 29.99 -1.51 20.51
C PHE A 146 29.87 -2.13 19.13
N TYR A 147 29.90 -3.46 19.08
CA TYR A 147 29.73 -4.19 17.82
C TYR A 147 28.44 -4.98 17.84
N VAL A 148 27.65 -4.83 16.78
CA VAL A 148 26.39 -5.54 16.64
C VAL A 148 26.54 -6.61 15.56
N PRO A 149 26.36 -7.90 15.93
CA PRO A 149 26.51 -8.95 14.92
C PRO A 149 25.30 -9.03 13.98
N PRO A 150 25.45 -9.73 12.84
CA PRO A 150 24.41 -9.82 11.81
C PRO A 150 23.00 -10.13 12.34
N ARG A 151 22.86 -11.14 13.18
CA ARG A 151 21.54 -11.57 13.62
C ARG A 151 20.87 -10.50 14.49
N MET A 152 21.63 -9.87 15.36
CA MET A 152 21.09 -8.81 16.22
C MET A 152 20.68 -7.62 15.36
N LEU A 153 21.48 -7.31 14.35
CA LEU A 153 21.19 -6.21 13.43
C LEU A 153 19.89 -6.45 12.68
N GLN A 154 19.64 -7.71 12.31
CA GLN A 154 18.43 -8.10 11.62
C GLN A 154 17.17 -7.90 12.46
N LEU A 155 17.36 -7.81 13.78
CA LEU A 155 16.24 -7.76 14.72
C LEU A 155 16.01 -6.38 15.30
N PHE A 156 16.79 -5.41 14.86
CA PHE A 156 16.54 -4.01 15.19
C PHE A 156 15.66 -3.40 14.11
N ASP A 157 14.86 -2.40 14.49
CA ASP A 157 13.96 -1.75 13.55
C ASP A 157 14.72 -1.09 12.41
N GLY A 158 15.72 -0.29 12.75
CA GLY A 158 16.43 0.49 11.75
C GLY A 158 15.53 1.59 11.21
N PRO A 159 16.12 2.54 10.46
CA PRO A 159 15.30 3.64 9.95
C PRO A 159 14.35 3.21 8.83
N ALA A 160 13.20 3.88 8.73
CA ALA A 160 12.23 3.64 7.67
C ALA A 160 12.27 4.76 6.65
N LYS A 161 12.83 5.90 7.05
CA LYS A 161 13.00 7.05 6.17
C LYS A 161 14.42 7.60 6.35
N ASP A 162 14.92 8.29 5.33
CA ASP A 162 16.23 8.92 5.41
C ASP A 162 16.29 10.16 4.52
N ILE A 163 17.47 10.77 4.42
CA ILE A 163 17.60 12.05 3.74
C ILE A 163 17.22 11.96 2.27
N SER A 164 17.35 10.79 1.66
CA SER A 164 17.02 10.61 0.26
C SER A 164 15.52 10.89 0.03
N ASP A 165 14.71 10.62 1.05
CA ASP A 165 13.27 10.89 0.95
C ASP A 165 13.01 12.39 0.91
N LEU A 166 13.85 13.15 1.61
CA LEU A 166 13.74 14.61 1.61
C LEU A 166 14.24 15.19 0.30
N TRP A 167 15.37 14.67 -0.18
CA TRP A 167 15.91 15.05 -1.48
C TRP A 167 14.87 14.85 -2.57
N ARG A 168 14.17 13.72 -2.52
CA ARG A 168 13.15 13.39 -3.51
C ARG A 168 12.07 14.46 -3.52
N ILE A 169 11.59 14.82 -2.35
CA ILE A 169 10.58 15.87 -2.20
C ILE A 169 11.08 17.20 -2.75
N LEU A 170 12.34 17.51 -2.48
CA LEU A 170 12.93 18.80 -2.87
C LEU A 170 13.30 18.82 -4.35
N GLY A 171 13.13 17.70 -5.04
CA GLY A 171 13.44 17.62 -6.45
C GLY A 171 14.92 17.53 -6.73
N ARG A 172 15.68 17.04 -5.74
CA ARG A 172 17.12 16.91 -5.87
C ARG A 172 17.51 15.44 -5.96
N PRO A 173 18.72 15.16 -6.49
CA PRO A 173 19.17 13.76 -6.66
C PRO A 173 19.07 12.94 -5.39
N VAL A 174 18.45 11.76 -5.49
CA VAL A 174 18.26 10.89 -4.33
C VAL A 174 19.59 10.27 -3.89
N LYS A 175 20.60 10.40 -4.74
CA LYS A 175 21.98 10.07 -4.38
C LYS A 175 22.81 11.36 -4.37
N ASP A 176 23.44 11.64 -3.23
CA ASP A 176 24.24 12.85 -3.07
C ASP A 176 23.46 14.11 -3.44
N GLY A 177 22.24 14.22 -2.91
CA GLY A 177 21.40 15.38 -3.17
C GLY A 177 21.93 16.62 -2.49
N GLY A 178 22.82 16.43 -1.53
CA GLY A 178 23.55 17.53 -0.93
C GLY A 178 22.87 18.26 0.21
N TYR A 179 23.25 19.52 0.36
CA TYR A 179 22.91 20.34 1.51
C TYR A 179 21.43 20.74 1.57
N ILE A 180 20.82 20.51 2.72
CA ILE A 180 19.47 20.96 3.00
C ILE A 180 19.51 22.09 4.03
N SER A 181 19.15 23.29 3.59
CA SER A 181 19.22 24.46 4.47
C SER A 181 18.05 24.48 5.43
N GLY A 182 18.31 24.82 6.68
CA GLY A 182 17.24 24.91 7.65
C GLY A 182 17.52 25.88 8.78
N THR A 183 16.60 25.94 9.73
CA THR A 183 16.72 26.85 10.85
C THR A 183 15.73 26.52 11.96
N ILE A 184 15.92 27.18 13.10
CA ILE A 184 14.90 27.24 14.15
C ILE A 184 14.43 28.68 14.23
N ILE A 185 13.13 28.88 14.41
CA ILE A 185 12.58 30.23 14.51
C ILE A 185 13.07 30.89 15.79
N LYS A 186 13.45 32.17 15.68
CA LYS A 186 13.96 32.93 16.82
C LYS A 186 13.00 34.07 17.19
N PRO A 187 12.72 34.25 18.49
CA PRO A 187 13.20 33.48 19.64
C PRO A 187 12.67 32.04 19.65
N LYS A 188 13.40 31.15 20.30
CA LYS A 188 13.13 29.73 20.23
C LYS A 188 11.86 29.32 20.99
N LEU A 189 11.58 30.02 22.08
CA LEU A 189 10.29 29.92 22.76
C LEU A 189 9.75 31.31 23.05
N GLY A 190 8.44 31.46 22.97
CA GLY A 190 7.79 32.70 23.36
C GLY A 190 6.95 33.35 22.28
N LEU A 191 7.19 32.98 21.01
CA LEU A 191 6.40 33.56 19.92
C LEU A 191 4.98 33.02 19.95
N ARG A 192 4.04 33.91 19.71
CA ARG A 192 2.63 33.56 19.59
C ARG A 192 2.39 32.96 18.20
N PRO A 193 1.21 32.35 17.99
CA PRO A 193 0.95 31.63 16.73
C PRO A 193 1.18 32.45 15.46
N GLU A 194 0.57 33.64 15.37
CA GLU A 194 0.69 34.42 14.15
C GLU A 194 2.12 34.85 13.86
N PRO A 195 2.82 35.41 14.87
CA PRO A 195 4.24 35.75 14.70
C PRO A 195 5.12 34.57 14.30
N PHE A 196 4.90 33.40 14.90
CA PHE A 196 5.68 32.21 14.60
C PHE A 196 5.50 31.81 13.14
N ALA A 197 4.24 31.79 12.70
CA ALA A 197 3.92 31.37 11.34
C ALA A 197 4.49 32.35 10.31
N LYS A 198 4.46 33.64 10.60
CA LYS A 198 5.00 34.64 9.67
C LYS A 198 6.50 34.45 9.50
N ALA A 199 7.20 34.17 10.60
CA ALA A 199 8.63 33.96 10.56
C ALA A 199 8.96 32.73 9.73
N ALA A 200 8.11 31.72 9.83
CA ALA A 200 8.28 30.50 9.05
C ALA A 200 8.16 30.80 7.56
N TYR A 201 7.13 31.56 7.19
CA TYR A 201 6.93 31.94 5.80
C TYR A 201 8.15 32.67 5.25
N GLN A 202 8.65 33.63 6.03
CA GLN A 202 9.77 34.46 5.60
C GLN A 202 11.02 33.64 5.34
N PHE A 203 11.31 32.67 6.20
CA PHE A 203 12.48 31.83 6.03
C PHE A 203 12.32 30.92 4.82
N TRP A 204 11.14 30.32 4.69
CA TRP A 204 10.90 29.34 3.64
C TRP A 204 11.02 29.97 2.25
N LEU A 205 10.96 31.29 2.16
CA LEU A 205 11.15 31.96 0.88
C LEU A 205 12.56 31.73 0.34
N GLY A 206 13.47 31.33 1.22
CA GLY A 206 14.85 31.08 0.84
C GLY A 206 15.38 29.72 1.24
N GLY A 207 14.82 29.16 2.31
CA GLY A 207 15.32 27.91 2.89
C GLY A 207 14.38 26.72 2.72
N ASP A 208 14.87 25.53 3.04
CA ASP A 208 14.12 24.29 2.85
C ASP A 208 13.35 23.85 4.10
N PHE A 209 14.01 23.94 5.25
CA PHE A 209 13.68 23.13 6.42
C PHE A 209 13.52 23.97 7.69
N ILE A 210 12.36 23.84 8.35
CA ILE A 210 12.14 24.49 9.64
C ILE A 210 11.79 23.44 10.68
N KCX A 211 12.26 23.64 11.90
CA KCX A 211 11.88 22.74 12.98
CB KCX A 211 12.99 21.73 13.25
CG KCX A 211 14.20 22.32 13.99
CD KCX A 211 15.18 21.20 14.21
CE KCX A 211 16.33 21.63 15.09
NZ KCX A 211 15.90 21.85 16.46
C KCX A 211 11.56 23.48 14.24
O KCX A 211 12.10 24.58 14.49
CX KCX A 211 16.78 22.23 17.39
OQ1 KCX A 211 17.98 22.06 17.26
OQ2 KCX A 211 16.33 22.83 18.50
HA KCX A 211 10.99 22.17 12.67
HB2 KCX A 211 13.34 21.32 12.30
HB3 KCX A 211 12.59 20.92 13.84
HG2 KCX A 211 13.88 22.74 14.94
HG3 KCX A 211 14.65 23.11 13.39
HD2 KCX A 211 15.57 20.86 13.24
HD3 KCX A 211 14.67 20.36 14.67
HE2 KCX A 211 16.77 22.55 14.70
HE3 KCX A 211 17.11 20.86 15.08
N ASN A 212 10.68 22.88 15.03
CA ASN A 212 10.42 23.36 16.38
C ASN A 212 11.69 23.34 17.20
N ASP A 213 11.81 24.28 18.14
CA ASP A 213 12.83 24.18 19.17
C ASP A 213 12.47 22.96 20.01
N GLU A 214 13.45 22.36 20.68
CA GLU A 214 13.21 21.10 21.37
C GLU A 214 12.10 21.17 22.43
N PRO A 215 11.93 22.32 23.10
CA PRO A 215 10.87 22.31 24.12
C PRO A 215 9.52 22.85 23.66
N GLN A 216 9.44 23.45 22.47
CA GLN A 216 8.18 24.07 22.05
C GLN A 216 7.20 23.04 21.53
N GLY A 217 6.00 23.08 22.09
CA GLY A 217 4.95 22.13 21.78
C GLY A 217 3.60 22.79 21.89
N ASN A 218 2.92 22.56 23.01
CA ASN A 218 1.57 23.08 23.22
C ASN A 218 1.50 23.99 24.45
N GLN A 219 2.47 24.89 24.58
CA GLN A 219 2.43 25.90 25.64
C GLN A 219 1.18 26.76 25.49
N VAL A 220 0.67 27.28 26.61
CA VAL A 220 -0.59 28.01 26.60
C VAL A 220 -0.51 29.29 25.76
N PHE A 221 0.69 29.80 25.54
CA PHE A 221 0.87 31.03 24.76
C PHE A 221 1.03 30.75 23.26
N CYS A 222 1.11 29.47 22.90
CA CYS A 222 1.22 29.11 21.49
C CYS A 222 0.68 27.69 21.28
N PRO A 223 -0.64 27.52 21.46
CA PRO A 223 -1.25 26.19 21.37
C PRO A 223 -1.10 25.56 19.98
N ILE A 224 -0.90 24.23 19.96
CA ILE A 224 -0.71 23.51 18.71
C ILE A 224 -1.87 23.70 17.75
N LYS A 225 -3.10 23.67 18.26
CA LYS A 225 -4.28 23.77 17.42
C LYS A 225 -4.36 25.13 16.73
N LYS A 226 -3.71 26.13 17.31
CA LYS A 226 -3.70 27.48 16.75
C LYS A 226 -2.57 27.67 15.76
N VAL A 227 -1.36 27.31 16.16
CA VAL A 227 -0.17 27.65 15.39
C VAL A 227 0.04 26.75 14.17
N LEU A 228 -0.28 25.47 14.31
CA LEU A 228 0.06 24.51 13.27
C LEU A 228 -0.70 24.77 11.95
N PRO A 229 -2.00 25.09 12.02
CA PRO A 229 -2.68 25.47 10.78
C PRO A 229 -2.10 26.73 10.14
N LEU A 230 -1.61 27.66 10.95
CA LEU A 230 -0.99 28.88 10.45
C LEU A 230 0.36 28.59 9.81
N VAL A 231 1.10 27.65 10.39
CA VAL A 231 2.38 27.24 9.83
C VAL A 231 2.17 26.59 8.47
N TYR A 232 1.12 25.78 8.34
CA TYR A 232 0.83 25.13 7.07
C TYR A 232 0.49 26.15 5.99
N ASP A 233 -0.26 27.18 6.36
CA ASP A 233 -0.58 28.27 5.43
C ASP A 233 0.70 28.91 4.91
N SER A 234 1.67 29.11 5.80
CA SER A 234 2.96 29.68 5.43
C SER A 234 3.73 28.76 4.48
N LEU A 235 3.66 27.46 4.73
CA LEU A 235 4.34 26.49 3.89
C LEU A 235 3.75 26.49 2.48
N LYS A 236 2.42 26.46 2.40
CA LYS A 236 1.73 26.53 1.11
C LYS A 236 2.05 27.81 0.36
N ARG A 237 2.02 28.93 1.08
CA ARG A 237 2.28 30.22 0.45
C ARG A 237 3.70 30.27 -0.09
N ALA A 238 4.65 29.75 0.69
CA ALA A 238 6.05 29.74 0.27
C ALA A 238 6.25 28.80 -0.92
N GLN A 239 5.59 27.64 -0.87
CA GLN A 239 5.68 26.69 -1.98
C GLN A 239 5.13 27.27 -3.27
N ASP A 240 3.98 27.94 -3.18
CA ASP A 240 3.33 28.50 -4.35
C ASP A 240 4.16 29.63 -4.96
N GLU A 241 4.80 30.42 -4.11
CA GLU A 241 5.53 31.61 -4.56
C GLU A 241 6.93 31.27 -5.07
N THR A 242 7.57 30.26 -4.47
CA THR A 242 8.93 29.89 -4.87
C THR A 242 8.92 28.76 -5.90
N GLY A 243 7.83 28.01 -5.94
CA GLY A 243 7.74 26.85 -6.80
C GLY A 243 8.61 25.71 -6.33
N GLN A 244 9.04 25.77 -5.07
CA GLN A 244 9.88 24.75 -4.46
C GLN A 244 9.20 24.16 -3.23
N ALA A 245 9.39 22.86 -3.01
CA ALA A 245 8.81 22.20 -1.85
C ALA A 245 9.49 22.64 -0.55
N LYS A 246 8.74 22.63 0.55
CA LYS A 246 9.28 23.02 1.85
C LYS A 246 9.01 21.91 2.89
N LEU A 247 9.79 21.94 3.97
CA LEU A 247 9.77 20.89 4.99
C LEU A 247 9.60 21.46 6.38
N PHE A 248 8.83 20.75 7.21
CA PHE A 248 8.61 21.15 8.60
C PHE A 248 8.76 19.97 9.55
N SER A 249 9.56 20.17 10.60
CA SER A 249 9.80 19.14 11.60
C SER A 249 9.13 19.53 12.91
N MET A 250 8.07 18.80 13.28
CA MET A 250 7.27 19.15 14.44
C MET A 250 7.62 18.30 15.65
N ASN A 251 7.76 18.96 16.80
CA ASN A 251 7.97 18.26 18.07
C ASN A 251 6.70 17.57 18.53
N ILE A 252 6.78 16.25 18.69
CA ILE A 252 5.66 15.46 19.22
C ILE A 252 6.05 14.78 20.53
N THR A 253 7.16 15.22 21.12
CA THR A 253 7.63 14.68 22.39
C THR A 253 6.58 14.84 23.48
N ALA A 254 6.30 13.76 24.20
CA ALA A 254 5.37 13.80 25.31
C ALA A 254 5.47 12.54 26.16
N ASP A 255 5.23 12.69 27.46
CA ASP A 255 5.21 11.55 28.38
C ASP A 255 4.25 10.47 27.90
N ASP A 256 3.03 10.88 27.60
CA ASP A 256 1.96 9.95 27.24
C ASP A 256 2.05 9.57 25.77
N HIS A 257 2.20 8.26 25.52
CA HIS A 257 2.21 7.71 24.18
C HIS A 257 1.04 8.24 23.33
N TYR A 258 -0.14 8.32 23.94
CA TYR A 258 -1.32 8.72 23.20
C TYR A 258 -1.37 10.23 22.97
N GLU A 259 -0.61 10.99 23.76
CA GLU A 259 -0.45 12.41 23.49
C GLU A 259 0.42 12.59 22.25
N MET A 260 1.50 11.82 22.15
CA MET A 260 2.37 11.84 20.98
C MET A 260 1.56 11.56 19.72
N CYS A 261 0.73 10.53 19.79
CA CYS A 261 -0.07 10.12 18.64
C CYS A 261 -1.14 11.15 18.31
N ALA A 262 -1.64 11.84 19.34
CA ALA A 262 -2.63 12.89 19.13
C ALA A 262 -2.01 14.06 18.36
N ARG A 263 -0.79 14.44 18.73
CA ARG A 263 -0.09 15.52 18.04
C ARG A 263 0.25 15.12 16.61
N ALA A 264 0.73 13.90 16.44
CA ALA A 264 1.10 13.39 15.11
C ALA A 264 -0.11 13.34 14.18
N ASP A 265 -1.22 12.79 14.67
CA ASP A 265 -2.43 12.67 13.86
C ASP A 265 -2.93 14.05 13.42
N PHE A 266 -2.95 14.99 14.34
CA PHE A 266 -3.42 16.34 14.03
C PHE A 266 -2.52 17.03 13.02
N ALA A 267 -1.21 16.83 13.15
CA ALA A 267 -0.25 17.43 12.23
C ALA A 267 -0.46 16.96 10.80
N LEU A 268 -0.61 15.65 10.63
CA LEU A 268 -0.75 15.08 9.31
C LEU A 268 -2.08 15.50 8.67
N GLU A 269 -3.14 15.54 9.46
CA GLU A 269 -4.43 16.00 8.96
C GLU A 269 -4.37 17.46 8.53
N THR A 270 -3.69 18.28 9.32
CA THR A 270 -3.57 19.71 9.04
C THR A 270 -2.82 19.95 7.73
N PHE A 271 -1.72 19.23 7.51
CA PHE A 271 -0.90 19.44 6.33
C PHE A 271 -1.49 18.77 5.09
N GLY A 272 -2.47 17.89 5.31
CA GLY A 272 -3.23 17.28 4.24
C GLY A 272 -2.38 16.79 3.07
N PRO A 273 -2.55 17.39 1.87
CA PRO A 273 -1.83 16.90 0.69
C PRO A 273 -0.31 17.09 0.77
N ASP A 274 0.17 17.80 1.78
CA ASP A 274 1.60 18.01 1.99
C ASP A 274 2.12 17.26 3.23
N ALA A 275 1.31 16.35 3.74
CA ALA A 275 1.61 15.70 5.02
C ALA A 275 2.90 14.86 4.99
N ASP A 276 3.32 14.44 3.80
CA ASP A 276 4.56 13.69 3.66
C ASP A 276 5.78 14.56 3.98
N LYS A 277 5.58 15.87 3.98
CA LYS A 277 6.67 16.82 4.21
C LYS A 277 6.82 17.17 5.69
N VAL A 278 6.01 16.52 6.53
CA VAL A 278 6.09 16.70 7.97
C VAL A 278 7.01 15.67 8.59
N ALA A 279 8.10 16.13 9.21
CA ALA A 279 8.95 15.28 10.00
C ALA A 279 8.52 15.37 11.46
N PHE A 280 8.75 14.30 12.21
CA PHE A 280 8.43 14.26 13.63
C PHE A 280 9.69 14.36 14.47
N LEU A 281 9.77 15.42 15.26
CA LEU A 281 10.92 15.64 16.13
C LEU A 281 10.64 15.01 17.49
N VAL A 282 11.60 14.22 17.96
CA VAL A 282 11.50 13.59 19.28
C VAL A 282 12.75 13.89 20.10
N ASP A 283 12.55 14.40 21.31
CA ASP A 283 13.65 14.61 22.24
C ASP A 283 14.05 13.26 22.81
N GLY A 284 14.84 12.51 22.04
CA GLY A 284 15.07 11.10 22.31
C GLY A 284 15.95 10.77 23.51
N PHE A 285 16.83 11.68 23.92
CA PHE A 285 17.71 11.40 25.04
C PHE A 285 16.96 11.54 26.36
N VAL A 286 16.34 12.69 26.58
CA VAL A 286 15.55 12.92 27.79
C VAL A 286 14.21 12.20 27.74
N GLY A 287 13.72 11.94 26.53
CA GLY A 287 12.44 11.28 26.36
C GLY A 287 12.53 9.77 26.48
N GLY A 288 13.66 9.23 26.05
CA GLY A 288 13.93 7.80 26.16
C GLY A 288 13.49 7.01 24.94
N PRO A 289 13.94 5.74 24.86
CA PRO A 289 13.63 4.85 23.73
C PRO A 289 12.13 4.65 23.47
N GLY A 290 11.32 4.77 24.52
CA GLY A 290 9.88 4.61 24.38
C GLY A 290 9.27 5.59 23.39
N MET A 291 9.70 6.84 23.50
CA MET A 291 9.18 7.91 22.65
C MET A 291 9.69 7.79 21.22
N VAL A 292 10.95 7.41 21.07
CA VAL A 292 11.54 7.27 19.75
C VAL A 292 10.81 6.16 18.99
N THR A 293 10.54 5.06 19.68
CA THR A 293 9.90 3.90 19.05
C THR A 293 8.43 4.17 18.75
N THR A 294 7.80 5.00 19.56
CA THR A 294 6.41 5.40 19.30
C THR A 294 6.31 6.09 17.94
N ALA A 295 7.21 7.04 17.70
CA ALA A 295 7.26 7.72 16.42
C ALA A 295 7.65 6.75 15.30
N ARG A 296 8.68 5.95 15.56
CA ARG A 296 9.23 5.06 14.54
C ARG A 296 8.22 3.99 14.10
N ARG A 297 7.52 3.39 15.06
CA ARG A 297 6.63 2.28 14.77
C ARG A 297 5.21 2.70 14.42
N GLN A 298 4.73 3.81 14.98
CA GLN A 298 3.36 4.26 14.69
C GLN A 298 3.30 5.19 13.48
N TYR A 299 4.42 5.81 13.14
CA TYR A 299 4.46 6.73 11.99
C TYR A 299 5.74 6.54 11.19
N PRO A 300 6.00 5.31 10.72
CA PRO A 300 7.24 4.99 10.01
C PRO A 300 7.41 5.75 8.70
N SER A 301 6.30 6.20 8.10
CA SER A 301 6.34 6.90 6.82
C SER A 301 6.63 8.38 6.97
N GLN A 302 6.83 8.84 8.21
CA GLN A 302 7.24 10.21 8.47
C GLN A 302 8.69 10.23 8.93
N TYR A 303 9.49 11.12 8.33
CA TYR A 303 10.89 11.30 8.71
C TYR A 303 10.99 11.55 10.21
N LEU A 304 11.80 10.73 10.89
CA LEU A 304 11.93 10.82 12.34
C LEU A 304 13.21 11.56 12.73
N HIS A 305 13.02 12.71 13.37
CA HIS A 305 14.10 13.62 13.72
C HIS A 305 14.46 13.49 15.20
N TYR A 306 15.62 12.90 15.47
CA TYR A 306 16.09 12.69 16.83
C TYR A 306 16.83 13.91 17.32
N HIS A 307 16.28 14.59 18.33
CA HIS A 307 16.95 15.70 18.98
C HIS A 307 17.55 15.21 20.30
N ARG A 308 18.85 15.44 20.48
CA ARG A 308 19.59 14.82 21.57
C ARG A 308 19.76 15.72 22.78
N ALA A 309 18.87 16.70 22.94
CA ALA A 309 18.92 17.61 24.08
C ALA A 309 19.08 16.85 25.39
N GLY A 310 20.07 17.27 26.19
CA GLY A 310 20.36 16.63 27.46
C GLY A 310 21.55 15.70 27.41
N HIS A 311 21.91 15.25 26.21
CA HIS A 311 22.96 14.25 26.03
C HIS A 311 24.28 14.63 26.70
N GLY A 312 24.55 15.91 26.80
CA GLY A 312 25.81 16.40 27.33
C GLY A 312 26.10 15.95 28.75
N MET A 313 25.07 15.52 29.47
CA MET A 313 25.26 15.12 30.86
C MET A 313 26.13 13.86 30.98
N VAL A 314 26.28 13.12 29.87
CA VAL A 314 27.19 11.97 29.85
C VAL A 314 28.18 11.99 28.67
N THR A 315 27.84 12.67 27.59
CA THR A 315 28.68 12.65 26.39
C THR A 315 29.77 13.71 26.38
N SER A 316 29.72 14.65 27.33
CA SER A 316 30.72 15.71 27.40
C SER A 316 32.13 15.12 27.46
N PRO A 317 33.11 15.80 26.84
CA PRO A 317 34.50 15.34 26.93
C PRO A 317 34.99 15.18 28.37
N SER A 318 34.43 15.96 29.28
CA SER A 318 34.83 15.91 30.68
C SER A 318 34.19 14.72 31.42
N SER A 319 33.18 14.10 30.80
CA SER A 319 32.49 12.98 31.41
C SER A 319 33.26 11.67 31.26
N LYS A 320 33.27 10.88 32.33
CA LYS A 320 33.86 9.54 32.31
C LYS A 320 32.80 8.48 32.58
N ARG A 321 31.53 8.84 32.40
CA ARG A 321 30.41 7.97 32.72
C ARG A 321 29.42 7.87 31.56
N GLY A 322 28.60 6.84 31.59
CA GLY A 322 27.54 6.65 30.61
C GLY A 322 28.07 6.19 29.26
N TYR A 323 27.93 7.04 28.25
CA TYR A 323 28.40 6.71 26.91
C TYR A 323 28.64 7.99 26.10
N THR A 324 29.36 7.85 24.99
CA THR A 324 29.77 8.99 24.19
C THR A 324 28.73 9.38 23.15
N ALA A 325 28.97 10.51 22.49
CA ALA A 325 28.08 10.98 21.43
C ALA A 325 28.07 9.99 20.28
N PHE A 326 29.21 9.38 20.02
CA PHE A 326 29.33 8.36 18.97
C PHE A 326 28.40 7.19 19.28
N VAL A 327 28.48 6.68 20.51
CA VAL A 327 27.64 5.57 20.94
C VAL A 327 26.17 5.93 20.83
N LEU A 328 25.83 7.15 21.25
CA LEU A 328 24.44 7.61 21.19
C LEU A 328 23.93 7.61 19.76
N ALA A 329 24.73 8.14 18.85
CA ALA A 329 24.35 8.25 17.45
C ALA A 329 24.18 6.88 16.80
N LYS A 330 25.09 5.97 17.10
CA LYS A 330 25.03 4.63 16.53
C LYS A 330 23.79 3.90 17.02
N MET A 331 23.45 4.09 18.29
CA MET A 331 22.23 3.50 18.84
C MET A 331 20.99 4.04 18.14
N SER A 332 20.99 5.34 17.84
CA SER A 332 19.82 5.98 17.26
C SER A 332 19.46 5.37 15.91
N ARG A 333 20.48 4.97 15.16
CA ARG A 333 20.27 4.33 13.86
C ARG A 333 19.54 3.00 14.03
N LEU A 334 19.96 2.23 15.02
CA LEU A 334 19.31 0.97 15.33
C LEU A 334 17.85 1.19 15.75
N GLN A 335 17.64 2.23 16.55
CA GLN A 335 16.30 2.60 17.02
C GLN A 335 15.36 2.99 15.87
N GLY A 336 15.93 3.53 14.81
CA GLY A 336 15.20 3.89 13.61
C GLY A 336 15.04 5.37 13.36
N ALA A 337 15.93 6.18 13.95
CA ALA A 337 15.94 7.61 13.67
C ALA A 337 16.31 7.85 12.21
N SER A 338 15.56 8.72 11.55
CA SER A 338 15.86 9.10 10.17
C SER A 338 17.04 10.06 10.13
N GLY A 339 17.18 10.84 11.21
CA GLY A 339 18.30 11.74 11.36
C GLY A 339 18.50 12.07 12.82
N ILE A 340 19.72 12.48 13.16
CA ILE A 340 20.03 12.84 14.54
C ILE A 340 21.05 13.96 14.58
N HIS A 341 20.92 14.84 15.58
CA HIS A 341 21.88 15.91 15.78
C HIS A 341 23.24 15.34 16.15
N VAL A 342 24.29 15.87 15.53
CA VAL A 342 25.65 15.40 15.79
C VAL A 342 26.60 16.56 16.11
N GLY A 343 26.08 17.78 16.13
CA GLY A 343 26.88 18.95 16.45
C GLY A 343 27.57 19.51 15.22
N THR A 344 28.48 20.46 15.45
CA THR A 344 29.16 21.16 14.36
C THR A 344 30.62 20.75 14.21
N MET A 345 31.03 19.74 14.98
CA MET A 345 32.35 19.14 14.81
C MET A 345 33.49 20.16 14.94
N GLY A 346 33.37 21.07 15.91
CA GLY A 346 34.42 22.02 16.19
C GLY A 346 34.40 23.27 15.32
N TYR A 347 33.45 23.35 14.40
CA TYR A 347 33.35 24.48 13.49
C TYR A 347 32.28 25.48 13.94
N GLY A 348 31.85 25.36 15.19
CA GLY A 348 30.86 26.27 15.74
C GLY A 348 31.07 26.47 17.23
N LYS A 349 29.99 26.27 18.00
CA LYS A 349 30.04 26.42 19.45
C LYS A 349 29.87 25.06 20.12
N MET A 350 29.49 25.08 21.40
CA MET A 350 29.25 23.86 22.16
C MET A 350 30.52 23.00 22.25
N GLU A 351 30.37 21.78 22.75
CA GLU A 351 31.49 20.85 22.90
C GLU A 351 31.52 19.87 21.74
N GLY A 352 32.51 20.03 20.86
CA GLY A 352 32.66 19.17 19.71
C GLY A 352 33.99 19.42 19.01
N GLY A 353 34.43 18.44 18.22
CA GLY A 353 35.71 18.53 17.53
C GLY A 353 35.67 17.94 16.13
N LYS A 354 36.75 18.18 15.38
CA LYS A 354 36.83 17.77 13.98
C LYS A 354 36.76 16.25 13.83
N ASP A 355 37.18 15.53 14.87
CA ASP A 355 37.18 14.07 14.82
C ASP A 355 35.77 13.50 14.91
N ASP A 356 34.79 14.34 15.24
CA ASP A 356 33.41 13.89 15.33
C ASP A 356 32.85 13.50 13.98
N ARG A 357 33.61 13.72 12.91
CA ARG A 357 33.15 13.35 11.58
C ARG A 357 32.95 11.85 11.49
N ILE A 358 33.63 11.10 12.36
CA ILE A 358 33.47 9.65 12.39
C ILE A 358 32.05 9.28 12.84
N ILE A 359 31.45 10.15 13.66
CA ILE A 359 30.07 9.94 14.09
C ILE A 359 29.15 9.94 12.88
N ALA A 360 29.37 10.90 11.99
CA ALA A 360 28.56 11.00 10.78
C ALA A 360 28.78 9.78 9.89
N TYR A 361 30.04 9.37 9.76
CA TYR A 361 30.40 8.23 8.92
C TYR A 361 29.72 6.94 9.38
N MET A 362 29.68 6.73 10.69
CA MET A 362 29.12 5.50 11.23
C MET A 362 27.61 5.39 10.98
N ILE A 363 26.92 6.52 10.99
CA ILE A 363 25.46 6.50 10.85
C ILE A 363 24.99 6.61 9.40
N GLU A 364 25.87 7.05 8.50
CA GLU A 364 25.48 7.31 7.12
C GLU A 364 26.04 6.29 6.14
N ARG A 365 27.14 5.64 6.50
CA ARG A 365 27.77 4.66 5.60
C ARG A 365 27.25 3.24 5.83
N ASP A 366 27.45 2.37 4.85
CA ASP A 366 27.06 0.97 4.96
C ASP A 366 28.16 0.15 5.61
N SER A 367 29.38 0.69 5.59
CA SER A 367 30.54 0.03 6.16
C SER A 367 31.47 1.08 6.76
N CYS A 368 31.73 0.98 8.06
CA CYS A 368 32.54 1.98 8.74
C CYS A 368 33.22 1.42 9.99
N THR A 369 34.36 2.03 10.34
CA THR A 369 35.13 1.61 11.51
C THR A 369 35.04 2.66 12.61
N GLY A 370 34.51 2.25 13.76
CA GLY A 370 34.44 3.12 14.91
C GLY A 370 35.75 3.15 15.68
N PRO A 371 35.77 3.78 16.85
CA PRO A 371 36.97 3.86 17.68
C PRO A 371 37.54 2.50 18.05
N PHE A 372 36.70 1.46 18.12
CA PHE A 372 37.16 0.14 18.53
C PHE A 372 36.65 -1.00 17.64
N TYR A 373 35.51 -0.82 16.99
CA TYR A 373 34.90 -1.87 16.19
C TYR A 373 34.56 -1.45 14.77
N HIS A 374 34.87 -2.31 13.81
CA HIS A 374 34.37 -2.16 12.46
C HIS A 374 32.93 -2.66 12.42
N GLN A 375 32.07 -1.94 11.70
CA GLN A 375 30.66 -2.29 11.61
C GLN A 375 30.19 -2.36 10.15
N GLU A 376 29.61 -3.49 9.80
CA GLU A 376 28.84 -3.63 8.57
C GLU A 376 27.37 -3.45 8.90
N TRP A 377 26.65 -2.71 8.05
CA TRP A 377 25.25 -2.39 8.31
C TRP A 377 24.29 -3.19 7.43
N TYR A 378 24.84 -3.91 6.45
CA TYR A 378 24.07 -4.83 5.61
C TYR A 378 22.81 -4.20 5.01
N GLY A 379 22.94 -2.95 4.55
CA GLY A 379 21.88 -2.30 3.82
C GLY A 379 20.87 -1.56 4.67
N MET A 380 21.08 -1.56 5.99
CA MET A 380 20.22 -0.78 6.87
C MET A 380 20.32 0.69 6.45
N LYS A 381 19.18 1.37 6.41
CA LYS A 381 19.13 2.75 5.94
C LYS A 381 20.01 3.66 6.79
N PRO A 382 20.56 4.71 6.18
CA PRO A 382 21.43 5.64 6.91
C PRO A 382 20.64 6.66 7.73
N THR A 383 21.16 7.00 8.90
CA THR A 383 20.61 8.09 9.69
C THR A 383 21.33 9.38 9.31
N THR A 384 20.56 10.44 9.07
CA THR A 384 21.13 11.71 8.64
C THR A 384 21.89 12.41 9.76
N PRO A 385 23.13 12.84 9.49
CA PRO A 385 23.75 13.75 10.46
C PRO A 385 23.13 15.14 10.34
N ILE A 386 22.52 15.61 11.43
CA ILE A 386 21.89 16.93 11.46
C ILE A 386 22.81 17.89 12.19
N ILE A 387 23.17 18.98 11.50
CA ILE A 387 24.13 19.94 12.01
C ILE A 387 23.44 21.17 12.60
N SER A 388 23.76 21.50 13.85
CA SER A 388 23.24 22.72 14.44
C SER A 388 24.17 23.27 15.52
N GLY A 389 24.20 24.59 15.65
CA GLY A 389 24.98 25.24 16.70
C GLY A 389 26.18 26.09 16.30
N GLY A 390 25.91 27.28 15.77
CA GLY A 390 26.96 28.23 15.43
C GLY A 390 27.55 28.23 14.03
N MET A 391 26.87 27.63 13.06
CA MET A 391 27.37 27.64 11.68
C MET A 391 26.88 28.88 10.94
N ASN A 392 27.64 29.29 9.92
CA ASN A 392 27.17 30.30 8.98
C ASN A 392 27.82 30.04 7.63
N ALA A 393 27.47 30.85 6.63
CA ALA A 393 27.93 30.62 5.26
C ALA A 393 29.46 30.61 5.16
N LEU A 394 30.12 31.36 6.05
CA LEU A 394 31.57 31.50 6.01
C LEU A 394 32.29 30.28 6.59
N ARG A 395 31.65 29.64 7.57
CA ARG A 395 32.24 28.49 8.25
C ARG A 395 31.99 27.17 7.52
N LEU A 396 30.96 27.15 6.67
CA LEU A 396 30.53 25.91 6.03
C LEU A 396 31.58 25.26 5.11
N PRO A 397 32.27 26.07 4.30
CA PRO A 397 33.30 25.48 3.41
C PRO A 397 34.32 24.63 4.17
N GLY A 398 34.78 25.11 5.32
CA GLY A 398 35.71 24.35 6.14
C GLY A 398 35.06 23.11 6.71
N PHE A 399 33.79 23.23 7.11
CA PHE A 399 33.06 22.10 7.66
C PHE A 399 32.91 21.01 6.61
N PHE A 400 32.55 21.41 5.40
CA PHE A 400 32.35 20.45 4.31
C PHE A 400 33.66 19.78 3.93
N GLU A 401 34.74 20.55 3.96
CA GLU A 401 36.05 20.03 3.59
C GLU A 401 36.49 18.94 4.59
N ASN A 402 36.23 19.18 5.86
CA ASN A 402 36.54 18.22 6.91
C ASN A 402 35.68 16.96 6.81
N LEU A 403 34.40 17.14 6.51
CA LEU A 403 33.46 16.03 6.47
C LEU A 403 33.63 15.21 5.20
N GLY A 404 33.89 15.88 4.08
CA GLY A 404 34.06 15.22 2.80
C GLY A 404 32.83 15.29 1.93
N HIS A 405 31.75 15.84 2.47
CA HIS A 405 30.51 15.99 1.71
C HIS A 405 29.57 16.97 2.42
N GLY A 406 28.43 17.25 1.80
CA GLY A 406 27.43 18.13 2.36
C GLY A 406 26.05 17.50 2.41
N ASN A 407 26.01 16.17 2.39
CA ASN A 407 24.74 15.45 2.50
C ASN A 407 24.20 15.51 3.92
N VAL A 408 23.78 16.70 4.33
CA VAL A 408 23.35 16.94 5.70
C VAL A 408 22.16 17.87 5.75
N ILE A 409 21.45 17.84 6.88
CA ILE A 409 20.49 18.89 7.21
C ILE A 409 21.17 19.83 8.20
N ASN A 410 21.16 21.12 7.89
CA ASN A 410 21.77 22.13 8.74
C ASN A 410 20.74 23.13 9.23
N THR A 411 20.31 22.98 10.48
CA THR A 411 19.36 23.90 11.09
C THR A 411 20.14 25.04 11.75
N ALA A 412 20.56 25.99 10.94
CA ALA A 412 21.38 27.11 11.39
C ALA A 412 20.51 28.27 11.86
N GLY A 413 20.44 28.45 13.17
CA GLY A 413 19.70 29.56 13.75
C GLY A 413 20.42 30.87 13.52
N GLY A 414 21.67 30.93 13.96
CA GLY A 414 22.47 32.14 13.82
C GLY A 414 22.82 32.44 12.38
N GLY A 415 23.13 31.40 11.61
CA GLY A 415 23.53 31.57 10.23
C GLY A 415 22.45 32.18 9.36
N SER A 416 21.19 32.00 9.77
CA SER A 416 20.05 32.52 9.03
C SER A 416 19.68 33.93 9.50
N TYR A 417 19.23 34.01 10.75
CA TYR A 417 18.78 35.28 11.31
C TYR A 417 19.92 36.26 11.54
N GLY A 418 21.15 35.76 11.50
CA GLY A 418 22.31 36.61 11.67
C GLY A 418 22.67 37.36 10.42
N HIS A 419 22.05 36.99 9.29
CA HIS A 419 22.34 37.64 8.02
C HIS A 419 21.81 39.07 8.03
N ILE A 420 22.63 39.99 7.55
CA ILE A 420 22.33 41.42 7.61
C ILE A 420 21.07 41.80 6.83
N ASP A 421 20.77 41.05 5.78
CA ASP A 421 19.63 41.35 4.92
C ASP A 421 18.33 40.72 5.43
N SER A 422 18.28 39.40 5.47
CA SER A 422 17.06 38.71 5.92
C SER A 422 17.34 37.24 6.21
N PRO A 423 16.42 36.59 6.97
CA PRO A 423 16.56 35.16 7.25
C PRO A 423 16.59 34.33 5.97
N ALA A 424 15.81 34.75 4.97
CA ALA A 424 15.79 34.08 3.68
C ALA A 424 17.15 34.20 2.99
N ALA A 425 17.69 35.41 2.99
CA ALA A 425 18.98 35.66 2.39
C ALA A 425 20.04 34.81 3.07
N GLY A 426 19.91 34.66 4.40
CA GLY A 426 20.81 33.83 5.17
C GLY A 426 20.76 32.38 4.70
N ALA A 427 19.55 31.89 4.46
CA ALA A 427 19.37 30.52 3.99
C ALA A 427 20.03 30.36 2.63
N VAL A 428 19.86 31.35 1.77
CA VAL A 428 20.46 31.35 0.45
C VAL A 428 21.98 31.36 0.54
N SER A 429 22.53 32.16 1.46
CA SER A 429 23.98 32.26 1.61
C SER A 429 24.55 30.92 2.03
N LEU A 430 23.82 30.20 2.87
CA LEU A 430 24.23 28.87 3.33
C LEU A 430 24.29 27.90 2.15
N ARG A 431 23.26 27.95 1.30
CA ARG A 431 23.20 27.08 0.13
C ARG A 431 24.31 27.42 -0.86
N GLN A 432 24.56 28.71 -1.01
CA GLN A 432 25.61 29.18 -1.92
C GLN A 432 26.99 28.75 -1.41
N ALA A 433 27.13 28.67 -0.10
CA ALA A 433 28.38 28.23 0.50
C ALA A 433 28.65 26.77 0.17
N TYR A 434 27.60 25.97 0.12
CA TYR A 434 27.71 24.57 -0.24
C TYR A 434 28.05 24.42 -1.73
N GLU A 435 27.36 25.19 -2.55
CA GLU A 435 27.58 25.18 -3.99
C GLU A 435 29.00 25.65 -4.31
N CYS A 436 29.50 26.56 -3.49
CA CYS A 436 30.87 27.05 -3.65
C CYS A 436 31.86 25.92 -3.38
N TRP A 437 31.71 25.27 -2.23
CA TRP A 437 32.60 24.19 -1.85
C TRP A 437 32.52 23.02 -2.83
N LYS A 438 31.30 22.70 -3.26
CA LYS A 438 31.07 21.60 -4.18
C LYS A 438 31.78 21.86 -5.51
N ALA A 439 31.82 23.13 -5.91
CA ALA A 439 32.46 23.53 -7.16
C ALA A 439 33.96 23.73 -7.01
N GLY A 440 34.45 23.64 -5.77
CA GLY A 440 35.87 23.82 -5.51
C GLY A 440 36.31 25.23 -5.83
N ALA A 441 35.37 26.18 -5.69
CA ALA A 441 35.63 27.57 -6.05
C ALA A 441 36.24 28.37 -4.90
N ASP A 442 36.82 29.52 -5.24
CA ASP A 442 37.34 30.44 -4.24
C ASP A 442 36.20 31.21 -3.60
N PRO A 443 36.07 31.15 -2.26
CA PRO A 443 34.96 31.85 -1.60
C PRO A 443 34.89 33.35 -1.86
N ILE A 444 36.05 34.03 -1.90
CA ILE A 444 36.09 35.46 -2.16
C ILE A 444 35.59 35.75 -3.58
N GLU A 445 36.02 34.94 -4.53
CA GLU A 445 35.62 35.12 -5.92
C GLU A 445 34.18 34.67 -6.13
N TRP A 446 33.77 33.65 -5.38
CA TRP A 446 32.40 33.17 -5.43
C TRP A 446 31.44 34.25 -4.95
N ALA A 447 31.90 35.02 -3.96
CA ALA A 447 31.09 36.10 -3.40
C ALA A 447 30.83 37.21 -4.41
N LYS A 448 31.78 37.42 -5.32
CA LYS A 448 31.66 38.48 -6.31
C LYS A 448 30.51 38.24 -7.29
N GLU A 449 30.01 37.01 -7.34
CA GLU A 449 28.92 36.64 -8.24
C GLU A 449 27.73 36.04 -7.50
N HIS A 450 27.76 36.14 -6.17
CA HIS A 450 26.66 35.66 -5.34
C HIS A 450 26.45 36.63 -4.18
N LYS A 451 25.45 37.50 -4.34
CA LYS A 451 25.25 38.63 -3.43
C LYS A 451 25.00 38.19 -1.99
N GLU A 452 24.10 37.22 -1.80
CA GLU A 452 23.77 36.76 -0.46
C GLU A 452 25.00 36.23 0.26
N PHE A 453 25.80 35.44 -0.45
CA PHE A 453 27.05 34.91 0.11
C PHE A 453 27.99 36.05 0.48
N ALA A 454 28.11 37.04 -0.41
CA ALA A 454 28.98 38.18 -0.18
C ALA A 454 28.54 38.95 1.06
N ARG A 455 27.23 39.12 1.21
CA ARG A 455 26.68 39.87 2.32
C ARG A 455 26.87 39.14 3.64
N ALA A 456 27.16 37.84 3.57
CA ALA A 456 27.44 37.06 4.78
C ALA A 456 28.77 37.48 5.39
N PHE A 457 29.69 37.95 4.55
CA PHE A 457 30.97 38.47 5.03
C PHE A 457 30.75 39.67 5.94
N GLU A 458 29.83 40.54 5.54
CA GLU A 458 29.52 41.74 6.30
C GLU A 458 28.63 41.41 7.49
N SER A 459 27.96 40.26 7.43
CA SER A 459 27.08 39.81 8.51
C SER A 459 27.88 39.22 9.67
N PHE A 460 29.01 38.60 9.35
CA PHE A 460 29.85 37.96 10.35
C PHE A 460 31.31 38.37 10.16
N PRO A 461 31.60 39.67 10.34
CA PRO A 461 32.92 40.25 10.06
C PRO A 461 34.06 39.60 10.84
N LYS A 462 33.82 39.20 12.09
CA LYS A 462 34.86 38.59 12.90
C LYS A 462 35.26 37.24 12.32
N ASP A 463 34.28 36.47 11.84
CA ASP A 463 34.56 35.21 11.18
C ASP A 463 35.24 35.46 9.83
N ALA A 464 34.83 36.53 9.16
CA ALA A 464 35.37 36.87 7.84
C ALA A 464 36.85 37.23 7.95
N ASP A 465 37.21 37.99 8.97
CA ASP A 465 38.59 38.40 9.16
C ASP A 465 39.49 37.19 9.44
N LYS A 466 39.00 36.26 10.24
CA LYS A 466 39.79 35.07 10.58
C LYS A 466 39.94 34.14 9.37
N LEU A 467 38.81 33.80 8.75
CA LEU A 467 38.81 32.81 7.68
C LEU A 467 39.33 33.37 6.36
N PHE A 468 38.98 34.61 6.06
CA PHE A 468 39.32 35.23 4.77
C PHE A 468 39.94 36.61 4.96
N PRO A 469 41.15 36.69 5.53
CA PRO A 469 41.78 37.98 5.74
C PRO A 469 42.00 38.74 4.43
N GLY A 470 41.68 40.04 4.43
CA GLY A 470 41.81 40.87 3.25
C GLY A 470 40.54 40.91 2.40
N TRP A 471 39.46 40.34 2.91
CA TRP A 471 38.22 40.23 2.15
C TRP A 471 37.61 41.60 1.82
N ARG A 472 37.73 42.56 2.74
CA ARG A 472 37.13 43.88 2.53
C ARG A 472 37.71 44.55 1.28
N GLU A 473 39.01 44.47 1.11
CA GLU A 473 39.67 45.06 -0.04
C GLU A 473 39.25 44.36 -1.33
N LYS A 474 39.26 43.03 -1.30
CA LYS A 474 38.95 42.24 -2.47
C LYS A 474 37.49 42.35 -2.91
N LEU A 475 36.59 42.46 -1.95
CA LEU A 475 35.16 42.53 -2.26
C LEU A 475 34.65 43.96 -2.41
N GLY A 476 35.54 44.92 -2.19
CA GLY A 476 35.17 46.32 -2.29
C GLY A 476 34.17 46.70 -1.23
N VAL A 477 34.46 46.30 0.01
CA VAL A 477 33.58 46.58 1.14
C VAL A 477 34.23 47.64 2.04
N HIS A 478 33.40 48.37 2.78
CA HIS A 478 33.91 49.42 3.66
C HIS A 478 34.88 48.87 4.69
N LYS A 479 35.81 49.71 5.14
CA LYS A 479 36.83 49.32 6.10
C LYS A 479 36.21 48.98 7.46
N GLN B 23 -17.19 16.68 -27.93
CA GLN B 23 -16.31 16.31 -26.83
C GLN B 23 -14.85 16.23 -27.26
N SER B 24 -14.63 15.95 -28.54
CA SER B 24 -13.27 15.85 -29.08
C SER B 24 -12.50 17.15 -28.88
N ASN B 25 -13.15 18.28 -29.15
CA ASN B 25 -12.49 19.58 -29.04
C ASN B 25 -12.04 19.87 -27.61
N ARG B 26 -12.80 19.38 -26.64
CA ARG B 26 -12.50 19.65 -25.23
C ARG B 26 -11.60 18.59 -24.61
N TYR B 27 -11.87 17.32 -24.90
CA TYR B 27 -11.20 16.21 -24.22
C TYR B 27 -10.12 15.55 -25.08
N ALA B 28 -9.72 16.22 -26.16
CA ALA B 28 -8.60 15.75 -26.96
C ALA B 28 -7.75 16.92 -27.43
N ASP B 29 -6.44 16.77 -27.32
CA ASP B 29 -5.49 17.73 -27.86
C ASP B 29 -4.29 16.99 -28.41
N LEU B 30 -4.40 16.58 -29.67
CA LEU B 30 -3.37 15.74 -30.29
C LEU B 30 -2.12 16.54 -30.64
N SER B 31 -2.13 17.84 -30.34
CA SER B 31 -0.98 18.69 -30.59
C SER B 31 -0.06 18.74 -29.38
N LEU B 32 -0.52 18.15 -28.27
CA LEU B 32 0.32 18.05 -27.07
C LEU B 32 1.48 17.11 -27.32
N LYS B 33 2.66 17.51 -26.88
CA LYS B 33 3.86 16.67 -26.98
C LYS B 33 4.02 15.84 -25.72
N GLU B 34 4.16 14.54 -25.89
CA GLU B 34 4.33 13.64 -24.75
C GLU B 34 5.55 14.04 -23.94
N GLU B 35 6.59 14.50 -24.63
CA GLU B 35 7.82 14.94 -23.99
C GLU B 35 7.54 16.06 -22.99
N ASP B 36 6.66 16.98 -23.38
CA ASP B 36 6.30 18.09 -22.53
C ASP B 36 5.46 17.64 -21.34
N LEU B 37 4.52 16.72 -21.60
CA LEU B 37 3.66 16.19 -20.55
C LEU B 37 4.46 15.47 -19.48
N ILE B 38 5.50 14.75 -19.89
CA ILE B 38 6.35 14.04 -18.93
C ILE B 38 7.22 15.04 -18.17
N LYS B 39 7.84 15.96 -18.90
CA LYS B 39 8.72 16.96 -18.30
C LYS B 39 7.95 17.84 -17.31
N GLY B 40 6.69 18.12 -17.62
CA GLY B 40 5.85 18.92 -16.76
C GLY B 40 5.63 18.32 -15.39
N GLY B 41 5.45 17.00 -15.35
CA GLY B 41 5.27 16.29 -14.10
C GLY B 41 3.92 16.53 -13.45
N ASN B 42 2.97 17.03 -14.22
CA ASN B 42 1.65 17.37 -13.72
C ASN B 42 0.57 16.39 -14.12
N HIS B 43 0.94 15.33 -14.83
CA HIS B 43 -0.02 14.35 -15.31
C HIS B 43 0.43 12.91 -15.13
N ILE B 44 -0.52 12.04 -14.80
CA ILE B 44 -0.34 10.61 -14.98
C ILE B 44 -0.77 10.28 -16.40
N LEU B 45 0.14 9.68 -17.17
CA LEU B 45 -0.15 9.32 -18.55
C LEU B 45 -0.51 7.85 -18.59
N VAL B 46 -1.50 7.51 -19.43
CA VAL B 46 -1.95 6.13 -19.55
C VAL B 46 -2.12 5.77 -21.02
N ALA B 47 -1.56 4.64 -21.42
CA ALA B 47 -1.67 4.14 -22.78
C ALA B 47 -2.58 2.92 -22.83
N TYR B 48 -3.56 2.96 -23.74
CA TYR B 48 -4.53 1.88 -23.88
C TYR B 48 -4.49 1.27 -25.27
N THR B 49 -4.94 0.01 -25.36
CA THR B 49 -5.49 -0.50 -26.60
C THR B 49 -6.98 -0.17 -26.56
N MET B 50 -7.53 0.26 -27.69
CA MET B 50 -8.94 0.61 -27.74
C MET B 50 -9.53 0.35 -29.11
N GLU B 51 -10.73 -0.22 -29.10
CA GLU B 51 -11.50 -0.43 -30.33
C GLU B 51 -12.90 0.13 -30.11
N PRO B 52 -13.32 1.08 -30.96
CA PRO B 52 -14.67 1.63 -30.79
C PRO B 52 -15.75 0.69 -31.33
N ALA B 53 -16.98 0.86 -30.86
CA ALA B 53 -18.10 0.09 -31.37
C ALA B 53 -18.33 0.43 -32.84
N ALA B 54 -19.13 -0.39 -33.52
CA ALA B 54 -19.42 -0.19 -34.93
C ALA B 54 -20.04 1.18 -35.18
N GLY B 55 -19.53 1.89 -36.19
CA GLY B 55 -20.06 3.18 -36.57
C GLY B 55 -19.55 4.35 -35.74
N VAL B 56 -18.68 4.06 -34.77
CA VAL B 56 -18.13 5.09 -33.90
C VAL B 56 -16.71 5.46 -34.34
N GLY B 57 -16.46 6.76 -34.52
CA GLY B 57 -15.15 7.24 -34.90
C GLY B 57 -14.14 7.01 -33.79
N TYR B 58 -12.87 6.84 -34.17
CA TYR B 58 -11.86 6.48 -33.18
C TYR B 58 -11.57 7.63 -32.21
N LEU B 59 -11.39 8.83 -32.75
CA LEU B 59 -11.06 9.98 -31.90
C LEU B 59 -12.21 10.31 -30.96
N GLU B 60 -13.44 10.29 -31.49
CA GLU B 60 -14.60 10.63 -30.67
C GLU B 60 -14.79 9.58 -29.58
N ALA B 61 -14.41 8.34 -29.87
CA ALA B 61 -14.45 7.28 -28.86
C ALA B 61 -13.42 7.55 -27.77
N ALA B 62 -12.20 7.87 -28.20
CA ALA B 62 -11.11 8.17 -27.27
C ALA B 62 -11.47 9.36 -26.38
N ALA B 63 -12.01 10.40 -27.00
CA ALA B 63 -12.39 11.62 -26.28
C ALA B 63 -13.49 11.32 -25.27
N HIS B 64 -14.43 10.48 -25.66
CA HIS B 64 -15.54 10.10 -24.78
C HIS B 64 -15.02 9.33 -23.56
N ILE B 65 -14.07 8.44 -23.79
CA ILE B 65 -13.45 7.69 -22.71
C ILE B 65 -12.78 8.65 -21.72
N ALA B 66 -12.10 9.66 -22.26
CA ALA B 66 -11.40 10.64 -21.42
C ALA B 66 -12.39 11.41 -20.55
N ALA B 67 -13.53 11.79 -21.13
CA ALA B 67 -14.55 12.51 -20.39
C ALA B 67 -15.13 11.65 -19.27
N GLU B 68 -15.53 10.43 -19.60
CA GLU B 68 -16.10 9.52 -18.62
C GLU B 68 -15.09 9.09 -17.58
N SER B 69 -13.81 9.26 -17.88
CA SER B 69 -12.74 8.86 -16.98
C SER B 69 -12.21 10.05 -16.17
N SER B 70 -12.88 11.19 -16.26
CA SER B 70 -12.47 12.37 -15.51
C SER B 70 -13.65 13.26 -15.12
N THR B 71 -13.91 14.30 -15.91
CA THR B 71 -14.86 15.34 -15.52
C THR B 71 -16.24 15.16 -16.17
N GLY B 72 -16.36 14.17 -17.04
CA GLY B 72 -17.62 13.87 -17.68
C GLY B 72 -18.14 15.01 -18.55
N PHE B 83 -12.96 26.37 -14.23
CA PHE B 83 -12.05 25.68 -13.34
C PHE B 83 -12.01 24.19 -13.65
N THR B 84 -13.16 23.64 -14.01
CA THR B 84 -13.29 22.21 -14.29
C THR B 84 -12.38 21.79 -15.45
N LYS B 85 -12.13 22.72 -16.37
CA LYS B 85 -11.32 22.44 -17.55
C LYS B 85 -9.88 22.11 -17.18
N GLY B 86 -9.42 22.61 -16.04
CA GLY B 86 -8.05 22.41 -15.61
C GLY B 86 -7.74 20.99 -15.17
N VAL B 87 -8.78 20.21 -14.89
CA VAL B 87 -8.62 18.83 -14.44
C VAL B 87 -9.20 17.83 -15.44
N ASP B 88 -9.56 18.31 -16.63
CA ASP B 88 -10.00 17.41 -17.69
C ASP B 88 -8.89 16.44 -18.10
N ALA B 89 -9.24 15.18 -18.27
CA ALA B 89 -8.33 14.23 -18.89
C ALA B 89 -8.29 14.51 -20.40
N LEU B 90 -7.12 14.40 -20.99
CA LEU B 90 -6.93 14.74 -22.40
C LEU B 90 -6.29 13.62 -23.21
N VAL B 91 -6.94 13.25 -24.31
CA VAL B 91 -6.34 12.39 -25.31
C VAL B 91 -5.29 13.19 -26.07
N TYR B 92 -4.02 12.77 -25.98
CA TYR B 92 -2.93 13.48 -26.64
C TYR B 92 -2.32 12.68 -27.79
N PHE B 93 -2.76 11.44 -27.94
CA PHE B 93 -2.26 10.59 -29.02
C PHE B 93 -3.26 9.49 -29.37
N ILE B 94 -3.44 9.26 -30.66
CA ILE B 94 -4.20 8.12 -31.14
C ILE B 94 -3.53 7.51 -32.37
N ASP B 95 -3.64 6.18 -32.49
CA ASP B 95 -3.25 5.47 -33.70
C ASP B 95 -4.38 4.50 -34.05
N GLU B 96 -5.27 4.94 -34.93
CA GLU B 96 -6.45 4.15 -35.27
C GLU B 96 -6.09 2.82 -35.89
N ALA B 97 -5.03 2.82 -36.71
CA ALA B 97 -4.58 1.61 -37.38
C ALA B 97 -4.07 0.57 -36.39
N LYS B 98 -3.30 1.02 -35.40
CA LYS B 98 -2.74 0.13 -34.39
C LYS B 98 -3.68 -0.03 -33.21
N GLY B 99 -4.73 0.76 -33.18
CA GLY B 99 -5.72 0.69 -32.11
C GLY B 99 -5.15 1.13 -30.78
N ILE B 100 -4.38 2.21 -30.79
CA ILE B 100 -3.77 2.74 -29.57
C ILE B 100 -4.29 4.14 -29.26
N MET B 101 -4.49 4.42 -27.97
CA MET B 101 -4.82 5.77 -27.50
C MET B 101 -4.11 6.07 -26.19
N LYS B 102 -3.70 7.32 -26.01
CA LYS B 102 -2.99 7.73 -24.80
C LYS B 102 -3.66 8.95 -24.18
N VAL B 103 -3.83 8.90 -22.86
CA VAL B 103 -4.56 9.94 -22.14
C VAL B 103 -3.70 10.55 -21.03
N ALA B 104 -3.81 11.87 -20.89
CA ALA B 104 -3.13 12.59 -19.82
C ALA B 104 -4.13 12.95 -18.73
N TYR B 105 -3.89 12.42 -17.53
CA TYR B 105 -4.74 12.67 -16.37
C TYR B 105 -4.08 13.66 -15.42
N PRO B 106 -4.65 14.87 -15.28
CA PRO B 106 -4.08 15.80 -14.29
C PRO B 106 -4.00 15.19 -12.89
N ASN B 107 -2.88 15.39 -12.22
CA ASN B 107 -2.62 14.79 -10.91
C ASN B 107 -3.71 15.08 -9.88
N ASP B 108 -4.32 16.26 -9.96
CA ASP B 108 -5.30 16.69 -8.97
C ASP B 108 -6.59 15.88 -9.03
N LEU B 109 -6.77 15.10 -10.08
CA LEU B 109 -7.95 14.25 -10.21
C LEU B 109 -8.00 13.15 -9.16
N PHE B 110 -6.83 12.69 -8.75
CA PHE B 110 -6.73 11.48 -7.94
C PHE B 110 -6.95 11.73 -6.45
N ASP B 111 -7.68 10.83 -5.83
CA ASP B 111 -8.10 10.98 -4.44
C ASP B 111 -6.90 10.96 -3.49
N ARG B 112 -7.05 11.66 -2.37
CA ARG B 112 -5.98 11.80 -1.38
C ARG B 112 -6.51 11.45 0.01
N ASN B 113 -5.72 10.75 0.81
CA ASN B 113 -6.12 10.47 2.19
C ASN B 113 -6.28 11.74 3.00
N VAL B 114 -7.36 11.85 3.77
CA VAL B 114 -7.50 12.94 4.72
C VAL B 114 -6.54 12.74 5.88
N THR B 115 -6.20 11.49 6.15
CA THR B 115 -5.35 11.16 7.30
C THR B 115 -3.89 11.55 7.09
N ASP B 116 -3.35 11.30 5.89
CA ASP B 116 -1.92 11.50 5.66
C ASP B 116 -1.57 11.99 4.25
N GLY B 117 -2.57 12.39 3.48
CA GLY B 117 -2.34 13.04 2.19
C GLY B 117 -1.85 12.14 1.08
N ARG B 118 -1.62 10.86 1.35
CA ARG B 118 -1.10 9.97 0.33
C ARG B 118 -2.17 9.66 -0.73
N VAL B 119 -1.71 9.35 -1.95
CA VAL B 119 -2.64 8.91 -3.00
C VAL B 119 -3.00 7.45 -2.79
N MET B 120 -4.00 6.98 -3.52
CA MET B 120 -4.50 5.63 -3.35
C MET B 120 -4.70 4.97 -4.71
N ILE B 121 -4.30 3.71 -4.81
CA ILE B 121 -4.33 3.00 -6.08
C ILE B 121 -5.76 2.78 -6.55
N VAL B 122 -6.70 2.71 -5.59
CA VAL B 122 -8.09 2.45 -5.94
C VAL B 122 -8.66 3.63 -6.74
N SER B 123 -8.14 4.82 -6.48
CA SER B 123 -8.53 6.02 -7.22
C SER B 123 -8.00 5.97 -8.64
N PHE B 124 -6.76 5.50 -8.78
CA PHE B 124 -6.16 5.31 -10.10
C PHE B 124 -6.99 4.34 -10.92
N LEU B 125 -7.45 3.26 -10.29
CA LEU B 125 -8.26 2.26 -10.96
C LEU B 125 -9.65 2.79 -11.30
N THR B 126 -10.27 3.48 -10.35
CA THR B 126 -11.61 4.02 -10.54
C THR B 126 -11.69 4.93 -11.77
N LEU B 127 -10.75 5.86 -11.86
CA LEU B 127 -10.74 6.83 -12.94
C LEU B 127 -10.26 6.26 -14.27
N CYS B 128 -9.11 5.59 -14.25
CA CYS B 128 -8.42 5.22 -15.48
C CYS B 128 -8.89 3.90 -16.10
N ILE B 129 -9.57 3.06 -15.33
CA ILE B 129 -10.05 1.79 -15.86
C ILE B 129 -11.35 1.34 -15.18
N GLY B 130 -12.15 2.32 -14.78
CA GLY B 130 -13.42 2.06 -14.12
C GLY B 130 -14.59 2.05 -15.09
N ASN B 131 -15.39 3.11 -15.07
CA ASN B 131 -16.58 3.21 -15.91
C ASN B 131 -16.32 3.04 -17.40
N ASN B 132 -15.10 3.32 -17.83
CA ASN B 132 -14.78 3.24 -19.26
C ASN B 132 -14.76 1.80 -19.76
N GLN B 133 -14.90 0.86 -18.84
CA GLN B 133 -14.96 -0.56 -19.18
C GLN B 133 -16.38 -1.02 -19.50
N GLY B 134 -17.35 -0.14 -19.31
CA GLY B 134 -18.75 -0.47 -19.52
C GLY B 134 -19.47 0.47 -20.47
N MET B 135 -18.71 1.21 -21.26
CA MET B 135 -19.30 2.16 -22.20
C MET B 135 -19.84 1.46 -23.45
N GLY B 136 -21.05 1.87 -23.86
CA GLY B 136 -21.73 1.22 -24.96
C GLY B 136 -21.11 1.47 -26.32
N ASP B 137 -20.42 2.60 -26.46
CA ASP B 137 -19.81 2.97 -27.74
C ASP B 137 -18.36 2.49 -27.84
N ILE B 138 -17.92 1.73 -26.84
CA ILE B 138 -16.57 1.16 -26.83
C ILE B 138 -16.63 -0.36 -26.86
N ALA B 139 -16.01 -0.96 -27.87
CA ALA B 139 -15.98 -2.41 -28.00
C ALA B 139 -15.07 -3.03 -26.94
N ASN B 140 -13.89 -2.47 -26.79
CA ASN B 140 -12.96 -2.93 -25.76
C ASN B 140 -11.90 -1.86 -25.44
N LEU B 141 -11.35 -1.96 -24.24
CA LEU B 141 -10.39 -0.97 -23.75
C LEU B 141 -9.53 -1.60 -22.65
N GLN B 142 -8.22 -1.66 -22.90
CA GLN B 142 -7.30 -2.26 -21.94
C GLN B 142 -6.06 -1.40 -21.73
N MET B 143 -5.69 -1.19 -20.47
CA MET B 143 -4.49 -0.43 -20.13
C MET B 143 -3.23 -1.27 -20.39
N GLN B 144 -2.27 -0.67 -21.09
CA GLN B 144 -1.03 -1.35 -21.44
C GLN B 144 0.16 -0.86 -20.62
N ASP B 145 0.09 0.39 -20.19
CA ASP B 145 1.20 1.04 -19.50
C ASP B 145 0.72 2.37 -18.93
N PHE B 146 1.45 2.88 -17.95
CA PHE B 146 1.16 4.20 -17.42
C PHE B 146 2.44 4.84 -16.90
N TYR B 147 2.45 6.18 -16.89
CA TYR B 147 3.57 6.94 -16.38
C TYR B 147 3.18 7.67 -15.09
N VAL B 148 4.00 7.50 -14.06
CA VAL B 148 3.78 8.17 -12.78
C VAL B 148 4.82 9.28 -12.62
N PRO B 149 4.37 10.53 -12.53
CA PRO B 149 5.35 11.62 -12.37
C PRO B 149 5.92 11.66 -10.96
N PRO B 150 7.03 12.39 -10.77
CA PRO B 150 7.73 12.46 -9.47
C PRO B 150 6.82 12.72 -8.27
N ARG B 151 5.95 13.72 -8.33
CA ARG B 151 5.16 14.08 -7.16
C ARG B 151 4.18 12.98 -6.77
N MET B 152 3.55 12.35 -7.76
CA MET B 152 2.63 11.25 -7.50
C MET B 152 3.38 10.07 -6.90
N LEU B 153 4.59 9.83 -7.42
CA LEU B 153 5.43 8.74 -6.93
C LEU B 153 5.78 8.96 -5.47
N GLN B 154 6.02 10.22 -5.10
CA GLN B 154 6.33 10.59 -3.73
C GLN B 154 5.18 10.30 -2.77
N LEU B 155 3.97 10.16 -3.32
CA LEU B 155 2.77 10.04 -2.50
C LEU B 155 2.20 8.62 -2.45
N PHE B 156 2.86 7.68 -3.11
CA PHE B 156 2.53 6.27 -2.99
C PHE B 156 3.35 5.65 -1.86
N ASP B 157 2.82 4.61 -1.22
CA ASP B 157 3.52 3.97 -0.11
C ASP B 157 4.86 3.37 -0.55
N GLY B 158 4.84 2.60 -1.63
CA GLY B 158 6.02 1.89 -2.07
C GLY B 158 6.33 0.77 -1.10
N PRO B 159 7.25 -0.14 -1.47
CA PRO B 159 7.57 -1.25 -0.56
C PRO B 159 8.36 -0.80 0.66
N ALA B 160 8.18 -1.51 1.78
CA ALA B 160 8.93 -1.25 2.99
C ALA B 160 9.97 -2.36 3.20
N LYS B 161 9.75 -3.48 2.52
CA LYS B 161 10.66 -4.61 2.57
C LYS B 161 10.88 -5.12 1.15
N ASP B 162 12.02 -5.77 0.91
CA ASP B 162 12.33 -6.33 -0.40
C ASP B 162 13.22 -7.56 -0.24
N ILE B 163 13.68 -8.11 -1.36
CA ILE B 163 14.43 -9.36 -1.35
C ILE B 163 15.73 -9.25 -0.55
N SER B 164 16.31 -8.07 -0.48
CA SER B 164 17.57 -7.89 0.24
C SER B 164 17.39 -8.20 1.73
N ASP B 165 16.18 -7.99 2.23
CA ASP B 165 15.88 -8.30 3.62
C ASP B 165 15.88 -9.81 3.84
N LEU B 166 15.46 -10.55 2.82
CA LEU B 166 15.48 -12.00 2.87
C LEU B 166 16.91 -12.53 2.71
N TRP B 167 17.65 -11.93 1.78
CA TRP B 167 19.06 -12.27 1.60
C TRP B 167 19.82 -12.09 2.90
N ARG B 168 19.55 -10.98 3.60
CA ARG B 168 20.22 -10.67 4.86
C ARG B 168 19.97 -11.78 5.88
N ILE B 169 18.71 -12.19 6.02
CA ILE B 169 18.35 -13.26 6.94
C ILE B 169 19.08 -14.56 6.58
N LEU B 170 19.17 -14.84 5.29
CA LEU B 170 19.76 -16.08 4.80
C LEU B 170 21.29 -16.05 4.81
N GLY B 171 21.86 -14.90 5.18
CA GLY B 171 23.31 -14.78 5.26
C GLY B 171 23.97 -14.63 3.90
N ARG B 172 23.20 -14.14 2.93
CA ARG B 172 23.69 -13.94 1.57
C ARG B 172 23.84 -12.46 1.28
N PRO B 173 24.65 -12.11 0.27
CA PRO B 173 24.90 -10.70 -0.06
C PRO B 173 23.61 -9.90 -0.26
N VAL B 174 23.50 -8.76 0.40
CA VAL B 174 22.30 -7.94 0.29
C VAL B 174 22.21 -7.28 -1.08
N LYS B 175 23.30 -7.34 -1.84
CA LYS B 175 23.31 -6.97 -3.25
C LYS B 175 23.56 -8.22 -4.09
N ASP B 176 22.65 -8.50 -5.01
CA ASP B 176 22.77 -9.68 -5.87
C ASP B 176 22.95 -10.95 -5.05
N GLY B 177 22.10 -11.14 -4.04
CA GLY B 177 22.16 -12.32 -3.21
C GLY B 177 21.73 -13.57 -3.95
N GLY B 178 21.07 -13.36 -5.10
CA GLY B 178 20.77 -14.45 -6.00
C GLY B 178 19.51 -15.24 -5.68
N TYR B 179 19.52 -16.50 -6.12
CA TYR B 179 18.36 -17.37 -6.13
C TYR B 179 17.88 -17.78 -4.75
N ILE B 180 16.57 -17.62 -4.50
CA ILE B 180 15.95 -18.11 -3.28
C ILE B 180 15.03 -19.28 -3.62
N SER B 181 15.39 -20.47 -3.16
CA SER B 181 14.65 -21.68 -3.47
C SER B 181 13.41 -21.78 -2.61
N GLY B 182 12.30 -22.19 -3.22
CA GLY B 182 11.06 -22.35 -2.48
C GLY B 182 10.11 -23.37 -3.06
N THR B 183 8.93 -23.49 -2.44
CA THR B 183 7.93 -24.45 -2.87
C THR B 183 6.56 -24.15 -2.25
N ILE B 184 5.55 -24.86 -2.75
CA ILE B 184 4.25 -24.94 -2.09
C ILE B 184 4.08 -26.38 -1.64
N ILE B 185 3.55 -26.58 -0.44
CA ILE B 185 3.32 -27.93 0.07
C ILE B 185 2.22 -28.61 -0.74
N LYS B 186 2.45 -29.88 -1.09
CA LYS B 186 1.50 -30.65 -1.89
C LYS B 186 0.94 -31.83 -1.07
N PRO B 187 -0.39 -32.05 -1.13
CA PRO B 187 -1.41 -31.31 -1.88
C PRO B 187 -1.60 -29.89 -1.35
N LYS B 188 -2.10 -29.00 -2.20
CA LYS B 188 -2.16 -27.59 -1.89
C LYS B 188 -3.25 -27.30 -0.84
N LEU B 189 -4.34 -28.06 -0.90
CA LEU B 189 -5.34 -28.06 0.17
C LEU B 189 -5.70 -29.49 0.56
N GLY B 190 -5.95 -29.71 1.84
CA GLY B 190 -6.43 -31.00 2.31
C GLY B 190 -5.59 -31.66 3.39
N LEU B 191 -4.33 -31.25 3.53
CA LEU B 191 -3.46 -31.85 4.53
C LEU B 191 -3.85 -31.39 5.94
N ARG B 192 -3.82 -32.33 6.87
CA ARG B 192 -4.06 -32.03 8.27
C ARG B 192 -2.82 -31.36 8.84
N PRO B 193 -2.91 -30.80 10.05
CA PRO B 193 -1.79 -30.04 10.63
C PRO B 193 -0.47 -30.81 10.70
N GLU B 194 -0.46 -32.01 11.27
CA GLU B 194 0.79 -32.75 11.45
C GLU B 194 1.41 -33.14 10.10
N PRO B 195 0.62 -33.70 9.17
CA PRO B 195 1.17 -33.98 7.84
C PRO B 195 1.74 -32.74 7.15
N PHE B 196 1.06 -31.61 7.26
CA PHE B 196 1.54 -30.38 6.65
C PHE B 196 2.88 -29.96 7.25
N ALA B 197 2.98 -29.99 8.56
CA ALA B 197 4.19 -29.57 9.25
C ALA B 197 5.37 -30.48 8.93
N LYS B 198 5.10 -31.79 8.81
CA LYS B 198 6.15 -32.74 8.47
C LYS B 198 6.71 -32.47 7.09
N ALA B 199 5.83 -32.16 6.14
CA ALA B 199 6.25 -31.86 4.77
C ALA B 199 7.09 -30.58 4.74
N ALA B 200 6.72 -29.60 5.55
CA ALA B 200 7.46 -28.34 5.61
C ALA B 200 8.88 -28.58 6.12
N TYR B 201 9.00 -29.36 7.19
CA TYR B 201 10.30 -29.70 7.73
C TYR B 201 11.17 -30.38 6.69
N GLN B 202 10.60 -31.35 5.98
CA GLN B 202 11.33 -32.12 4.98
C GLN B 202 11.87 -31.24 3.87
N PHE B 203 11.09 -30.28 3.41
CA PHE B 203 11.55 -29.37 2.37
C PHE B 203 12.63 -28.45 2.89
N TRP B 204 12.41 -27.90 4.08
CA TRP B 204 13.33 -26.90 4.65
C TRP B 204 14.72 -27.47 4.91
N LEU B 205 14.84 -28.79 4.95
CA LEU B 205 16.15 -29.41 5.10
C LEU B 205 17.05 -29.09 3.90
N GLY B 206 16.43 -28.69 2.79
CA GLY B 206 17.16 -28.38 1.58
C GLY B 206 16.86 -27.01 1.00
N GLY B 207 15.66 -26.51 1.26
CA GLY B 207 15.20 -25.26 0.66
C GLY B 207 15.04 -24.13 1.65
N ASP B 208 14.84 -22.92 1.13
CA ASP B 208 14.75 -21.71 1.95
C ASP B 208 13.33 -21.33 2.34
N PHE B 209 12.43 -21.41 1.37
CA PHE B 209 11.18 -20.64 1.38
C PHE B 209 9.95 -21.52 1.17
N ILE B 210 8.99 -21.46 2.09
CA ILE B 210 7.71 -22.14 1.93
C ILE B 210 6.57 -21.14 2.04
N KCX B 211 5.59 -21.27 1.16
CA KCX B 211 4.40 -20.43 1.20
CB KCX B 211 4.28 -19.46 0.02
CG KCX B 211 4.85 -19.95 -1.32
CD KCX B 211 3.75 -20.16 -2.35
CE KCX B 211 3.09 -18.85 -2.79
NZ KCX B 211 1.73 -19.08 -3.22
C KCX B 211 3.16 -21.28 1.21
O KCX B 211 3.14 -22.37 0.60
CX KCX B 211 1.45 -19.85 -4.26
OQ1 KCX B 211 2.10 -19.84 -5.29
OQ2 KCX B 211 0.41 -20.70 -4.19
HA KCX B 211 4.42 -19.83 2.12
HB2 KCX B 211 4.78 -18.53 0.28
HB3 KCX B 211 3.23 -19.23 -0.13
HG2 KCX B 211 5.38 -20.89 -1.16
HG3 KCX B 211 5.57 -19.22 -1.69
HD2 KCX B 211 2.99 -20.82 -1.94
HD3 KCX B 211 4.18 -20.64 -3.23
HE2 KCX B 211 3.66 -18.41 -3.61
HE3 KCX B 211 3.10 -18.14 -1.95
N ASN B 212 2.13 -20.80 1.91
CA ASN B 212 0.80 -21.34 1.78
C ASN B 212 0.34 -21.28 0.33
N ASP B 213 -0.47 -22.24 -0.08
CA ASP B 213 -1.18 -22.08 -1.34
C ASP B 213 -2.16 -20.93 -1.13
N GLU B 214 -2.59 -20.29 -2.21
CA GLU B 214 -3.39 -19.07 -2.10
C GLU B 214 -4.70 -19.21 -1.31
N PRO B 215 -5.35 -20.40 -1.34
CA PRO B 215 -6.62 -20.51 -0.62
C PRO B 215 -6.45 -21.08 0.80
N GLN B 216 -5.23 -21.49 1.12
CA GLN B 216 -4.97 -22.18 2.37
C GLN B 216 -4.96 -21.20 3.53
N GLY B 217 -5.82 -21.44 4.52
CA GLY B 217 -5.95 -20.54 5.66
C GLY B 217 -6.37 -21.24 6.94
N ASN B 218 -7.65 -21.10 7.30
CA ASN B 218 -8.18 -21.65 8.55
C ASN B 218 -9.34 -22.60 8.28
N GLN B 219 -9.20 -23.46 7.28
CA GLN B 219 -10.20 -24.49 7.01
C GLN B 219 -10.35 -25.39 8.23
N VAL B 220 -11.55 -25.96 8.40
CA VAL B 220 -11.86 -26.73 9.59
C VAL B 220 -11.00 -27.99 9.73
N PHE B 221 -10.45 -28.47 8.61
CA PHE B 221 -9.62 -29.67 8.65
C PHE B 221 -8.15 -29.33 8.89
N CYS B 222 -7.82 -28.05 8.94
CA CYS B 222 -6.46 -27.63 9.22
C CYS B 222 -6.44 -26.21 9.82
N PRO B 223 -6.95 -26.07 11.06
CA PRO B 223 -7.07 -24.77 11.71
C PRO B 223 -5.72 -24.10 11.95
N ILE B 224 -5.68 -22.77 11.81
CA ILE B 224 -4.45 -22.02 11.98
C ILE B 224 -3.83 -22.24 13.37
N LYS B 225 -4.66 -22.26 14.40
CA LYS B 225 -4.16 -22.39 15.77
C LYS B 225 -3.48 -23.74 16.00
N LYS B 226 -3.84 -24.72 15.17
CA LYS B 226 -3.25 -26.05 15.27
C LYS B 226 -1.98 -26.18 14.44
N VAL B 227 -2.05 -25.80 13.17
CA VAL B 227 -0.98 -26.09 12.23
C VAL B 227 0.21 -25.14 12.39
N LEU B 228 -0.06 -23.87 12.70
CA LEU B 228 0.99 -22.87 12.68
C LEU B 228 2.07 -23.12 13.76
N PRO B 229 1.66 -23.50 14.98
CA PRO B 229 2.69 -23.85 15.97
C PRO B 229 3.51 -25.06 15.54
N LEU B 230 2.89 -26.00 14.82
CA LEU B 230 3.58 -27.17 14.32
C LEU B 230 4.55 -26.82 13.19
N VAL B 231 4.15 -25.86 12.35
CA VAL B 231 5.01 -25.40 11.26
C VAL B 231 6.24 -24.70 11.83
N TYR B 232 6.04 -23.90 12.88
CA TYR B 232 7.17 -23.21 13.50
C TYR B 232 8.15 -24.20 14.11
N ASP B 233 7.63 -25.25 14.72
CA ASP B 233 8.48 -26.32 15.25
C ASP B 233 9.32 -26.93 14.13
N SER B 234 8.70 -27.10 12.96
CA SER B 234 9.42 -27.63 11.81
C SER B 234 10.51 -26.66 11.36
N LEU B 235 10.21 -25.37 11.40
CA LEU B 235 11.18 -24.35 11.00
C LEU B 235 12.36 -24.32 11.96
N LYS B 236 12.07 -24.34 13.26
CA LYS B 236 13.12 -24.39 14.27
C LYS B 236 13.99 -25.62 14.12
N ARG B 237 13.36 -26.78 13.94
CA ARG B 237 14.09 -28.03 13.82
C ARG B 237 15.00 -28.03 12.60
N ALA B 238 14.49 -27.52 11.49
CA ALA B 238 15.27 -27.47 10.25
C ALA B 238 16.44 -26.48 10.38
N GLN B 239 16.18 -25.35 11.01
CA GLN B 239 17.23 -24.36 11.25
C GLN B 239 18.34 -24.93 12.12
N ASP B 240 17.95 -25.62 13.20
CA ASP B 240 18.92 -26.17 14.14
C ASP B 240 19.79 -27.25 13.48
N GLU B 241 19.18 -28.05 12.61
CA GLU B 241 19.87 -29.17 11.99
C GLU B 241 20.73 -28.75 10.81
N THR B 242 20.30 -27.72 10.08
CA THR B 242 21.03 -27.27 8.90
C THR B 242 21.97 -26.11 9.23
N GLY B 243 21.69 -25.40 10.31
CA GLY B 243 22.46 -24.22 10.66
C GLY B 243 22.18 -23.07 9.71
N GLN B 244 21.08 -23.17 8.97
CA GLN B 244 20.68 -22.14 8.00
C GLN B 244 19.30 -21.59 8.33
N ALA B 245 19.11 -20.30 8.08
CA ALA B 245 17.83 -19.65 8.33
C ALA B 245 16.79 -20.11 7.32
N LYS B 246 15.52 -20.13 7.76
CA LYS B 246 14.42 -20.53 6.90
C LYS B 246 13.32 -19.48 6.88
N LEU B 247 12.49 -19.52 5.84
CA LEU B 247 11.47 -18.51 5.62
C LEU B 247 10.11 -19.14 5.41
N PHE B 248 9.07 -18.52 5.94
CA PHE B 248 7.70 -18.98 5.78
C PHE B 248 6.77 -17.83 5.42
N SER B 249 5.99 -18.02 4.36
CA SER B 249 5.05 -17.02 3.90
C SER B 249 3.62 -17.46 4.17
N MET B 250 2.96 -16.79 5.11
CA MET B 250 1.64 -17.21 5.56
C MET B 250 0.53 -16.38 4.92
N ASN B 251 -0.52 -17.07 4.46
CA ASN B 251 -1.70 -16.41 3.92
C ASN B 251 -2.51 -15.76 5.04
N ILE B 252 -2.69 -14.44 4.95
CA ILE B 252 -3.53 -13.72 5.90
C ILE B 252 -4.71 -13.06 5.20
N THR B 253 -4.98 -13.46 3.97
CA THR B 253 -6.09 -12.94 3.18
C THR B 253 -7.43 -13.17 3.89
N ALA B 254 -8.24 -12.11 4.00
CA ALA B 254 -9.55 -12.21 4.59
C ALA B 254 -10.39 -10.97 4.30
N ASP B 255 -11.70 -11.16 4.20
CA ASP B 255 -12.64 -10.04 4.01
C ASP B 255 -12.47 -8.99 5.09
N ASP B 256 -12.47 -9.44 6.34
CA ASP B 256 -12.42 -8.56 7.49
C ASP B 256 -10.99 -8.13 7.81
N HIS B 257 -10.77 -6.83 7.80
CA HIS B 257 -9.48 -6.22 8.17
C HIS B 257 -8.96 -6.79 9.48
N TYR B 258 -9.85 -6.93 10.46
CA TYR B 258 -9.44 -7.37 11.79
C TYR B 258 -9.19 -8.88 11.84
N GLU B 259 -9.73 -9.62 10.87
CA GLU B 259 -9.38 -11.03 10.72
C GLU B 259 -7.95 -11.15 10.21
N MET B 260 -7.59 -10.31 9.23
CA MET B 260 -6.23 -10.26 8.73
C MET B 260 -5.25 -9.99 9.86
N CYS B 261 -5.56 -9.00 10.68
CA CYS B 261 -4.69 -8.59 11.77
C CYS B 261 -4.61 -9.66 12.86
N ALA B 262 -5.70 -10.38 13.07
CA ALA B 262 -5.70 -11.47 14.05
C ALA B 262 -4.76 -12.59 13.62
N ARG B 263 -4.79 -12.95 12.34
CA ARG B 263 -3.91 -13.99 11.82
C ARG B 263 -2.46 -13.53 11.86
N ALA B 264 -2.23 -12.28 11.46
CA ALA B 264 -0.88 -11.72 11.47
C ALA B 264 -0.31 -11.68 12.88
N ASP B 265 -1.09 -11.19 13.84
CA ASP B 265 -0.64 -11.10 15.22
C ASP B 265 -0.30 -12.49 15.78
N PHE B 266 -1.18 -13.45 15.54
CA PHE B 266 -0.96 -14.80 16.04
C PHE B 266 0.29 -15.42 15.42
N ALA B 267 0.51 -15.15 14.14
CA ALA B 267 1.66 -15.69 13.42
C ALA B 267 2.97 -15.18 14.02
N LEU B 268 3.05 -13.88 14.26
CA LEU B 268 4.27 -13.27 14.77
C LEU B 268 4.54 -13.71 16.20
N GLU B 269 3.47 -13.80 16.99
CA GLU B 269 3.59 -14.27 18.36
C GLU B 269 4.08 -15.71 18.40
N THR B 270 3.53 -16.54 17.49
CA THR B 270 3.89 -17.95 17.43
C THR B 270 5.37 -18.16 17.09
N PHE B 271 5.87 -17.39 16.12
CA PHE B 271 7.22 -17.56 15.64
C PHE B 271 8.26 -16.91 16.54
N GLY B 272 7.79 -16.05 17.46
CA GLY B 272 8.63 -15.46 18.49
C GLY B 272 9.96 -14.91 17.99
N PRO B 273 11.08 -15.50 18.44
CA PRO B 273 12.39 -14.94 18.06
C PRO B 273 12.71 -15.05 16.57
N ASP B 274 11.88 -15.76 15.83
CA ASP B 274 12.03 -15.92 14.38
C ASP B 274 10.94 -15.20 13.59
N ALA B 275 10.20 -14.31 14.25
CA ALA B 275 9.02 -13.69 13.64
C ALA B 275 9.37 -12.82 12.44
N ASP B 276 10.61 -12.35 12.35
CA ASP B 276 11.04 -11.56 11.20
C ASP B 276 11.11 -12.41 9.93
N LYS B 277 11.08 -13.73 10.10
CA LYS B 277 11.17 -14.66 8.98
C LYS B 277 9.79 -15.04 8.44
N VAL B 278 8.74 -14.46 9.01
CA VAL B 278 7.38 -14.70 8.52
C VAL B 278 6.99 -13.63 7.50
N ALA B 279 6.74 -14.06 6.27
CA ALA B 279 6.18 -13.18 5.26
C ALA B 279 4.67 -13.33 5.25
N PHE B 280 3.98 -12.26 4.87
CA PHE B 280 2.52 -12.29 4.80
C PHE B 280 2.04 -12.34 3.35
N LEU B 281 1.35 -13.41 3.02
CA LEU B 281 0.82 -13.60 1.67
C LEU B 281 -0.59 -13.03 1.59
N VAL B 282 -0.82 -12.21 0.57
CA VAL B 282 -2.12 -11.61 0.33
C VAL B 282 -2.55 -11.87 -1.10
N ASP B 283 -3.76 -12.41 -1.27
CA ASP B 283 -4.35 -12.59 -2.59
C ASP B 283 -4.83 -11.23 -3.08
N GLY B 284 -3.91 -10.45 -3.62
CA GLY B 284 -4.14 -9.04 -3.90
C GLY B 284 -5.06 -8.70 -5.05
N PHE B 285 -5.14 -9.56 -6.06
CA PHE B 285 -5.99 -9.26 -7.21
C PHE B 285 -7.45 -9.48 -6.84
N VAL B 286 -7.72 -10.67 -6.32
CA VAL B 286 -9.07 -11.03 -5.90
C VAL B 286 -9.46 -10.33 -4.59
N GLY B 287 -8.46 -10.04 -3.76
CA GLY B 287 -8.70 -9.41 -2.47
C GLY B 287 -8.85 -7.90 -2.58
N GLY B 288 -8.12 -7.31 -3.51
CA GLY B 288 -8.23 -5.88 -3.78
C GLY B 288 -7.24 -5.06 -2.97
N PRO B 289 -7.08 -3.77 -3.34
CA PRO B 289 -6.14 -2.85 -2.69
C PRO B 289 -6.29 -2.73 -1.17
N GLY B 290 -7.50 -2.92 -0.66
CA GLY B 290 -7.75 -2.82 0.77
C GLY B 290 -6.91 -3.82 1.56
N MET B 291 -6.87 -5.05 1.08
CA MET B 291 -6.16 -6.11 1.78
C MET B 291 -4.66 -5.93 1.68
N VAL B 292 -4.19 -5.50 0.51
CA VAL B 292 -2.77 -5.28 0.30
C VAL B 292 -2.29 -4.18 1.25
N THR B 293 -3.05 -3.10 1.35
CA THR B 293 -2.65 -1.96 2.17
C THR B 293 -2.74 -2.30 3.66
N THR B 294 -3.67 -3.19 4.03
CA THR B 294 -3.77 -3.64 5.41
C THR B 294 -2.47 -4.31 5.85
N ALA B 295 -1.94 -5.20 5.01
CA ALA B 295 -0.68 -5.84 5.31
C ALA B 295 0.47 -4.83 5.29
N ARG B 296 0.48 -4.00 4.24
CA ARG B 296 1.57 -3.05 4.03
C ARG B 296 1.66 -2.00 5.14
N ARG B 297 0.52 -1.48 5.57
CA ARG B 297 0.53 -0.38 6.54
C ARG B 297 0.51 -0.85 7.99
N GLN B 298 -0.13 -1.97 8.28
CA GLN B 298 -0.19 -2.45 9.66
C GLN B 298 0.99 -3.36 10.01
N TYR B 299 1.62 -3.94 9.00
CA TYR B 299 2.76 -4.84 9.23
C TYR B 299 3.87 -4.59 8.22
N PRO B 300 4.35 -3.33 8.15
CA PRO B 300 5.38 -2.94 7.17
C PRO B 300 6.71 -3.65 7.35
N SER B 301 6.98 -4.14 8.57
CA SER B 301 8.25 -4.79 8.86
C SER B 301 8.23 -6.27 8.49
N GLN B 302 7.10 -6.74 7.95
CA GLN B 302 7.00 -8.10 7.45
C GLN B 302 6.94 -8.09 5.92
N TYR B 303 7.76 -8.94 5.30
CA TYR B 303 7.78 -9.06 3.85
C TYR B 303 6.37 -9.34 3.30
N LEU B 304 5.95 -8.53 2.35
CA LEU B 304 4.59 -8.61 1.80
C LEU B 304 4.58 -9.36 0.47
N HIS B 305 3.95 -10.52 0.47
CA HIS B 305 3.94 -11.42 -0.67
C HIS B 305 2.61 -11.32 -1.41
N TYR B 306 2.64 -10.70 -2.58
CA TYR B 306 1.44 -10.49 -3.40
C TYR B 306 1.20 -11.70 -4.29
N HIS B 307 0.09 -12.40 -4.04
CA HIS B 307 -0.33 -13.51 -4.91
C HIS B 307 -1.44 -13.02 -5.83
N ARG B 308 -1.26 -13.20 -7.13
CA ARG B 308 -2.13 -12.57 -8.11
C ARG B 308 -3.21 -13.51 -8.64
N ALA B 309 -3.58 -14.52 -7.86
CA ALA B 309 -4.64 -15.47 -8.26
C ALA B 309 -5.88 -14.73 -8.76
N GLY B 310 -6.37 -15.14 -9.93
CA GLY B 310 -7.53 -14.53 -10.54
C GLY B 310 -7.22 -13.56 -11.67
N HIS B 311 -5.99 -13.04 -11.67
CA HIS B 311 -5.59 -11.99 -12.60
C HIS B 311 -5.86 -12.34 -14.06
N GLY B 312 -5.81 -13.62 -14.38
CA GLY B 312 -5.96 -14.08 -15.76
C GLY B 312 -7.26 -13.65 -16.42
N MET B 313 -8.25 -13.29 -15.62
CA MET B 313 -9.55 -12.92 -16.16
C MET B 313 -9.47 -11.63 -16.98
N VAL B 314 -8.41 -10.84 -16.79
CA VAL B 314 -8.19 -9.64 -17.59
C VAL B 314 -6.79 -9.57 -18.21
N THR B 315 -5.81 -10.24 -17.61
CA THR B 315 -4.44 -10.13 -18.08
C THR B 315 -4.09 -11.13 -19.17
N SER B 316 -4.98 -12.09 -19.42
CA SER B 316 -4.74 -13.11 -20.44
C SER B 316 -4.45 -12.48 -21.80
N PRO B 317 -3.58 -13.11 -22.60
CA PRO B 317 -3.31 -12.59 -23.95
C PRO B 317 -4.57 -12.44 -24.80
N SER B 318 -5.58 -13.27 -24.53
CA SER B 318 -6.82 -13.25 -25.29
C SER B 318 -7.73 -12.10 -24.84
N SER B 319 -7.43 -11.52 -23.67
CA SER B 319 -8.25 -10.44 -23.14
C SER B 319 -7.93 -9.12 -23.79
N LYS B 320 -8.98 -8.34 -24.07
CA LYS B 320 -8.83 -6.99 -24.60
C LYS B 320 -9.41 -5.97 -23.62
N ARG B 321 -9.52 -6.38 -22.36
CA ARG B 321 -10.17 -5.55 -21.34
C ARG B 321 -9.32 -5.45 -20.07
N GLY B 322 -9.60 -4.44 -19.27
CA GLY B 322 -8.94 -4.26 -17.99
C GLY B 322 -7.52 -3.75 -18.12
N TYR B 323 -6.55 -4.59 -17.75
CA TYR B 323 -5.14 -4.23 -17.83
C TYR B 323 -4.28 -5.48 -17.91
N THR B 324 -3.02 -5.30 -18.29
CA THR B 324 -2.10 -6.42 -18.52
C THR B 324 -1.37 -6.82 -17.26
N ALA B 325 -0.64 -7.93 -17.34
CA ALA B 325 0.16 -8.41 -16.22
C ALA B 325 1.24 -7.41 -15.86
N PHE B 326 1.77 -6.74 -16.88
CA PHE B 326 2.78 -5.70 -16.67
C PHE B 326 2.23 -4.56 -15.83
N VAL B 327 1.05 -4.07 -16.21
CA VAL B 327 0.39 -3.00 -15.47
C VAL B 327 0.12 -3.43 -14.03
N LEU B 328 -0.34 -4.66 -13.86
CA LEU B 328 -0.65 -5.19 -12.53
C LEU B 328 0.59 -5.18 -11.64
N ALA B 329 1.71 -5.65 -12.18
CA ALA B 329 2.95 -5.73 -11.42
C ALA B 329 3.46 -4.35 -11.02
N LYS B 330 3.38 -3.41 -11.96
CA LYS B 330 3.87 -2.05 -11.70
C LYS B 330 3.02 -1.38 -10.63
N MET B 331 1.72 -1.61 -10.67
CA MET B 331 0.83 -1.08 -9.63
C MET B 331 1.20 -1.64 -8.27
N SER B 332 1.53 -2.94 -8.23
CA SER B 332 1.80 -3.61 -6.96
C SER B 332 3.00 -2.99 -6.25
N ARG B 333 3.98 -2.52 -7.01
CA ARG B 333 5.14 -1.88 -6.43
C ARG B 333 4.73 -0.59 -5.72
N LEU B 334 3.85 0.17 -6.36
CA LEU B 334 3.32 1.40 -5.78
C LEU B 334 2.53 1.10 -4.50
N GLN B 335 1.74 0.03 -4.54
CA GLN B 335 0.95 -0.39 -3.39
C GLN B 335 1.82 -0.78 -2.19
N GLY B 336 3.02 -1.27 -2.48
CA GLY B 336 3.98 -1.62 -1.45
C GLY B 336 4.24 -3.11 -1.29
N ALA B 337 3.95 -3.88 -2.33
CA ALA B 337 4.29 -5.31 -2.31
C ALA B 337 5.80 -5.50 -2.27
N SER B 338 6.27 -6.37 -1.38
CA SER B 338 7.69 -6.68 -1.31
C SER B 338 8.06 -7.61 -2.46
N GLY B 339 7.09 -8.42 -2.89
CA GLY B 339 7.25 -9.29 -4.03
C GLY B 339 5.91 -9.65 -4.63
N ILE B 340 5.92 -10.03 -5.90
CA ILE B 340 4.70 -10.42 -6.60
C ILE B 340 4.99 -11.52 -7.62
N HIS B 341 4.04 -12.42 -7.78
CA HIS B 341 4.15 -13.46 -8.80
C HIS B 341 4.13 -12.85 -10.19
N VAL B 342 5.03 -13.30 -11.07
CA VAL B 342 5.10 -12.78 -12.43
C VAL B 342 5.09 -13.90 -13.47
N GLY B 343 5.00 -15.15 -13.00
CA GLY B 343 4.95 -16.28 -13.90
C GLY B 343 6.32 -16.79 -14.28
N THR B 344 6.35 -17.70 -15.25
CA THR B 344 7.60 -18.35 -15.68
C THR B 344 8.09 -17.85 -17.03
N MET B 345 7.40 -16.86 -17.57
CA MET B 345 7.83 -16.17 -18.79
C MET B 345 8.05 -17.14 -19.96
N GLY B 346 7.14 -18.08 -20.11
CA GLY B 346 7.18 -19.01 -21.24
C GLY B 346 8.08 -20.20 -21.05
N TYR B 347 8.74 -20.27 -19.90
CA TYR B 347 9.67 -21.37 -19.61
C TYR B 347 9.02 -22.42 -18.71
N GLY B 348 7.70 -22.37 -18.59
CA GLY B 348 6.97 -23.33 -17.79
C GLY B 348 5.57 -23.58 -18.35
N LYS B 349 4.57 -23.43 -17.50
CA LYS B 349 3.18 -23.63 -17.89
C LYS B 349 2.44 -22.30 -17.88
N MET B 350 1.12 -22.36 -17.81
CA MET B 350 0.29 -21.16 -17.77
C MET B 350 0.45 -20.31 -19.03
N GLU B 351 -0.12 -19.11 -19.02
CA GLU B 351 -0.04 -18.20 -20.14
C GLU B 351 1.05 -17.16 -19.93
N GLY B 352 2.14 -17.28 -20.69
CA GLY B 352 3.27 -16.37 -20.56
C GLY B 352 4.29 -16.54 -21.67
N GLY B 353 5.13 -15.52 -21.85
CA GLY B 353 6.13 -15.51 -22.90
C GLY B 353 7.44 -14.90 -22.45
N LYS B 354 8.48 -15.06 -23.27
CA LYS B 354 9.82 -14.62 -22.91
C LYS B 354 9.92 -13.11 -22.72
N ASP B 355 9.05 -12.36 -23.38
CA ASP B 355 9.07 -10.90 -23.30
C ASP B 355 8.58 -10.40 -21.96
N ASP B 356 7.99 -11.29 -21.15
CA ASP B 356 7.49 -10.91 -19.84
C ASP B 356 8.61 -10.52 -18.88
N ARG B 357 9.86 -10.68 -19.31
CA ARG B 357 10.99 -10.30 -18.49
C ARG B 357 11.00 -8.80 -18.22
N ILE B 358 10.34 -8.03 -19.08
CA ILE B 358 10.25 -6.59 -18.89
C ILE B 358 9.42 -6.26 -17.65
N ILE B 359 8.50 -7.16 -17.31
CA ILE B 359 7.71 -7.01 -16.11
C ILE B 359 8.63 -7.03 -14.89
N ALA B 360 9.56 -7.96 -14.89
CA ALA B 360 10.52 -8.09 -13.80
C ALA B 360 11.42 -6.87 -13.72
N TYR B 361 11.89 -6.41 -14.87
CA TYR B 361 12.78 -5.25 -14.94
C TYR B 361 12.11 -4.02 -14.35
N MET B 362 10.83 -3.83 -14.67
CA MET B 362 10.10 -2.64 -14.25
C MET B 362 9.92 -2.59 -12.73
N ILE B 363 9.78 -3.75 -12.10
CA ILE B 363 9.52 -3.78 -10.66
C ILE B 363 10.79 -3.88 -9.80
N GLU B 364 11.92 -4.24 -10.42
CA GLU B 364 13.16 -4.47 -9.68
C GLU B 364 14.22 -3.39 -9.93
N ARG B 365 14.13 -2.69 -11.06
CA ARG B 365 15.11 -1.67 -11.40
C ARG B 365 14.70 -0.29 -10.89
N ASP B 366 15.66 0.63 -10.83
CA ASP B 366 15.38 2.00 -10.43
C ASP B 366 15.02 2.85 -11.64
N SER B 367 15.41 2.36 -12.82
CA SER B 367 15.16 3.06 -14.08
C SER B 367 14.88 2.02 -15.16
N CYS B 368 13.69 2.09 -15.75
CA CYS B 368 13.28 1.10 -16.74
C CYS B 368 12.25 1.65 -17.71
N THR B 369 12.24 1.08 -18.92
CA THR B 369 11.32 1.50 -19.97
C THR B 369 10.27 0.43 -20.22
N GLY B 370 9.00 0.79 -20.00
CA GLY B 370 7.91 -0.12 -20.28
C GLY B 370 7.55 -0.11 -21.75
N PRO B 371 6.43 -0.76 -22.12
CA PRO B 371 5.98 -0.81 -23.51
C PRO B 371 5.75 0.56 -24.13
N PHE B 372 5.42 1.56 -23.31
CA PHE B 372 5.10 2.90 -23.83
C PHE B 372 5.78 4.03 -23.08
N TYR B 373 6.09 3.81 -21.80
CA TYR B 373 6.65 4.87 -20.96
C TYR B 373 7.93 4.46 -20.25
N HIS B 374 8.90 5.38 -20.25
CA HIS B 374 10.07 5.24 -19.41
C HIS B 374 9.72 5.67 -17.99
N GLN B 375 10.20 4.94 -17.00
CA GLN B 375 9.89 5.23 -15.61
C GLN B 375 11.17 5.32 -14.76
N GLU B 376 11.32 6.44 -14.07
CA GLU B 376 12.30 6.58 -13.01
C GLU B 376 11.58 6.32 -11.69
N TRP B 377 12.24 5.58 -10.79
CA TRP B 377 11.62 5.20 -9.52
C TRP B 377 12.17 5.99 -8.34
N TYR B 378 13.24 6.75 -8.59
CA TYR B 378 13.79 7.68 -7.59
C TYR B 378 14.05 7.01 -6.24
N GLY B 379 14.57 5.77 -6.28
CA GLY B 379 15.01 5.10 -5.08
C GLY B 379 13.94 4.30 -4.36
N MET B 380 12.73 4.27 -4.91
CA MET B 380 11.67 3.44 -4.33
C MET B 380 12.14 1.99 -4.33
N LYS B 381 11.89 1.27 -3.24
CA LYS B 381 12.39 -0.10 -3.09
C LYS B 381 11.84 -1.00 -4.19
N PRO B 382 12.62 -2.03 -4.59
CA PRO B 382 12.19 -2.94 -5.65
C PRO B 382 11.23 -4.01 -5.14
N THR B 383 10.25 -4.38 -5.97
CA THR B 383 9.39 -5.52 -5.69
C THR B 383 10.00 -6.77 -6.33
N THR B 384 10.06 -7.85 -5.55
CA THR B 384 10.68 -9.08 -6.03
C THR B 384 9.83 -9.79 -7.09
N PRO B 385 10.44 -10.14 -8.23
CA PRO B 385 9.72 -11.06 -9.11
C PRO B 385 9.70 -12.47 -8.54
N ILE B 386 8.51 -12.99 -8.26
CA ILE B 386 8.35 -14.32 -7.69
C ILE B 386 7.94 -15.29 -8.80
N ILE B 387 8.72 -16.34 -8.98
CA ILE B 387 8.53 -17.28 -10.07
C ILE B 387 7.80 -18.54 -9.60
N SER B 388 6.72 -18.90 -10.29
CA SER B 388 5.97 -20.11 -9.99
C SER B 388 5.30 -20.66 -11.24
N GLY B 389 5.05 -21.96 -11.27
CA GLY B 389 4.40 -22.60 -12.40
C GLY B 389 4.91 -23.98 -12.79
N GLY B 390 5.86 -24.06 -13.72
CA GLY B 390 6.35 -25.35 -14.21
C GLY B 390 7.86 -25.51 -14.27
N MET B 391 8.58 -24.76 -13.46
CA MET B 391 10.05 -24.77 -13.51
C MET B 391 10.67 -25.96 -12.75
N ASN B 392 11.86 -26.34 -13.19
CA ASN B 392 12.69 -27.32 -12.49
C ASN B 392 14.16 -27.00 -12.74
N ALA B 393 15.05 -27.80 -12.15
CA ALA B 393 16.49 -27.53 -12.23
C ALA B 393 16.99 -27.49 -13.67
N LEU B 394 16.34 -28.25 -14.55
CA LEU B 394 16.78 -28.36 -15.94
C LEU B 394 16.37 -27.15 -16.77
N ARG B 395 15.24 -26.55 -16.42
CA ARG B 395 14.69 -25.43 -17.17
C ARG B 395 15.27 -24.08 -16.72
N LEU B 396 15.81 -24.05 -15.50
CA LEU B 396 16.26 -22.80 -14.89
C LEU B 396 17.38 -22.08 -15.64
N PRO B 397 18.39 -22.83 -16.14
CA PRO B 397 19.47 -22.18 -16.88
C PRO B 397 18.98 -21.30 -18.03
N GLY B 398 17.99 -21.79 -18.77
CA GLY B 398 17.40 -21.02 -19.85
C GLY B 398 16.65 -19.81 -19.35
N PHE B 399 15.96 -19.97 -18.23
CA PHE B 399 15.19 -18.88 -17.64
C PHE B 399 16.12 -17.75 -17.18
N PHE B 400 17.21 -18.11 -16.53
CA PHE B 400 18.16 -17.12 -16.02
C PHE B 400 18.83 -16.37 -17.17
N GLU B 401 19.12 -17.08 -18.26
CA GLU B 401 19.78 -16.48 -19.40
C GLU B 401 18.89 -15.41 -20.04
N ASN B 402 17.60 -15.72 -20.16
CA ASN B 402 16.65 -14.77 -20.71
C ASN B 402 16.48 -13.56 -19.81
N LEU B 403 16.43 -13.80 -18.50
CA LEU B 403 16.20 -12.73 -17.53
C LEU B 403 17.47 -11.90 -17.32
N GLY B 404 18.61 -12.56 -17.28
CA GLY B 404 19.89 -11.89 -17.07
C GLY B 404 20.40 -11.98 -15.63
N HIS B 405 19.60 -12.57 -14.76
CA HIS B 405 19.99 -12.73 -13.36
C HIS B 405 19.11 -13.76 -12.65
N GLY B 406 19.42 -14.03 -11.39
CA GLY B 406 18.66 -14.97 -10.59
C GLY B 406 18.23 -14.40 -9.26
N ASN B 407 18.16 -13.08 -9.17
CA ASN B 407 17.67 -12.42 -7.97
C ASN B 407 16.15 -12.56 -7.87
N VAL B 408 15.70 -13.78 -7.61
CA VAL B 408 14.28 -14.09 -7.59
C VAL B 408 13.95 -15.07 -6.48
N ILE B 409 12.67 -15.11 -6.10
CA ILE B 409 12.13 -16.20 -5.31
C ILE B 409 11.41 -17.15 -6.26
N ASN B 410 11.76 -18.43 -6.20
CA ASN B 410 11.13 -19.44 -7.06
C ASN B 410 10.41 -20.48 -6.23
N THR B 411 9.08 -20.36 -6.18
CA THR B 411 8.27 -21.34 -5.47
C THR B 411 7.89 -22.47 -6.42
N ALA B 412 8.84 -23.38 -6.63
CA ALA B 412 8.65 -24.48 -7.56
C ALA B 412 8.02 -25.69 -6.86
N GLY B 413 6.74 -25.91 -7.12
CA GLY B 413 6.05 -27.05 -6.56
C GLY B 413 6.51 -28.35 -7.20
N GLY B 414 6.40 -28.42 -8.52
CA GLY B 414 6.79 -29.60 -9.26
C GLY B 414 8.29 -29.85 -9.23
N GLY B 415 9.07 -28.77 -9.35
CA GLY B 415 10.51 -28.87 -9.39
C GLY B 415 11.11 -29.45 -8.12
N SER B 416 10.37 -29.33 -7.02
CA SER B 416 10.83 -29.84 -5.72
C SER B 416 10.37 -31.27 -5.50
N TYR B 417 9.05 -31.44 -5.41
CA TYR B 417 8.46 -32.75 -5.12
C TYR B 417 8.60 -33.71 -6.29
N GLY B 418 8.94 -33.18 -7.47
CA GLY B 418 9.11 -34.00 -8.65
C GLY B 418 10.46 -34.71 -8.68
N HIS B 419 11.34 -34.33 -7.77
CA HIS B 419 12.67 -34.93 -7.73
C HIS B 419 12.59 -36.39 -7.28
N ILE B 420 13.32 -37.25 -7.96
CA ILE B 420 13.25 -38.70 -7.75
C ILE B 420 13.62 -39.10 -6.33
N ASP B 421 14.48 -38.32 -5.69
CA ASP B 421 14.98 -38.65 -4.36
C ASP B 421 14.07 -38.09 -3.26
N SER B 422 13.96 -36.77 -3.19
CA SER B 422 13.14 -36.13 -2.16
C SER B 422 12.93 -34.65 -2.45
N PRO B 423 11.92 -34.03 -1.79
CA PRO B 423 11.69 -32.60 -1.95
C PRO B 423 12.92 -31.77 -1.59
N ALA B 424 13.66 -32.22 -0.57
CA ALA B 424 14.89 -31.55 -0.15
C ALA B 424 15.93 -31.59 -1.27
N ALA B 425 16.10 -32.78 -1.86
CA ALA B 425 17.04 -32.94 -2.95
C ALA B 425 16.67 -32.04 -4.13
N GLY B 426 15.36 -31.90 -4.36
CA GLY B 426 14.87 -31.02 -5.40
C GLY B 426 15.25 -29.58 -5.15
N ALA B 427 15.12 -29.14 -3.90
CA ALA B 427 15.46 -27.78 -3.54
C ALA B 427 16.94 -27.51 -3.79
N VAL B 428 17.78 -28.48 -3.44
CA VAL B 428 19.21 -28.37 -3.67
C VAL B 428 19.53 -28.32 -5.16
N SER B 429 18.85 -29.14 -5.95
CA SER B 429 19.09 -29.20 -7.39
C SER B 429 18.75 -27.87 -8.06
N LEU B 430 17.70 -27.22 -7.56
CA LEU B 430 17.29 -25.92 -8.09
C LEU B 430 18.36 -24.86 -7.83
N ARG B 431 18.91 -24.86 -6.61
CA ARG B 431 19.94 -23.90 -6.25
C ARG B 431 21.23 -24.17 -7.02
N GLN B 432 21.54 -25.44 -7.21
CA GLN B 432 22.73 -25.83 -7.97
C GLN B 432 22.62 -25.39 -9.42
N ALA B 433 21.39 -25.36 -9.93
CA ALA B 433 21.14 -24.90 -11.30
C ALA B 433 21.47 -23.41 -11.41
N TYR B 434 21.18 -22.65 -10.37
CA TYR B 434 21.51 -21.22 -10.35
C TYR B 434 23.03 -21.04 -10.27
N GLU B 435 23.67 -21.81 -9.39
CA GLU B 435 25.12 -21.74 -9.25
C GLU B 435 25.79 -22.16 -10.55
N CYS B 436 25.15 -23.08 -11.27
CA CYS B 436 25.63 -23.52 -12.56
C CYS B 436 25.63 -22.39 -13.58
N TRP B 437 24.48 -21.74 -13.73
CA TRP B 437 24.33 -20.64 -14.67
C TRP B 437 25.23 -19.48 -14.29
N LYS B 438 25.32 -19.21 -12.99
CA LYS B 438 26.14 -18.11 -12.48
C LYS B 438 27.61 -18.31 -12.81
N ALA B 439 28.05 -19.56 -12.80
CA ALA B 439 29.43 -19.89 -13.10
C ALA B 439 29.66 -20.02 -14.61
N GLY B 440 28.58 -19.95 -15.37
CA GLY B 440 28.66 -20.08 -16.82
C GLY B 440 29.15 -21.45 -17.23
N ALA B 441 28.84 -22.45 -16.40
CA ALA B 441 29.32 -23.81 -16.62
C ALA B 441 28.34 -24.60 -17.49
N ASP B 442 28.82 -25.71 -18.04
CA ASP B 442 27.98 -26.63 -18.80
C ASP B 442 27.15 -27.48 -17.84
N PRO B 443 25.82 -27.47 -17.99
CA PRO B 443 24.97 -28.25 -17.08
C PRO B 443 25.34 -29.74 -17.02
N ILE B 444 25.67 -30.32 -18.16
CA ILE B 444 26.06 -31.71 -18.23
C ILE B 444 27.35 -31.94 -17.43
N GLU B 445 28.30 -31.03 -17.58
CA GLU B 445 29.56 -31.12 -16.86
C GLU B 445 29.39 -30.73 -15.40
N TRP B 446 28.52 -29.77 -15.14
CA TRP B 446 28.23 -29.33 -13.78
C TRP B 446 27.56 -30.46 -13.00
N ALA B 447 26.74 -31.24 -13.70
CA ALA B 447 26.02 -32.35 -13.08
C ALA B 447 26.97 -33.44 -12.59
N LYS B 448 28.11 -33.58 -13.27
CA LYS B 448 29.08 -34.62 -12.93
C LYS B 448 29.67 -34.44 -11.53
N GLU B 449 29.50 -33.25 -10.96
CA GLU B 449 30.03 -32.94 -9.63
C GLU B 449 28.92 -32.46 -8.68
N HIS B 450 27.67 -32.63 -9.09
CA HIS B 450 26.53 -32.24 -8.27
C HIS B 450 25.39 -33.26 -8.40
N LYS B 451 25.29 -34.15 -7.42
CA LYS B 451 24.40 -35.30 -7.49
C LYS B 451 22.93 -34.92 -7.60
N GLU B 452 22.47 -33.98 -6.76
CA GLU B 452 21.07 -33.57 -6.77
C GLU B 452 20.69 -33.03 -8.13
N PHE B 453 21.56 -32.18 -8.67
CA PHE B 453 21.39 -31.63 -10.01
C PHE B 453 21.38 -32.73 -11.08
N ALA B 454 22.30 -33.68 -10.95
CA ALA B 454 22.38 -34.80 -11.89
C ALA B 454 21.09 -35.62 -11.86
N ARG B 455 20.58 -35.86 -10.66
CA ARG B 455 19.39 -36.68 -10.49
C ARG B 455 18.12 -36.01 -11.02
N ALA B 456 18.21 -34.70 -11.26
CA ALA B 456 17.08 -33.97 -11.82
C ALA B 456 16.85 -34.36 -13.28
N PHE B 457 17.91 -34.77 -13.97
CA PHE B 457 17.79 -35.23 -15.34
C PHE B 457 16.91 -36.48 -15.39
N GLU B 458 17.11 -37.37 -14.43
CA GLU B 458 16.35 -38.62 -14.35
C GLU B 458 14.96 -38.38 -13.78
N SER B 459 14.79 -37.25 -13.08
CA SER B 459 13.50 -36.90 -12.49
C SER B 459 12.56 -36.34 -13.55
N PHE B 460 13.13 -35.69 -14.56
CA PHE B 460 12.37 -35.07 -15.63
C PHE B 460 12.98 -35.45 -16.99
N PRO B 461 12.95 -36.75 -17.32
CA PRO B 461 13.61 -37.27 -18.53
C PRO B 461 13.12 -36.62 -19.82
N LYS B 462 11.84 -36.29 -19.88
CA LYS B 462 11.26 -35.66 -21.07
C LYS B 462 11.86 -34.27 -21.29
N ASP B 463 12.03 -33.53 -20.21
CA ASP B 463 12.64 -32.21 -20.27
C ASP B 463 14.13 -32.30 -20.58
N ALA B 464 14.79 -33.32 -20.04
CA ALA B 464 16.22 -33.50 -20.21
C ALA B 464 16.58 -33.76 -21.67
N ASP B 465 15.78 -34.60 -22.34
CA ASP B 465 16.02 -34.95 -23.73
C ASP B 465 15.89 -33.75 -24.65
N LYS B 466 14.90 -32.91 -24.38
CA LYS B 466 14.66 -31.72 -25.20
C LYS B 466 15.77 -30.70 -25.05
N LEU B 467 16.38 -30.67 -23.86
CA LEU B 467 17.47 -29.76 -23.57
C LEU B 467 18.82 -30.47 -23.59
N ASP C 22 -6.60 -39.55 -15.85
CA ASP C 22 -6.27 -39.83 -14.46
C ASP C 22 -6.94 -38.81 -13.53
N GLN C 23 -6.81 -37.53 -13.85
CA GLN C 23 -7.47 -36.48 -13.08
C GLN C 23 -8.98 -36.56 -13.26
N SER C 24 -9.40 -37.01 -14.43
CA SER C 24 -10.82 -37.16 -14.72
C SER C 24 -11.47 -38.14 -13.75
N ASN C 25 -10.78 -39.26 -13.52
CA ASN C 25 -11.29 -40.30 -12.64
C ASN C 25 -11.49 -39.79 -11.22
N ARG C 26 -10.61 -38.88 -10.80
CA ARG C 26 -10.64 -38.38 -9.42
C ARG C 26 -11.48 -37.12 -9.25
N TYR C 27 -11.37 -36.18 -10.18
CA TYR C 27 -11.98 -34.85 -10.01
C TYR C 27 -13.24 -34.66 -10.85
N ALA C 28 -13.79 -35.76 -11.35
CA ALA C 28 -15.06 -35.71 -12.06
C ALA C 28 -15.89 -36.94 -11.72
N ASP C 29 -17.19 -36.71 -11.48
CA ASP C 29 -18.14 -37.80 -11.28
C ASP C 29 -19.46 -37.39 -11.94
N LEU C 30 -19.59 -37.69 -13.23
CA LEU C 30 -20.73 -37.26 -14.01
C LEU C 30 -22.00 -38.06 -13.69
N SER C 31 -21.89 -39.00 -12.75
CA SER C 31 -23.04 -39.78 -12.33
C SER C 31 -23.72 -39.13 -11.12
N LEU C 32 -23.11 -38.09 -10.58
CA LEU C 32 -23.72 -37.34 -9.48
C LEU C 32 -24.96 -36.61 -9.96
N LYS C 33 -26.02 -36.66 -9.17
CA LYS C 33 -27.25 -35.93 -9.45
C LYS C 33 -27.21 -34.59 -8.74
N GLU C 34 -27.45 -33.51 -9.49
CA GLU C 34 -27.44 -32.16 -8.92
C GLU C 34 -28.48 -32.07 -7.80
N GLU C 35 -29.61 -32.75 -7.98
CA GLU C 35 -30.68 -32.75 -7.00
C GLU C 35 -30.18 -33.25 -5.64
N ASP C 36 -29.35 -34.29 -5.67
CA ASP C 36 -28.79 -34.85 -4.45
C ASP C 36 -27.76 -33.91 -3.81
N LEU C 37 -26.93 -33.31 -4.65
CA LEU C 37 -25.91 -32.37 -4.17
C LEU C 37 -26.54 -31.17 -3.48
N ILE C 38 -27.66 -30.70 -4.03
CA ILE C 38 -28.37 -29.57 -3.45
C ILE C 38 -29.05 -29.99 -2.15
N LYS C 39 -29.76 -31.11 -2.19
CA LYS C 39 -30.46 -31.61 -1.00
C LYS C 39 -29.49 -31.92 0.13
N GLY C 40 -28.30 -32.40 -0.22
CA GLY C 40 -27.28 -32.71 0.76
C GLY C 40 -26.86 -31.49 1.56
N GLY C 41 -26.74 -30.35 0.88
CA GLY C 41 -26.39 -29.11 1.53
C GLY C 41 -24.93 -29.04 1.95
N ASN C 42 -24.10 -29.91 1.38
CA ASN C 42 -22.70 -30.01 1.77
C ASN C 42 -21.75 -29.41 0.73
N HIS C 43 -22.30 -28.82 -0.33
CA HIS C 43 -21.47 -28.26 -1.41
C HIS C 43 -21.97 -26.90 -1.88
N ILE C 44 -21.02 -26.03 -2.22
CA ILE C 44 -21.30 -24.87 -3.06
C ILE C 44 -21.14 -25.31 -4.51
N LEU C 45 -22.19 -25.11 -5.31
CA LEU C 45 -22.16 -25.49 -6.71
C LEU C 45 -21.89 -24.27 -7.59
N VAL C 46 -21.10 -24.46 -8.64
CA VAL C 46 -20.75 -23.37 -9.54
C VAL C 46 -20.89 -23.81 -10.99
N ALA C 47 -21.57 -23.00 -11.79
CA ALA C 47 -21.75 -23.25 -13.22
C ALA C 47 -20.93 -22.28 -14.05
N TYR C 48 -20.14 -22.81 -14.97
CA TYR C 48 -19.27 -22.00 -15.83
C TYR C 48 -19.57 -22.17 -17.30
N THR C 49 -19.20 -21.15 -18.08
CA THR C 49 -18.89 -21.36 -19.49
C THR C 49 -17.41 -21.67 -19.55
N MET C 50 -17.02 -22.62 -20.39
CA MET C 50 -15.62 -23.00 -20.49
C MET C 50 -15.28 -23.48 -21.89
N GLU C 51 -14.13 -23.04 -22.37
CA GLU C 51 -13.57 -23.50 -23.64
C GLU C 51 -12.13 -23.94 -23.40
N PRO C 52 -11.81 -25.20 -23.71
CA PRO C 52 -10.43 -25.66 -23.52
C PRO C 52 -9.50 -25.16 -24.62
N ALA C 53 -8.20 -25.13 -24.35
CA ALA C 53 -7.23 -24.76 -25.37
C ALA C 53 -7.22 -25.78 -26.49
N ALA C 54 -6.60 -25.44 -27.61
CA ALA C 54 -6.53 -26.33 -28.76
C ALA C 54 -5.87 -27.66 -28.39
N GLY C 55 -6.50 -28.75 -28.80
CA GLY C 55 -5.96 -30.08 -28.58
C GLY C 55 -6.26 -30.66 -27.21
N VAL C 56 -6.97 -29.90 -26.38
CA VAL C 56 -7.32 -30.35 -25.04
C VAL C 56 -8.77 -30.85 -24.99
N GLY C 57 -8.96 -32.05 -24.47
CA GLY C 57 -10.29 -32.63 -24.35
C GLY C 57 -11.12 -31.85 -23.34
N TYR C 58 -12.44 -31.85 -23.53
CA TYR C 58 -13.30 -31.02 -22.70
C TYR C 58 -13.38 -31.54 -21.27
N LEU C 59 -13.54 -32.85 -21.12
CA LEU C 59 -13.66 -33.44 -19.79
C LEU C 59 -12.37 -33.28 -19.00
N GLU C 60 -11.23 -33.50 -19.64
CA GLU C 60 -9.94 -33.39 -18.96
C GLU C 60 -9.68 -31.95 -18.56
N ALA C 61 -10.17 -31.01 -19.35
CA ALA C 61 -10.05 -29.60 -19.02
C ALA C 61 -10.87 -29.27 -17.78
N ALA C 62 -12.11 -29.72 -17.75
CA ALA C 62 -12.99 -29.48 -16.62
C ALA C 62 -12.41 -30.09 -15.34
N ALA C 63 -11.90 -31.31 -15.46
CA ALA C 63 -11.32 -32.00 -14.31
C ALA C 63 -10.09 -31.28 -13.80
N HIS C 64 -9.28 -30.76 -14.72
CA HIS C 64 -8.07 -30.04 -14.36
C HIS C 64 -8.44 -28.75 -13.63
N ILE C 65 -9.48 -28.08 -14.10
CA ILE C 65 -10.00 -26.87 -13.44
C ILE C 65 -10.43 -27.20 -12.02
N ALA C 66 -11.12 -28.33 -11.86
CA ALA C 66 -11.58 -28.75 -10.55
C ALA C 66 -10.40 -29.00 -9.62
N ALA C 67 -9.37 -29.64 -10.14
CA ALA C 67 -8.17 -29.93 -9.37
C ALA C 67 -7.47 -28.64 -8.95
N GLU C 68 -7.23 -27.75 -9.90
CA GLU C 68 -6.56 -26.48 -9.63
C GLU C 68 -7.40 -25.57 -8.73
N SER C 69 -8.69 -25.84 -8.65
CA SER C 69 -9.61 -25.03 -7.86
C SER C 69 -9.90 -25.65 -6.49
N SER C 70 -9.16 -26.69 -6.14
CA SER C 70 -9.36 -27.34 -4.84
C SER C 70 -8.07 -27.95 -4.29
N THR C 71 -7.90 -29.24 -4.46
CA THR C 71 -6.82 -29.97 -3.78
C THR C 71 -5.59 -30.18 -4.65
N GLY C 72 -5.68 -29.77 -5.91
CA GLY C 72 -4.57 -29.87 -6.83
C GLY C 72 -4.16 -31.31 -7.08
N GLU C 82 -5.85 -40.06 1.85
CA GLU C 82 -7.25 -40.39 1.60
C GLU C 82 -8.17 -39.31 2.12
N PHE C 83 -7.69 -38.52 3.09
CA PHE C 83 -8.48 -37.44 3.67
C PHE C 83 -8.71 -36.35 2.63
N THR C 84 -7.70 -36.11 1.81
CA THR C 84 -7.76 -35.06 0.80
C THR C 84 -8.89 -35.29 -0.19
N LYS C 85 -9.21 -36.57 -0.42
CA LYS C 85 -10.24 -36.93 -1.39
C LYS C 85 -11.63 -36.46 -0.97
N GLY C 86 -11.85 -36.30 0.33
CA GLY C 86 -13.14 -35.91 0.84
C GLY C 86 -13.47 -34.45 0.57
N VAL C 87 -12.45 -33.66 0.25
CA VAL C 87 -12.62 -32.24 -0.01
C VAL C 87 -12.28 -31.87 -1.46
N ASP C 88 -12.10 -32.88 -2.31
CA ASP C 88 -11.90 -32.64 -3.73
C ASP C 88 -13.10 -31.92 -4.32
N ALA C 89 -12.86 -30.92 -5.16
CA ALA C 89 -13.92 -30.35 -5.99
C ALA C 89 -14.20 -31.34 -7.11
N LEU C 90 -15.48 -31.47 -7.47
CA LEU C 90 -15.90 -32.47 -8.45
C LEU C 90 -16.71 -31.88 -9.60
N VAL C 91 -16.28 -32.16 -10.83
CA VAL C 91 -17.11 -31.90 -12.00
C VAL C 91 -18.25 -32.90 -12.00
N TYR C 92 -19.49 -32.42 -11.90
CA TYR C 92 -20.65 -33.32 -11.88
C TYR C 92 -21.49 -33.20 -13.14
N PHE C 93 -21.16 -32.23 -14.00
CA PHE C 93 -21.87 -32.05 -15.26
C PHE C 93 -21.03 -31.29 -16.27
N ILE C 94 -21.07 -31.77 -17.51
CA ILE C 94 -20.50 -31.02 -18.63
C ILE C 94 -21.39 -31.16 -19.86
N ASP C 95 -21.42 -30.09 -20.66
CA ASP C 95 -22.03 -30.14 -21.98
C ASP C 95 -21.03 -29.52 -22.94
N GLU C 96 -20.24 -30.39 -23.57
CA GLU C 96 -19.15 -29.98 -24.45
C GLU C 96 -19.64 -29.13 -25.61
N ALA C 97 -20.80 -29.48 -26.15
CA ALA C 97 -21.36 -28.77 -27.29
C ALA C 97 -21.73 -27.33 -26.92
N LYS C 98 -22.32 -27.17 -25.75
CA LYS C 98 -22.77 -25.86 -25.29
C LYS C 98 -21.67 -25.12 -24.51
N GLY C 99 -20.58 -25.82 -24.22
CA GLY C 99 -19.46 -25.24 -23.51
C GLY C 99 -19.82 -24.90 -22.08
N ILE C 100 -20.53 -25.81 -21.42
CA ILE C 100 -20.94 -25.63 -20.03
C ILE C 100 -20.28 -26.68 -19.15
N MET C 101 -19.87 -26.27 -17.95
CA MET C 101 -19.39 -27.20 -16.93
C MET C 101 -19.87 -26.76 -15.56
N LYS C 102 -20.16 -27.73 -14.69
CA LYS C 102 -20.62 -27.44 -13.34
C LYS C 102 -19.78 -28.21 -12.32
N VAL C 103 -19.37 -27.52 -11.27
CA VAL C 103 -18.47 -28.08 -10.27
C VAL C 103 -19.08 -27.99 -8.88
N ALA C 104 -18.90 -29.06 -8.10
CA ALA C 104 -19.34 -29.11 -6.71
C ALA C 104 -18.14 -28.93 -5.77
N TYR C 105 -18.17 -27.87 -4.98
CA TYR C 105 -17.11 -27.55 -4.03
C TYR C 105 -17.55 -27.90 -2.61
N PRO C 106 -16.91 -28.91 -1.98
CA PRO C 106 -17.25 -29.20 -0.58
C PRO C 106 -17.12 -27.97 0.31
N ASN C 107 -18.09 -27.76 1.19
CA ASN C 107 -18.12 -26.58 2.04
C ASN C 107 -16.85 -26.38 2.86
N ASP C 108 -16.22 -27.47 3.28
CA ASP C 108 -15.05 -27.39 4.16
C ASP C 108 -13.83 -26.78 3.47
N LEU C 109 -13.88 -26.65 2.15
CA LEU C 109 -12.78 -26.04 1.40
C LEU C 109 -12.61 -24.56 1.75
N PHE C 110 -13.70 -23.90 2.07
CA PHE C 110 -13.72 -22.45 2.15
C PHE C 110 -13.23 -21.93 3.50
N ASP C 111 -12.43 -20.86 3.44
CA ASP C 111 -11.76 -20.32 4.61
C ASP C 111 -12.75 -19.79 5.62
N ARG C 112 -12.36 -19.84 6.89
CA ARG C 112 -13.21 -19.40 8.00
C ARG C 112 -12.45 -18.43 8.89
N ASN C 113 -13.12 -17.39 9.37
CA ASN C 113 -12.50 -16.47 10.31
C ASN C 113 -12.14 -17.17 11.62
N VAL C 114 -10.92 -16.93 12.11
CA VAL C 114 -10.56 -17.39 13.44
C VAL C 114 -11.30 -16.57 14.49
N THR C 115 -11.64 -15.34 14.14
CA THR C 115 -12.28 -14.42 15.08
C THR C 115 -13.74 -14.78 15.37
N ASP C 116 -14.50 -15.15 14.33
CA ASP C 116 -15.95 -15.35 14.50
C ASP C 116 -16.52 -16.49 13.64
N GLY C 117 -15.66 -17.28 13.01
CA GLY C 117 -16.09 -18.47 12.29
C GLY C 117 -16.84 -18.26 10.99
N ARG C 118 -17.09 -17.01 10.62
CA ARG C 118 -17.84 -16.74 9.40
C ARG C 118 -17.01 -17.04 8.15
N VAL C 119 -17.68 -17.37 7.05
CA VAL C 119 -17.00 -17.57 5.77
C VAL C 119 -16.72 -16.21 5.13
N MET C 120 -15.91 -16.21 4.08
CA MET C 120 -15.46 -14.98 3.44
C MET C 120 -15.56 -15.09 1.92
N ILE C 121 -16.02 -14.03 1.27
CA ILE C 121 -16.24 -14.05 -0.17
C ILE C 121 -14.93 -14.16 -0.93
N VAL C 122 -13.84 -13.66 -0.34
CA VAL C 122 -12.55 -13.69 -1.01
C VAL C 122 -12.06 -15.13 -1.18
N SER C 123 -12.45 -16.00 -0.26
CA SER C 123 -12.11 -17.42 -0.34
C SER C 123 -12.91 -18.09 -1.46
N PHE C 124 -14.17 -17.70 -1.59
CA PHE C 124 -15.01 -18.19 -2.67
C PHE C 124 -14.41 -17.81 -4.02
N LEU C 125 -13.92 -16.59 -4.14
CA LEU C 125 -13.32 -16.11 -5.38
C LEU C 125 -11.97 -16.79 -5.66
N THR C 126 -11.14 -16.92 -4.63
CA THR C 126 -9.81 -17.53 -4.77
C THR C 126 -9.90 -18.92 -5.35
N LEU C 127 -10.80 -19.73 -4.80
CA LEU C 127 -10.93 -21.12 -5.22
C LEU C 127 -11.66 -21.25 -6.55
N CYS C 128 -12.82 -20.60 -6.65
CA CYS C 128 -13.75 -20.86 -7.76
C CYS C 128 -13.45 -20.05 -9.02
N ILE C 129 -12.68 -18.98 -8.90
CA ILE C 129 -12.37 -18.15 -10.07
C ILE C 129 -11.00 -17.47 -9.94
N GLY C 130 -10.08 -18.15 -9.25
CA GLY C 130 -8.73 -17.64 -9.05
C GLY C 130 -7.74 -18.13 -10.08
N ASN C 131 -6.88 -19.07 -9.67
CA ASN C 131 -5.85 -19.61 -10.55
C ASN C 131 -6.40 -20.24 -11.84
N ASN C 132 -7.67 -20.65 -11.83
CA ASN C 132 -8.22 -21.31 -13.02
C ASN C 132 -8.42 -20.33 -14.16
N GLN C 133 -8.20 -19.04 -13.88
CA GLN C 133 -8.30 -18.00 -14.91
C GLN C 133 -7.00 -17.83 -15.69
N GLY C 134 -5.94 -18.52 -15.25
CA GLY C 134 -4.63 -18.38 -15.87
C GLY C 134 -4.04 -19.70 -16.33
N MET C 135 -4.88 -20.72 -16.47
CA MET C 135 -4.41 -22.04 -16.89
C MET C 135 -4.14 -22.08 -18.39
N GLY C 136 -3.01 -22.66 -18.77
CA GLY C 136 -2.58 -22.67 -20.15
C GLY C 136 -3.41 -23.57 -21.06
N ASP C 137 -4.03 -24.59 -20.49
CA ASP C 137 -4.82 -25.55 -21.26
C ASP C 137 -6.29 -25.14 -21.33
N ILE C 138 -6.60 -23.97 -20.79
CA ILE C 138 -7.95 -23.43 -20.80
C ILE C 138 -7.99 -22.15 -21.62
N ALA C 139 -8.81 -22.11 -22.66
CA ALA C 139 -8.94 -20.92 -23.50
C ALA C 139 -9.66 -19.81 -22.73
N ASN C 140 -10.78 -20.17 -22.10
CA ASN C 140 -11.52 -19.22 -21.28
C ASN C 140 -12.43 -19.93 -20.29
N LEU C 141 -12.78 -19.22 -19.22
CA LEU C 141 -13.59 -19.78 -18.14
C LEU C 141 -14.28 -18.64 -17.40
N GLN C 142 -15.62 -18.64 -17.40
CA GLN C 142 -16.40 -17.60 -16.74
C GLN C 142 -17.55 -18.19 -15.92
N MET C 143 -17.68 -17.72 -14.69
CA MET C 143 -18.76 -18.14 -13.81
C MET C 143 -20.09 -17.48 -14.22
N GLN C 144 -21.12 -18.30 -14.35
CA GLN C 144 -22.44 -17.86 -14.80
C GLN C 144 -23.46 -17.81 -13.65
N ASP C 145 -23.24 -18.65 -12.65
CA ASP C 145 -24.18 -18.82 -11.56
C ASP C 145 -23.55 -19.68 -10.49
N PHE C 146 -24.05 -19.61 -9.26
CA PHE C 146 -23.59 -20.50 -8.20
C PHE C 146 -24.70 -20.74 -7.18
N TYR C 147 -24.63 -21.87 -6.50
CA TYR C 147 -25.61 -22.21 -5.47
C TYR C 147 -24.95 -22.24 -4.09
N VAL C 148 -25.58 -21.55 -3.15
CA VAL C 148 -25.11 -21.49 -1.77
C VAL C 148 -26.04 -22.30 -0.87
N PRO C 149 -25.51 -23.36 -0.23
CA PRO C 149 -26.37 -24.17 0.64
C PRO C 149 -26.65 -23.47 1.97
N PRO C 150 -27.65 -23.94 2.71
CA PRO C 150 -28.08 -23.33 3.98
C PRO C 150 -26.95 -23.00 4.97
N ARG C 151 -26.06 -23.94 5.26
CA ARG C 151 -25.05 -23.70 6.29
C ARG C 151 -24.08 -22.60 5.88
N MET C 152 -23.69 -22.57 4.61
CA MET C 152 -22.82 -21.52 4.11
C MET C 152 -23.52 -20.17 4.15
N LEU C 153 -24.81 -20.16 3.81
CA LEU C 153 -25.59 -18.94 3.83
C LEU C 153 -25.67 -18.37 5.24
N GLN C 154 -25.77 -19.26 6.22
CA GLN C 154 -25.81 -18.87 7.63
C GLN C 154 -24.52 -18.19 8.07
N LEU C 155 -23.44 -18.41 7.33
CA LEU C 155 -22.11 -17.95 7.73
C LEU C 155 -21.63 -16.73 6.92
N PHE C 156 -22.47 -16.25 6.01
CA PHE C 156 -22.20 -14.98 5.33
C PHE C 156 -22.82 -13.85 6.13
N ASP C 157 -22.25 -12.66 6.04
CA ASP C 157 -22.75 -11.52 6.77
C ASP C 157 -24.18 -11.17 6.35
N GLY C 158 -24.40 -11.06 5.05
CA GLY C 158 -25.67 -10.60 4.52
C GLY C 158 -25.85 -9.13 4.83
N PRO C 159 -26.86 -8.48 4.21
CA PRO C 159 -27.04 -7.06 4.46
C PRO C 159 -27.58 -6.80 5.87
N ALA C 160 -27.23 -5.64 6.43
CA ALA C 160 -27.75 -5.22 7.73
C ALA C 160 -28.79 -4.10 7.54
N LYS C 161 -28.75 -3.47 6.37
CA LYS C 161 -29.70 -2.43 6.00
C LYS C 161 -30.20 -2.69 4.58
N ASP C 162 -31.40 -2.19 4.28
CA ASP C 162 -31.97 -2.35 2.94
C ASP C 162 -32.87 -1.17 2.60
N ILE C 163 -33.56 -1.25 1.47
CA ILE C 163 -34.35 -0.13 0.97
C ILE C 163 -35.47 0.25 1.93
N SER C 164 -35.96 -0.72 2.70
CA SER C 164 -37.05 -0.46 3.63
C SER C 164 -36.62 0.54 4.71
N ASP C 165 -35.34 0.55 5.04
CA ASP C 165 -34.82 1.50 6.01
C ASP C 165 -34.87 2.91 5.45
N LEU C 166 -34.68 3.03 4.15
CA LEU C 166 -34.77 4.32 3.46
C LEU C 166 -36.22 4.76 3.32
N TRP C 167 -37.09 3.81 2.97
CA TRP C 167 -38.53 4.09 2.91
C TRP C 167 -39.02 4.62 4.25
N ARG C 168 -38.57 4.00 5.34
CA ARG C 168 -38.98 4.39 6.67
C ARG C 168 -38.61 5.86 6.91
N ILE C 169 -37.37 6.21 6.59
CA ILE C 169 -36.89 7.58 6.74
C ILE C 169 -37.71 8.55 5.90
N LEU C 170 -38.04 8.14 4.67
CA LEU C 170 -38.77 9.02 3.75
C LEU C 170 -40.26 9.07 4.07
N GLY C 171 -40.70 8.28 5.04
CA GLY C 171 -42.09 8.27 5.45
C GLY C 171 -42.98 7.50 4.49
N ARG C 172 -42.38 6.56 3.75
CA ARG C 172 -43.12 5.75 2.79
C ARG C 172 -43.25 4.32 3.33
N PRO C 173 -44.22 3.55 2.79
CA PRO C 173 -44.46 2.19 3.28
C PRO C 173 -43.20 1.34 3.29
N VAL C 174 -42.92 0.68 4.41
CA VAL C 174 -41.72 -0.14 4.53
C VAL C 174 -41.84 -1.41 3.68
N LYS C 175 -43.07 -1.69 3.23
CA LYS C 175 -43.30 -2.71 2.22
C LYS C 175 -43.78 -2.05 0.92
N ASP C 176 -43.08 -2.31 -0.18
CA ASP C 176 -43.43 -1.72 -1.47
C ASP C 176 -43.53 -0.20 -1.41
N GLY C 177 -42.53 0.44 -0.79
CA GLY C 177 -42.50 1.89 -0.69
C GLY C 177 -42.24 2.57 -2.03
N GLY C 178 -41.76 1.79 -3.00
CA GLY C 178 -41.64 2.28 -4.36
C GLY C 178 -40.39 3.07 -4.70
N TYR C 179 -40.54 3.93 -5.69
CA TYR C 179 -39.43 4.64 -6.34
C TYR C 179 -38.76 5.69 -5.45
N ILE C 180 -37.43 5.61 -5.36
CA ILE C 180 -36.64 6.63 -4.69
C ILE C 180 -35.87 7.41 -5.73
N SER C 181 -36.20 8.69 -5.86
CA SER C 181 -35.58 9.55 -6.87
C SER C 181 -34.21 9.99 -6.42
N GLY C 182 -33.25 9.98 -7.35
CA GLY C 182 -31.90 10.41 -7.04
C GLY C 182 -31.14 10.97 -8.22
N THR C 183 -29.87 11.32 -7.98
CA THR C 183 -29.03 11.91 -9.01
C THR C 183 -27.56 11.89 -8.67
N ILE C 184 -26.73 12.21 -9.65
CA ILE C 184 -25.33 12.55 -9.43
C ILE C 184 -25.13 14.01 -9.79
N ILE C 185 -24.35 14.73 -9.00
CA ILE C 185 -24.09 16.14 -9.29
C ILE C 185 -23.25 16.26 -10.54
N LYS C 186 -23.61 17.22 -11.41
CA LYS C 186 -22.91 17.43 -12.67
C LYS C 186 -22.23 18.81 -12.69
N PRO C 187 -20.97 18.88 -13.15
CA PRO C 187 -20.09 17.81 -13.62
C PRO C 187 -19.69 16.85 -12.50
N LYS C 188 -19.32 15.63 -12.87
CA LYS C 188 -19.08 14.57 -11.90
C LYS C 188 -17.81 14.80 -11.09
N LEU C 189 -16.79 15.38 -11.73
CA LEU C 189 -15.60 15.86 -11.03
C LEU C 189 -15.25 17.27 -11.51
N GLY C 190 -14.75 18.09 -10.59
CA GLY C 190 -14.25 19.41 -10.93
C GLY C 190 -14.92 20.53 -10.14
N LEU C 191 -16.09 20.27 -9.59
CA LEU C 191 -16.79 21.30 -8.82
C LEU C 191 -16.12 21.55 -7.48
N ARG C 192 -16.03 22.83 -7.13
CA ARG C 192 -15.51 23.25 -5.84
C ARG C 192 -16.61 23.05 -4.79
N PRO C 193 -16.25 23.15 -3.50
CA PRO C 193 -17.21 22.84 -2.42
C PRO C 193 -18.53 23.59 -2.49
N GLU C 194 -18.49 24.92 -2.58
CA GLU C 194 -19.70 25.72 -2.56
C GLU C 194 -20.60 25.46 -3.78
N PRO C 195 -20.03 25.44 -5.00
CA PRO C 195 -20.85 25.06 -6.15
C PRO C 195 -21.49 23.67 -6.01
N PHE C 196 -20.73 22.71 -5.50
CA PHE C 196 -21.25 21.36 -5.32
C PHE C 196 -22.42 21.32 -4.34
N ALA C 197 -22.27 22.00 -3.21
CA ALA C 197 -23.29 22.03 -2.18
C ALA C 197 -24.54 22.75 -2.69
N LYS C 198 -24.34 23.78 -3.51
CA LYS C 198 -25.45 24.53 -4.09
C LYS C 198 -26.26 23.63 -5.01
N ALA C 199 -25.57 22.82 -5.80
CA ALA C 199 -26.24 21.89 -6.71
C ALA C 199 -27.02 20.83 -5.94
N ALA C 200 -26.47 20.39 -4.82
CA ALA C 200 -27.14 19.39 -3.98
C ALA C 200 -28.44 19.93 -3.41
N TYR C 201 -28.39 21.15 -2.88
CA TYR C 201 -29.58 21.81 -2.34
C TYR C 201 -30.68 21.90 -3.39
N GLN C 202 -30.31 22.33 -4.60
CA GLN C 202 -31.27 22.53 -5.67
C GLN C 202 -31.99 21.23 -6.04
N PHE C 203 -31.27 20.13 -6.09
CA PHE C 203 -31.89 18.85 -6.42
C PHE C 203 -32.82 18.38 -5.30
N TRP C 204 -32.34 18.47 -4.07
CA TRP C 204 -33.07 17.95 -2.91
C TRP C 204 -34.40 18.67 -2.69
N LEU C 205 -34.58 19.84 -3.31
CA LEU C 205 -35.86 20.54 -3.23
C LEU C 205 -36.97 19.73 -3.88
N GLY C 206 -36.58 18.78 -4.73
CA GLY C 206 -37.53 17.93 -5.44
C GLY C 206 -37.26 16.44 -5.28
N GLY C 207 -36.00 16.08 -5.07
CA GLY C 207 -35.60 14.68 -5.04
C GLY C 207 -35.17 14.16 -3.67
N ASP C 208 -34.99 12.85 -3.58
CA ASP C 208 -34.68 12.19 -2.31
C ASP C 208 -33.19 11.99 -2.06
N PHE C 209 -32.48 11.53 -3.09
CA PHE C 209 -31.22 10.80 -2.93
C PHE C 209 -30.09 11.40 -3.78
N ILE C 210 -28.99 11.76 -3.14
CA ILE C 210 -27.80 12.22 -3.86
C ILE C 210 -26.60 11.35 -3.48
N KCX C 211 -25.80 11.00 -4.49
CA KCX C 211 -24.59 10.22 -4.26
CB KCX C 211 -24.81 8.78 -4.72
CG KCX C 211 -25.31 8.63 -6.15
CD KCX C 211 -24.18 8.26 -7.10
CE KCX C 211 -24.04 6.77 -7.32
NZ KCX C 211 -22.93 6.48 -8.20
C KCX C 211 -23.42 10.84 -4.96
O KCX C 211 -23.57 11.40 -6.07
CX KCX C 211 -22.99 6.63 -9.52
OQ1 KCX C 211 -24.00 6.41 -10.17
OQ2 KCX C 211 -21.91 7.04 -10.19
HA KCX C 211 -24.37 10.20 -3.18
HB2 KCX C 211 -25.53 8.31 -4.04
HB3 KCX C 211 -23.87 8.22 -4.61
HG2 KCX C 211 -25.76 9.57 -6.47
HG3 KCX C 211 -26.08 7.87 -6.19
HD2 KCX C 211 -23.25 8.65 -6.69
HD3 KCX C 211 -24.35 8.75 -8.06
HE2 KCX C 211 -24.97 6.38 -7.76
HE3 KCX C 211 -23.89 6.26 -6.37
N ASN C 212 -22.25 10.77 -4.33
CA ASN C 212 -20.99 11.13 -4.97
C ASN C 212 -20.79 10.33 -6.24
N ASP C 213 -20.16 10.92 -7.24
CA ASP C 213 -19.68 10.12 -8.35
C ASP C 213 -18.61 9.19 -7.81
N GLU C 214 -18.37 8.08 -8.49
CA GLU C 214 -17.49 7.04 -7.93
C GLU C 214 -16.06 7.52 -7.61
N PRO C 215 -15.52 8.50 -8.36
CA PRO C 215 -14.15 8.90 -8.03
C PRO C 215 -14.08 10.08 -7.07
N GLN C 216 -15.23 10.66 -6.73
CA GLN C 216 -15.28 11.85 -5.90
C GLN C 216 -15.00 11.55 -4.43
N GLY C 217 -13.99 12.22 -3.88
CA GLY C 217 -13.59 11.99 -2.50
C GLY C 217 -12.98 13.23 -1.88
N ASN C 218 -11.65 13.22 -1.76
CA ASN C 218 -10.91 14.29 -1.09
C ASN C 218 -9.86 14.93 -2.02
N GLN C 219 -10.24 15.18 -3.26
CA GLN C 219 -9.36 15.88 -4.19
C GLN C 219 -9.03 17.27 -3.63
N VAL C 220 -7.86 17.79 -3.99
CA VAL C 220 -7.38 19.05 -3.41
C VAL C 220 -8.28 20.23 -3.80
N PHE C 221 -9.03 20.08 -4.89
CA PHE C 221 -9.91 21.16 -5.35
C PHE C 221 -11.30 21.05 -4.72
N CYS C 222 -11.54 20.00 -3.95
CA CYS C 222 -12.82 19.85 -3.25
C CYS C 222 -12.65 18.94 -2.03
N PRO C 223 -11.92 19.42 -1.01
CA PRO C 223 -11.63 18.61 0.19
C PRO C 223 -12.87 18.22 0.99
N ILE C 224 -12.86 17.02 1.56
CA ILE C 224 -14.00 16.53 2.33
C ILE C 224 -14.34 17.43 3.52
N LYS C 225 -13.32 17.95 4.20
CA LYS C 225 -13.55 18.77 5.39
C LYS C 225 -14.27 20.07 5.03
N LYS C 226 -14.14 20.50 3.79
CA LYS C 226 -14.80 21.71 3.30
C LYS C 226 -16.20 21.43 2.75
N VAL C 227 -16.31 20.44 1.86
CA VAL C 227 -17.55 20.25 1.11
C VAL C 227 -18.64 19.59 1.93
N LEU C 228 -18.28 18.64 2.79
CA LEU C 228 -19.29 17.85 3.48
C LEU C 228 -20.15 18.67 4.45
N PRO C 229 -19.52 19.57 5.22
CA PRO C 229 -20.35 20.42 6.08
C PRO C 229 -21.30 21.31 5.28
N LEU C 230 -20.87 21.73 4.09
CA LEU C 230 -21.71 22.54 3.21
C LEU C 230 -22.84 21.70 2.63
N VAL C 231 -22.55 20.43 2.31
CA VAL C 231 -23.56 19.53 1.81
C VAL C 231 -24.63 19.27 2.87
N TYR C 232 -24.21 19.10 4.12
CA TYR C 232 -25.16 18.86 5.19
C TYR C 232 -26.06 20.09 5.39
N ASP C 233 -25.47 21.28 5.28
CA ASP C 233 -26.24 22.52 5.36
C ASP C 233 -27.32 22.53 4.28
N SER C 234 -26.95 22.07 3.09
CA SER C 234 -27.90 22.00 1.99
C SER C 234 -29.01 20.98 2.29
N LEU C 235 -28.63 19.87 2.92
CA LEU C 235 -29.61 18.84 3.28
C LEU C 235 -30.58 19.36 4.33
N LYS C 236 -30.06 20.01 5.37
CA LYS C 236 -30.90 20.59 6.41
C LYS C 236 -31.85 21.62 5.82
N ARG C 237 -31.33 22.49 4.97
CA ARG C 237 -32.13 23.55 4.37
C ARG C 237 -33.24 22.97 3.51
N ALA C 238 -32.92 21.93 2.75
CA ALA C 238 -33.91 21.30 1.89
C ALA C 238 -34.97 20.58 2.73
N GLN C 239 -34.54 19.92 3.79
CA GLN C 239 -35.46 19.24 4.70
C GLN C 239 -36.42 20.24 5.37
N ASP C 240 -35.88 21.35 5.83
CA ASP C 240 -36.67 22.36 6.53
C ASP C 240 -37.70 23.00 5.60
N GLU C 241 -37.31 23.21 4.35
CA GLU C 241 -38.16 23.92 3.40
C GLU C 241 -39.22 23.02 2.75
N THR C 242 -38.89 21.75 2.57
CA THR C 242 -39.82 20.81 1.93
C THR C 242 -40.61 20.02 2.97
N GLY C 243 -40.08 19.92 4.18
CA GLY C 243 -40.69 19.11 5.21
C GLY C 243 -40.54 17.62 4.94
N GLN C 244 -39.61 17.27 4.06
CA GLN C 244 -39.34 15.88 3.69
C GLN C 244 -37.89 15.52 3.99
N ALA C 245 -37.67 14.28 4.41
CA ALA C 245 -36.32 13.81 4.71
C ALA C 245 -35.53 13.63 3.42
N LYS C 246 -34.20 13.81 3.52
CA LYS C 246 -33.32 13.66 2.37
C LYS C 246 -32.18 12.69 2.68
N LEU C 247 -31.57 12.15 1.63
CA LEU C 247 -30.56 11.11 1.76
C LEU C 247 -29.29 11.47 0.99
N PHE C 248 -28.14 11.12 1.57
CA PHE C 248 -26.86 11.37 0.94
C PHE C 248 -25.96 10.13 1.02
N SER C 249 -25.42 9.73 -0.12
CA SER C 249 -24.53 8.57 -0.17
C SER C 249 -23.11 9.03 -0.45
N MET C 250 -22.25 8.92 0.56
CA MET C 250 -20.90 9.45 0.50
C MET C 250 -19.88 8.39 0.17
N ASN C 251 -18.98 8.70 -0.76
CA ASN C 251 -17.87 7.81 -1.09
C ASN C 251 -16.85 7.77 0.03
N ILE C 252 -16.62 6.58 0.59
CA ILE C 252 -15.59 6.40 1.61
C ILE C 252 -14.52 5.43 1.13
N THR C 253 -14.50 5.15 -0.17
CA THR C 253 -13.52 4.23 -0.77
C THR C 253 -12.10 4.73 -0.54
N ALA C 254 -11.23 3.83 -0.06
CA ALA C 254 -9.82 4.14 0.13
C ALA C 254 -8.99 2.88 0.37
N ASP C 255 -7.73 2.91 -0.06
CA ASP C 255 -6.81 1.80 0.17
C ASP C 255 -6.72 1.45 1.65
N ASP C 256 -6.53 2.47 2.48
CA ASP C 256 -6.34 2.28 3.91
C ASP C 256 -7.67 2.14 4.63
N HIS C 257 -7.83 1.00 5.32
CA HIS C 257 -8.99 0.73 6.16
C HIS C 257 -9.28 1.90 7.11
N TYR C 258 -8.24 2.47 7.69
CA TYR C 258 -8.41 3.55 8.66
C TYR C 258 -8.74 4.89 8.00
N GLU C 259 -8.43 5.01 6.70
CA GLU C 259 -8.88 6.18 5.94
C GLU C 259 -10.39 6.08 5.71
N MET C 260 -10.87 4.88 5.37
CA MET C 260 -12.29 4.66 5.21
C MET C 260 -13.03 5.04 6.50
N CYS C 261 -12.49 4.58 7.63
CA CYS C 261 -13.13 4.83 8.91
C CYS C 261 -13.06 6.30 9.29
N ALA C 262 -11.98 6.98 8.89
CA ALA C 262 -11.84 8.41 9.16
C ALA C 262 -12.91 9.21 8.42
N ARG C 263 -13.14 8.84 7.16
CA ARG C 263 -14.16 9.51 6.36
C ARG C 263 -15.54 9.21 6.91
N ALA C 264 -15.78 7.95 7.25
CA ALA C 264 -17.06 7.52 7.79
C ALA C 264 -17.39 8.24 9.10
N ASP C 265 -16.42 8.26 10.02
CA ASP C 265 -16.61 8.91 11.31
C ASP C 265 -16.91 10.41 11.15
N PHE C 266 -16.16 11.06 10.28
CA PHE C 266 -16.34 12.48 10.04
C PHE C 266 -17.72 12.78 9.45
N ALA C 267 -18.17 11.92 8.55
CA ALA C 267 -19.47 12.09 7.90
C ALA C 267 -20.61 12.03 8.92
N LEU C 268 -20.56 11.04 9.81
CA LEU C 268 -21.62 10.83 10.79
C LEU C 268 -21.63 11.95 11.83
N GLU C 269 -20.45 12.38 12.25
CA GLU C 269 -20.34 13.48 13.19
C GLU C 269 -20.89 14.77 12.57
N THR C 270 -20.57 15.00 11.30
CA THR C 270 -21.02 16.19 10.59
C THR C 270 -22.54 16.24 10.45
N PHE C 271 -23.16 15.12 10.10
CA PHE C 271 -24.61 15.08 9.86
C PHE C 271 -25.42 15.03 11.16
N GLY C 272 -24.74 14.76 12.27
CA GLY C 272 -25.34 14.79 13.59
C GLY C 272 -26.69 14.11 13.71
N PRO C 273 -27.76 14.88 14.01
CA PRO C 273 -29.08 14.27 14.22
C PRO C 273 -29.66 13.64 12.96
N ASP C 274 -29.00 13.85 11.82
CA ASP C 274 -29.45 13.29 10.55
C ASP C 274 -28.50 12.20 10.04
N ALA C 275 -27.61 11.73 10.91
CA ALA C 275 -26.54 10.81 10.50
C ALA C 275 -27.05 9.47 9.98
N ASP C 276 -28.26 9.09 10.37
CA ASP C 276 -28.84 7.84 9.88
C ASP C 276 -29.17 7.93 8.39
N LYS C 277 -29.21 9.15 7.88
CA LYS C 277 -29.56 9.40 6.47
C LYS C 277 -28.32 9.41 5.57
N VAL C 278 -27.16 9.13 6.15
CA VAL C 278 -25.92 9.03 5.38
C VAL C 278 -25.66 7.59 4.97
N ALA C 279 -25.64 7.34 3.67
CA ALA C 279 -25.22 6.06 3.13
C ALA C 279 -23.75 6.10 2.78
N PHE C 280 -23.08 4.95 2.85
CA PHE C 280 -21.66 4.88 2.52
C PHE C 280 -21.48 4.18 1.18
N LEU C 281 -20.92 4.91 0.22
CA LEU C 281 -20.67 4.36 -1.10
C LEU C 281 -19.27 3.77 -1.16
N VAL C 282 -19.19 2.53 -1.66
CA VAL C 282 -17.93 1.84 -1.82
C VAL C 282 -17.79 1.34 -3.25
N ASP C 283 -16.67 1.67 -3.88
CA ASP C 283 -16.34 1.13 -5.19
C ASP C 283 -15.87 -0.30 -5.01
N GLY C 284 -16.84 -1.21 -4.90
CA GLY C 284 -16.57 -2.56 -4.45
C GLY C 284 -15.84 -3.46 -5.43
N PHE C 285 -15.96 -3.20 -6.72
CA PHE C 285 -15.32 -4.05 -7.72
C PHE C 285 -13.82 -3.77 -7.78
N VAL C 286 -13.45 -2.51 -7.99
CA VAL C 286 -12.04 -2.14 -8.03
C VAL C 286 -11.43 -2.10 -6.63
N GLY C 287 -12.27 -1.85 -5.63
CA GLY C 287 -11.80 -1.74 -4.26
C GLY C 287 -11.61 -3.08 -3.58
N GLY C 288 -12.47 -4.04 -3.94
CA GLY C 288 -12.36 -5.39 -3.44
C GLY C 288 -13.18 -5.67 -2.18
N PRO C 289 -13.33 -6.96 -1.82
CA PRO C 289 -14.11 -7.38 -0.65
C PRO C 289 -13.65 -6.75 0.66
N GLY C 290 -12.37 -6.43 0.77
CA GLY C 290 -11.84 -5.82 1.97
C GLY C 290 -12.54 -4.52 2.31
N MET C 291 -12.75 -3.69 1.30
CA MET C 291 -13.38 -2.39 1.49
C MET C 291 -14.87 -2.52 1.78
N VAL C 292 -15.52 -3.45 1.10
CA VAL C 292 -16.95 -3.67 1.31
C VAL C 292 -17.19 -4.12 2.74
N THR C 293 -16.37 -5.05 3.21
CA THR C 293 -16.55 -5.60 4.56
C THR C 293 -16.19 -4.58 5.63
N THR C 294 -15.25 -3.67 5.34
CA THR C 294 -14.91 -2.61 6.29
C THR C 294 -16.15 -1.77 6.58
N ALA C 295 -16.84 -1.35 5.52
CA ALA C 295 -18.07 -0.57 5.67
C ALA C 295 -19.15 -1.41 6.34
N ARG C 296 -19.32 -2.65 5.87
CA ARG C 296 -20.39 -3.52 6.35
C ARG C 296 -20.24 -3.87 7.84
N ARG C 297 -19.03 -4.18 8.27
CA ARG C 297 -18.80 -4.65 9.63
C ARG C 297 -18.54 -3.52 10.62
N GLN C 298 -17.92 -2.44 10.18
CA GLN C 298 -17.62 -1.33 11.10
C GLN C 298 -18.76 -0.30 11.15
N TYR C 299 -19.60 -0.28 10.13
CA TYR C 299 -20.74 0.64 10.09
C TYR C 299 -22.00 -0.03 9.57
N PRO C 300 -22.43 -1.11 10.25
CA PRO C 300 -23.59 -1.90 9.82
C PRO C 300 -24.90 -1.11 9.84
N SER C 301 -24.98 -0.07 10.66
CA SER C 301 -26.19 0.72 10.81
C SER C 301 -26.32 1.81 9.74
N GLN C 302 -25.33 1.87 8.84
CA GLN C 302 -25.38 2.79 7.71
C GLN C 302 -25.61 2.02 6.43
N TYR C 303 -26.56 2.48 5.61
CA TYR C 303 -26.87 1.87 4.32
C TYR C 303 -25.60 1.75 3.48
N LEU C 304 -25.31 0.54 3.01
CA LEU C 304 -24.09 0.28 2.25
C LEU C 304 -24.37 0.25 0.75
N HIS C 305 -23.79 1.22 0.06
CA HIS C 305 -24.04 1.44 -1.37
C HIS C 305 -22.87 0.92 -2.20
N TYR C 306 -23.09 -0.19 -2.89
CA TYR C 306 -22.07 -0.83 -3.70
C TYR C 306 -22.04 -0.23 -5.11
N HIS C 307 -20.95 0.43 -5.45
CA HIS C 307 -20.74 0.94 -6.80
C HIS C 307 -19.79 0.00 -7.54
N ARG C 308 -20.22 -0.47 -8.71
CA ARG C 308 -19.51 -1.54 -9.42
C ARG C 308 -18.60 -1.04 -10.54
N ALA C 309 -18.14 0.21 -10.45
CA ALA C 309 -17.25 0.78 -11.46
C ALA C 309 -16.09 -0.15 -11.79
N GLY C 310 -15.87 -0.40 -13.08
CA GLY C 310 -14.81 -1.28 -13.54
C GLY C 310 -15.29 -2.67 -13.91
N HIS C 311 -16.46 -3.05 -13.41
CA HIS C 311 -16.98 -4.42 -13.58
C HIS C 311 -17.00 -4.89 -15.03
N GLY C 312 -17.18 -3.96 -15.95
CA GLY C 312 -17.30 -4.27 -17.36
C GLY C 312 -16.12 -5.02 -17.94
N MET C 313 -14.97 -4.97 -17.25
CA MET C 313 -13.77 -5.62 -17.77
C MET C 313 -13.91 -7.15 -17.79
N VAL C 314 -14.88 -7.68 -17.04
CA VAL C 314 -15.17 -9.12 -17.07
C VAL C 314 -16.65 -9.44 -17.31
N THR C 315 -17.54 -8.52 -16.95
CA THR C 315 -18.98 -8.79 -17.03
C THR C 315 -19.57 -8.48 -18.40
N SER C 316 -18.79 -7.84 -19.26
CA SER C 316 -19.26 -7.46 -20.59
C SER C 316 -19.81 -8.67 -21.35
N PRO C 317 -20.85 -8.46 -22.17
CA PRO C 317 -21.37 -9.56 -22.99
C PRO C 317 -20.30 -10.17 -23.89
N SER C 318 -19.30 -9.37 -24.24
CA SER C 318 -18.21 -9.85 -25.10
C SER C 318 -17.17 -10.65 -24.33
N SER C 319 -17.22 -10.57 -23.00
CA SER C 319 -16.24 -11.27 -22.16
C SER C 319 -16.57 -12.74 -21.97
N LYS C 320 -15.54 -13.58 -22.02
CA LYS C 320 -15.67 -15.00 -21.74
C LYS C 320 -14.87 -15.37 -20.49
N ARG C 321 -14.55 -14.37 -19.68
CA ARG C 321 -13.68 -14.57 -18.52
C ARG C 321 -14.27 -13.98 -17.24
N GLY C 322 -13.77 -14.45 -16.10
CA GLY C 322 -14.18 -13.93 -14.81
C GLY C 322 -15.57 -14.39 -14.41
N TYR C 323 -16.49 -13.43 -14.35
CA TYR C 323 -17.87 -13.73 -13.97
C TYR C 323 -18.81 -12.65 -14.50
N THR C 324 -20.10 -12.95 -14.50
CA THR C 324 -21.10 -12.07 -15.10
C THR C 324 -21.62 -11.04 -14.10
N ALA C 325 -22.40 -10.09 -14.60
CA ALA C 325 -23.00 -9.06 -13.75
C ALA C 325 -23.93 -9.71 -12.73
N PHE C 326 -24.62 -10.77 -13.16
CA PHE C 326 -25.52 -11.51 -12.28
C PHE C 326 -24.76 -12.09 -11.09
N VAL C 327 -23.65 -12.77 -11.37
CA VAL C 327 -22.82 -13.36 -10.34
C VAL C 327 -22.32 -12.28 -9.38
N LEU C 328 -21.90 -11.15 -9.94
CA LEU C 328 -21.39 -10.05 -9.14
C LEU C 328 -22.45 -9.56 -8.15
N ALA C 329 -23.66 -9.37 -8.64
CA ALA C 329 -24.76 -8.87 -7.82
C ALA C 329 -25.11 -9.86 -6.71
N LYS C 330 -25.12 -11.15 -7.03
CA LYS C 330 -25.48 -12.16 -6.05
C LYS C 330 -24.45 -12.22 -4.94
N MET C 331 -23.18 -12.10 -5.30
CA MET C 331 -22.11 -12.07 -4.32
C MET C 331 -22.27 -10.87 -3.39
N SER C 332 -22.62 -9.72 -3.95
CA SER C 332 -22.69 -8.48 -3.18
C SER C 332 -23.71 -8.59 -2.05
N ARG C 333 -24.79 -9.34 -2.29
CA ARG C 333 -25.81 -9.55 -1.27
C ARG C 333 -25.22 -10.35 -0.11
N LEU C 334 -24.43 -11.37 -0.44
CA LEU C 334 -23.75 -12.16 0.58
C LEU C 334 -22.74 -11.30 1.36
N GLN C 335 -22.03 -10.43 0.65
CA GLN C 335 -21.05 -9.53 1.27
C GLN C 335 -21.71 -8.56 2.25
N GLY C 336 -22.97 -8.22 1.99
CA GLY C 336 -23.76 -7.39 2.86
C GLY C 336 -24.05 -6.00 2.32
N ALA C 337 -23.96 -5.84 1.01
CA ALA C 337 -24.33 -4.59 0.37
C ALA C 337 -25.83 -4.34 0.56
N SER C 338 -26.19 -3.13 0.94
CA SER C 338 -27.60 -2.76 1.11
C SER C 338 -28.22 -2.54 -0.27
N GLY C 339 -27.40 -2.10 -1.21
CA GLY C 339 -27.82 -1.91 -2.58
C GLY C 339 -26.64 -1.96 -3.51
N ILE C 340 -26.88 -2.28 -4.78
CA ILE C 340 -25.82 -2.34 -5.78
C ILE C 340 -26.36 -1.90 -7.13
N HIS C 341 -25.51 -1.24 -7.92
CA HIS C 341 -25.87 -0.84 -9.27
C HIS C 341 -26.09 -2.04 -10.17
N VAL C 342 -27.16 -2.01 -10.97
CA VAL C 342 -27.48 -3.10 -11.88
C VAL C 342 -27.73 -2.64 -13.32
N GLY C 343 -27.62 -1.34 -13.56
CA GLY C 343 -27.82 -0.78 -14.89
C GLY C 343 -29.27 -0.44 -15.18
N THR C 344 -29.58 -0.12 -16.44
CA THR C 344 -30.91 0.34 -16.82
C THR C 344 -31.70 -0.71 -17.60
N MET C 345 -31.13 -1.91 -17.72
CA MET C 345 -31.83 -3.04 -18.30
C MET C 345 -32.36 -2.76 -19.71
N GLY C 346 -31.54 -2.10 -20.53
CA GLY C 346 -31.87 -1.86 -21.91
C GLY C 346 -32.73 -0.64 -22.17
N TYR C 347 -33.11 0.06 -21.11
CA TYR C 347 -33.95 1.26 -21.23
C TYR C 347 -33.13 2.55 -21.16
N GLY C 348 -31.82 2.43 -21.29
CA GLY C 348 -30.94 3.59 -21.27
C GLY C 348 -29.71 3.40 -22.14
N LYS C 349 -28.54 3.63 -21.56
CA LYS C 349 -27.27 3.48 -22.26
C LYS C 349 -26.47 2.31 -21.69
N MET C 350 -25.17 2.31 -21.95
CA MET C 350 -24.27 1.27 -21.45
C MET C 350 -24.64 -0.11 -21.98
N GLU C 351 -24.01 -1.14 -21.42
CA GLU C 351 -24.26 -2.52 -21.82
C GLU C 351 -25.24 -3.19 -20.87
N GLY C 352 -26.47 -3.40 -21.34
CA GLY C 352 -27.51 -4.01 -20.53
C GLY C 352 -28.73 -4.34 -21.37
N GLY C 353 -29.56 -5.25 -20.88
CA GLY C 353 -30.74 -5.69 -21.61
C GLY C 353 -31.93 -5.90 -20.70
N LYS C 354 -33.10 -6.06 -21.29
CA LYS C 354 -34.35 -6.20 -20.55
C LYS C 354 -34.35 -7.45 -19.65
N ASP C 355 -33.57 -8.44 -20.04
CA ASP C 355 -33.49 -9.69 -19.29
C ASP C 355 -32.70 -9.52 -17.99
N ASP C 356 -32.03 -8.38 -17.84
CA ASP C 356 -31.24 -8.11 -16.63
C ASP C 356 -32.10 -7.98 -15.39
N ARG C 357 -33.43 -7.97 -15.57
CA ARG C 357 -34.32 -7.87 -14.42
C ARG C 357 -34.18 -9.08 -13.50
N ILE C 358 -33.67 -10.19 -14.03
CA ILE C 358 -33.45 -11.37 -13.21
C ILE C 358 -32.38 -11.09 -12.15
N ILE C 359 -31.45 -10.20 -12.47
CA ILE C 359 -30.44 -9.78 -11.52
C ILE C 359 -31.12 -9.12 -10.32
N ALA C 360 -32.09 -8.25 -10.60
CA ALA C 360 -32.82 -7.56 -9.55
C ALA C 360 -33.60 -8.57 -8.71
N TYR C 361 -34.25 -9.53 -9.39
CA TYR C 361 -35.06 -10.53 -8.70
C TYR C 361 -34.21 -11.34 -7.72
N MET C 362 -33.00 -11.71 -8.13
CA MET C 362 -32.15 -12.57 -7.31
C MET C 362 -31.70 -11.88 -6.02
N ILE C 363 -31.48 -10.57 -6.08
CA ILE C 363 -30.95 -9.84 -4.94
C ILE C 363 -32.04 -9.28 -4.02
N GLU C 364 -33.27 -9.21 -4.50
CA GLU C 364 -34.36 -8.58 -3.74
C GLU C 364 -35.39 -9.58 -3.23
N ARG C 365 -35.49 -10.74 -3.86
CA ARG C 365 -36.48 -11.75 -3.46
C ARG C 365 -35.90 -12.72 -2.43
N ASP C 366 -36.78 -13.42 -1.72
CA ASP C 366 -36.35 -14.44 -0.76
C ASP C 366 -36.18 -15.79 -1.45
N SER C 367 -36.81 -15.92 -2.62
CA SER C 367 -36.76 -17.15 -3.40
C SER C 367 -36.74 -16.79 -4.87
N CYS C 368 -35.69 -17.22 -5.57
CA CYS C 368 -35.52 -16.87 -6.98
C CYS C 368 -34.68 -17.91 -7.72
N THR C 369 -34.92 -18.03 -9.02
CA THR C 369 -34.19 -18.97 -9.85
C THR C 369 -33.25 -18.23 -10.80
N GLY C 370 -31.96 -18.50 -10.66
CA GLY C 370 -30.96 -17.94 -11.54
C GLY C 370 -30.84 -18.71 -12.84
N PRO C 371 -29.83 -18.39 -13.66
CA PRO C 371 -29.61 -19.06 -14.94
C PRO C 371 -29.42 -20.57 -14.84
N PHE C 372 -28.91 -21.04 -13.70
CA PHE C 372 -28.63 -22.47 -13.52
C PHE C 372 -29.11 -23.01 -12.18
N TYR C 373 -29.20 -22.16 -11.17
CA TYR C 373 -29.56 -22.61 -9.82
C TYR C 373 -30.71 -21.82 -9.21
N HIS C 374 -31.62 -22.55 -8.58
CA HIS C 374 -32.62 -21.95 -7.72
C HIS C 374 -31.99 -21.64 -6.37
N GLN C 375 -32.33 -20.48 -5.80
CA GLN C 375 -31.77 -20.06 -4.53
C GLN C 375 -32.85 -19.67 -3.53
N GLU C 376 -32.82 -20.30 -2.35
CA GLU C 376 -33.57 -19.84 -1.20
C GLU C 376 -32.63 -19.00 -0.34
N TRP C 377 -33.13 -17.88 0.19
CA TRP C 377 -32.32 -16.95 0.96
C TRP C 377 -32.61 -17.01 2.46
N TYR C 378 -33.66 -17.73 2.83
CA TYR C 378 -33.98 -17.98 4.24
C TYR C 378 -34.02 -16.70 5.08
N GLY C 379 -34.59 -15.63 4.51
CA GLY C 379 -34.84 -14.41 5.25
C GLY C 379 -33.70 -13.40 5.24
N MET C 380 -32.61 -13.70 4.55
CA MET C 380 -31.53 -12.74 4.42
C MET C 380 -32.06 -11.47 3.77
N LYS C 381 -31.65 -10.33 4.29
CA LYS C 381 -32.17 -9.04 3.81
C LYS C 381 -31.88 -8.85 2.34
N PRO C 382 -32.77 -8.14 1.63
CA PRO C 382 -32.62 -7.89 0.19
C PRO C 382 -31.64 -6.77 -0.12
N THR C 383 -30.89 -6.92 -1.20
CA THR C 383 -30.04 -5.85 -1.71
C THR C 383 -30.81 -5.05 -2.75
N THR C 384 -30.77 -3.73 -2.64
CA THR C 384 -31.52 -2.86 -3.54
C THR C 384 -30.93 -2.83 -4.94
N PRO C 385 -31.76 -3.04 -5.96
CA PRO C 385 -31.26 -2.74 -7.31
C PRO C 385 -31.18 -1.23 -7.53
N ILE C 386 -29.99 -0.71 -7.78
CA ILE C 386 -29.80 0.71 -8.00
C ILE C 386 -29.66 0.99 -9.50
N ILE C 387 -30.52 1.85 -10.01
CA ILE C 387 -30.59 2.12 -11.44
C ILE C 387 -29.87 3.41 -11.80
N SER C 388 -28.96 3.33 -12.77
CA SER C 388 -28.27 4.51 -13.26
C SER C 388 -27.85 4.31 -14.72
N GLY C 389 -27.72 5.41 -15.45
CA GLY C 389 -27.33 5.35 -16.85
C GLY C 389 -27.89 6.43 -17.76
N GLY C 390 -29.10 6.25 -18.26
CA GLY C 390 -29.69 7.21 -19.20
C GLY C 390 -31.17 7.41 -19.05
N MET C 391 -31.70 7.20 -17.86
CA MET C 391 -33.14 7.27 -17.64
C MET C 391 -33.66 8.70 -17.49
N ASN C 392 -34.94 8.86 -17.83
CA ASN C 392 -35.66 10.10 -17.57
C ASN C 392 -37.14 9.75 -17.36
N ALA C 393 -37.96 10.77 -17.09
CA ALA C 393 -39.36 10.54 -16.75
C ALA C 393 -40.13 9.81 -17.85
N LEU C 394 -39.71 10.00 -19.10
CA LEU C 394 -40.41 9.42 -20.23
C LEU C 394 -40.10 7.94 -20.40
N ARG C 395 -38.89 7.54 -20.02
CA ARG C 395 -38.44 6.15 -20.16
C ARG C 395 -38.85 5.26 -18.99
N LEU C 396 -39.16 5.88 -17.86
CA LEU C 396 -39.41 5.13 -16.62
C LEU C 396 -40.62 4.19 -16.68
N PRO C 397 -41.74 4.64 -17.27
CA PRO C 397 -42.92 3.75 -17.37
C PRO C 397 -42.61 2.41 -18.04
N GLY C 398 -41.82 2.43 -19.11
CA GLY C 398 -41.41 1.21 -19.78
C GLY C 398 -40.52 0.36 -18.91
N PHE C 399 -39.65 1.01 -18.16
CA PHE C 399 -38.72 0.31 -17.27
C PHE C 399 -39.47 -0.42 -16.16
N PHE C 400 -40.46 0.24 -15.57
CA PHE C 400 -41.23 -0.34 -14.47
C PHE C 400 -42.05 -1.54 -14.93
N GLU C 401 -42.61 -1.45 -16.14
CA GLU C 401 -43.44 -2.52 -16.66
C GLU C 401 -42.61 -3.79 -16.86
N ASN C 402 -41.40 -3.62 -17.37
CA ASN C 402 -40.48 -4.74 -17.56
C ASN C 402 -40.06 -5.37 -16.24
N LEU C 403 -39.80 -4.52 -15.23
CA LEU C 403 -39.32 -4.99 -13.94
C LEU C 403 -40.46 -5.59 -13.13
N GLY C 404 -41.64 -4.97 -13.20
CA GLY C 404 -42.80 -5.43 -12.46
C GLY C 404 -43.03 -4.61 -11.20
N HIS C 405 -42.11 -3.70 -10.91
CA HIS C 405 -42.22 -2.83 -9.74
C HIS C 405 -41.28 -1.64 -9.87
N GLY C 406 -41.34 -0.75 -8.89
CA GLY C 406 -40.47 0.42 -8.86
C GLY C 406 -39.75 0.57 -7.53
N ASN C 407 -39.62 -0.54 -6.80
CA ASN C 407 -38.89 -0.53 -5.54
C ASN C 407 -37.39 -0.45 -5.80
N VAL C 408 -36.95 0.71 -6.29
CA VAL C 408 -35.55 0.90 -6.69
C VAL C 408 -35.06 2.29 -6.32
N ILE C 409 -33.74 2.44 -6.26
CA ILE C 409 -33.11 3.75 -6.22
C ILE C 409 -32.62 4.07 -7.64
N ASN C 410 -33.02 5.22 -8.16
CA ASN C 410 -32.63 5.65 -9.49
C ASN C 410 -31.83 6.95 -9.45
N THR C 411 -30.51 6.83 -9.60
CA THR C 411 -29.65 8.01 -9.61
C THR C 411 -29.53 8.53 -11.04
N ALA C 412 -30.56 9.26 -11.48
CA ALA C 412 -30.63 9.77 -12.84
C ALA C 412 -29.98 11.14 -12.95
N GLY C 413 -28.80 11.18 -13.55
CA GLY C 413 -28.10 12.43 -13.77
C GLY C 413 -28.77 13.26 -14.85
N GLY C 414 -28.92 12.68 -16.04
CA GLY C 414 -29.52 13.36 -17.15
C GLY C 414 -31.00 13.67 -16.94
N GLY C 415 -31.72 12.72 -16.36
CA GLY C 415 -33.14 12.86 -16.14
C GLY C 415 -33.50 14.02 -15.24
N SER C 416 -32.55 14.42 -14.39
CA SER C 416 -32.77 15.52 -13.46
C SER C 416 -32.36 16.87 -14.06
N TYR C 417 -31.06 17.01 -14.32
CA TYR C 417 -30.51 18.26 -14.82
C TYR C 417 -30.93 18.55 -16.27
N GLY C 418 -31.45 17.52 -16.94
CA GLY C 418 -31.89 17.67 -18.32
C GLY C 418 -33.26 18.32 -18.43
N HIS C 419 -33.95 18.45 -17.31
CA HIS C 419 -35.30 19.02 -17.31
C HIS C 419 -35.25 20.52 -17.63
N ILE C 420 -36.17 20.96 -18.48
CA ILE C 420 -36.17 22.32 -18.99
C ILE C 420 -36.33 23.40 -17.92
N ASP C 421 -37.04 23.06 -16.84
CA ASP C 421 -37.32 24.02 -15.77
C ASP C 421 -36.21 24.04 -14.72
N SER C 422 -36.00 22.92 -14.04
CA SER C 422 -34.99 22.84 -12.99
C SER C 422 -34.70 21.39 -12.60
N PRO C 423 -33.56 21.16 -11.93
CA PRO C 423 -33.22 19.82 -11.43
C PRO C 423 -34.27 19.27 -10.46
N ALA C 424 -34.84 20.16 -9.65
CA ALA C 424 -35.89 19.78 -8.72
C ALA C 424 -37.13 19.31 -9.46
N ALA C 425 -37.53 20.07 -10.48
CA ALA C 425 -38.67 19.72 -11.30
C ALA C 425 -38.44 18.38 -11.97
N GLY C 426 -37.20 18.15 -12.39
CA GLY C 426 -36.83 16.88 -13.01
C GLY C 426 -37.02 15.72 -12.05
N ALA C 427 -36.62 15.93 -10.80
CA ALA C 427 -36.76 14.91 -9.77
C ALA C 427 -38.23 14.57 -9.54
N VAL C 428 -39.06 15.60 -9.49
CA VAL C 428 -40.49 15.42 -9.30
C VAL C 428 -41.11 14.66 -10.46
N SER C 429 -40.68 14.98 -11.68
CA SER C 429 -41.21 14.34 -12.87
C SER C 429 -40.89 12.84 -12.86
N LEU C 430 -39.72 12.50 -12.35
CA LEU C 430 -39.32 11.10 -12.25
C LEU C 430 -40.25 10.34 -11.32
N ARG C 431 -40.57 10.93 -10.18
CA ARG C 431 -41.47 10.30 -9.22
C ARG C 431 -42.89 10.24 -9.76
N GLN C 432 -43.30 11.29 -10.48
CA GLN C 432 -44.64 11.32 -11.07
C GLN C 432 -44.77 10.23 -12.13
N ALA C 433 -43.66 9.89 -12.78
CA ALA C 433 -43.64 8.82 -13.76
C ALA C 433 -43.92 7.48 -13.08
N TYR C 434 -43.40 7.31 -11.87
CA TYR C 434 -43.64 6.09 -11.10
C TYR C 434 -45.10 6.02 -10.64
N GLU C 435 -45.62 7.13 -10.14
CA GLU C 435 -47.00 7.18 -9.69
C GLU C 435 -47.94 6.94 -10.86
N CYS C 436 -47.52 7.38 -12.04
CA CYS C 436 -48.29 7.16 -13.26
C CYS C 436 -48.39 5.67 -13.57
N TRP C 437 -47.23 5.01 -13.63
CA TRP C 437 -47.19 3.58 -13.92
C TRP C 437 -47.92 2.79 -12.85
N LYS C 438 -47.72 3.19 -11.60
CA LYS C 438 -48.36 2.52 -10.47
C LYS C 438 -49.87 2.61 -10.56
N ALA C 439 -50.36 3.75 -11.07
CA ALA C 439 -51.79 3.98 -11.20
C ALA C 439 -52.33 3.39 -12.51
N GLY C 440 -51.43 2.88 -13.35
CA GLY C 440 -51.81 2.30 -14.62
C GLY C 440 -52.43 3.30 -15.57
N ALA C 441 -52.03 4.57 -15.43
CA ALA C 441 -52.60 5.65 -16.22
C ALA C 441 -51.85 5.83 -17.55
N ASP C 442 -52.50 6.51 -18.48
CA ASP C 442 -51.88 6.88 -19.75
C ASP C 442 -50.96 8.10 -19.53
N PRO C 443 -49.67 7.99 -19.88
CA PRO C 443 -48.75 9.10 -19.64
C PRO C 443 -49.18 10.42 -20.27
N ILE C 444 -49.74 10.37 -21.47
CA ILE C 444 -50.20 11.58 -22.15
C ILE C 444 -51.30 12.26 -21.34
N GLU C 445 -52.23 11.46 -20.84
CA GLU C 445 -53.33 11.99 -20.03
C GLU C 445 -52.82 12.37 -18.63
N TRP C 446 -51.86 11.60 -18.13
CA TRP C 446 -51.25 11.88 -16.83
C TRP C 446 -50.51 13.22 -16.86
N ALA C 447 -49.90 13.51 -18.00
CA ALA C 447 -49.15 14.75 -18.16
C ALA C 447 -50.06 15.98 -18.08
N LYS C 448 -51.31 15.81 -18.51
CA LYS C 448 -52.25 16.93 -18.53
C LYS C 448 -52.58 17.44 -17.13
N GLU C 449 -52.27 16.65 -16.12
CA GLU C 449 -52.56 17.02 -14.72
C GLU C 449 -51.30 17.00 -13.86
N HIS C 450 -50.14 16.89 -14.51
CA HIS C 450 -48.86 16.89 -13.80
C HIS C 450 -47.84 17.69 -14.61
N LYS C 451 -47.62 18.94 -14.21
CA LYS C 451 -46.83 19.89 -14.99
C LYS C 451 -45.39 19.44 -15.18
N GLU C 452 -44.74 19.00 -14.10
CA GLU C 452 -43.35 18.57 -14.17
C GLU C 452 -43.18 17.41 -15.15
N PHE C 453 -44.07 16.43 -15.06
CA PHE C 453 -44.06 15.30 -15.98
C PHE C 453 -44.28 15.77 -17.42
N ALA C 454 -45.23 16.68 -17.59
CA ALA C 454 -45.54 17.22 -18.91
C ALA C 454 -44.35 17.94 -19.52
N ARG C 455 -43.66 18.73 -18.69
CA ARG C 455 -42.53 19.51 -19.16
C ARG C 455 -41.33 18.64 -19.51
N ALA C 456 -41.35 17.39 -19.07
CA ALA C 456 -40.29 16.45 -19.40
C ALA C 456 -40.38 16.08 -20.88
N PHE C 457 -41.58 16.14 -21.44
CA PHE C 457 -41.77 15.87 -22.87
C PHE C 457 -41.00 16.91 -23.68
N GLU C 458 -41.08 18.16 -23.24
CA GLU C 458 -40.40 19.26 -23.91
C GLU C 458 -38.91 19.29 -23.55
N SER C 459 -38.56 18.64 -22.45
CA SER C 459 -37.16 18.56 -22.03
C SER C 459 -36.40 17.53 -22.85
N PHE C 460 -37.11 16.50 -23.28
CA PHE C 460 -36.53 15.41 -24.05
C PHE C 460 -37.41 15.08 -25.26
N PRO C 461 -37.53 16.04 -26.19
CA PRO C 461 -38.44 15.92 -27.33
C PRO C 461 -38.18 14.69 -28.19
N LYS C 462 -36.92 14.30 -28.33
CA LYS C 462 -36.57 13.13 -29.14
C LYS C 462 -37.14 11.86 -28.53
N ASP C 463 -37.06 11.74 -27.21
CA ASP C 463 -37.65 10.60 -26.52
C ASP C 463 -39.17 10.68 -26.54
N ALA C 464 -39.70 11.90 -26.42
CA ALA C 464 -41.14 12.10 -26.39
C ALA C 464 -41.79 11.73 -27.71
N ASP C 465 -41.17 12.11 -28.82
CA ASP C 465 -41.70 11.81 -30.14
C ASP C 465 -41.74 10.31 -30.42
N LYS C 466 -40.68 9.62 -30.01
CA LYS C 466 -40.57 8.18 -30.24
C LYS C 466 -41.56 7.40 -29.39
N LEU C 467 -41.55 7.67 -28.08
CA LEU C 467 -42.35 6.90 -27.14
C LEU C 467 -43.82 7.32 -27.15
N PHE C 468 -44.07 8.62 -27.30
CA PHE C 468 -45.42 9.16 -27.27
C PHE C 468 -45.69 10.11 -28.44
N PRO C 469 -45.75 9.56 -29.66
CA PRO C 469 -45.98 10.38 -30.86
C PRO C 469 -47.32 11.12 -30.82
N GLY C 470 -47.31 12.39 -31.21
CA GLY C 470 -48.50 13.22 -31.22
C GLY C 470 -48.72 13.97 -29.91
N TRP C 471 -47.72 13.91 -29.03
CA TRP C 471 -47.83 14.53 -27.71
C TRP C 471 -47.96 16.04 -27.79
N ARG C 472 -47.32 16.66 -28.77
CA ARG C 472 -47.33 18.10 -28.92
C ARG C 472 -48.76 18.63 -29.10
N GLU C 473 -49.52 17.96 -29.96
CA GLU C 473 -50.90 18.35 -30.23
C GLU C 473 -51.80 18.13 -29.01
N LYS C 474 -51.69 16.95 -28.40
CA LYS C 474 -52.53 16.58 -27.28
C LYS C 474 -52.24 17.44 -26.05
N LEU C 475 -50.98 17.79 -25.87
CA LEU C 475 -50.57 18.56 -24.70
C LEU C 475 -50.60 20.05 -24.96
N GLY C 476 -50.94 20.43 -26.19
CA GLY C 476 -51.04 21.83 -26.57
C GLY C 476 -49.72 22.58 -26.50
N VAL C 477 -48.69 22.00 -27.11
CA VAL C 477 -47.36 22.61 -27.09
C VAL C 477 -46.98 23.14 -28.47
MG MG D . 17.18 24.35 20.26
MG MG E . 34.80 10.14 28.25
CL CL F . 0.89 -16.75 -11.10
MG MG G . -1.01 -22.16 -6.06
MG MG H . -4.64 -7.46 -24.53
MG MG I . -20.39 8.11 -12.63
MG MG J . -19.94 -14.41 -21.13
#